data_1Z91
# 
_entry.id   1Z91 
# 
_audit.revision_id       1 
_audit.creation_date     2005-03-31 
_audit.creation_method   
;Created by mtz2various (CCP4) from
/Users/minsun/Desktop/apo_ohrr_c15s/apo_ohrr_nat_hh_p41212_scala.mtz
;
_audit.update_record     ? 
# 
_audit_conform.dict_name       mmcif_pdbx.dic 
_audit_conform.dict_version    5.387 
_audit_conform.dict_location   http://mmcif.pdb.org/dictionaries/ascii/mmcif_pdbx.dic 
# 
loop_
_database_2.database_id 
_database_2.database_code 
_database_2.pdbx_database_accession 
_database_2.pdbx_DOI 
PDB   1Z91         pdb_00001z91 10.2210/pdb1z91/pdb 
RCSB  RCSB032450   ?            ?                   
WWPDB D_1000032450 ?            ?                   
# 
loop_
_pdbx_audit_revision_history.ordinal 
_pdbx_audit_revision_history.data_content_type 
_pdbx_audit_revision_history.major_revision 
_pdbx_audit_revision_history.minor_revision 
_pdbx_audit_revision_history.revision_date 
1 'Structure model' 1 0 2005-10-25 
2 'Structure model' 1 1 2008-04-30 
3 'Structure model' 1 2 2011-07-13 
4 'Structure model' 1 3 2011-11-16 
5 'Structure model' 1 4 2021-10-20 
6 'Structure model' 1 5 2024-02-14 
# 
_pdbx_audit_revision_details.ordinal             1 
_pdbx_audit_revision_details.revision_ordinal    1 
_pdbx_audit_revision_details.data_content_type   'Structure model' 
_pdbx_audit_revision_details.provider            repository 
_pdbx_audit_revision_details.type                'Initial release' 
_pdbx_audit_revision_details.description         ? 
_pdbx_audit_revision_details.details             ? 
# 
loop_
_pdbx_audit_revision_group.ordinal 
_pdbx_audit_revision_group.revision_ordinal 
_pdbx_audit_revision_group.data_content_type 
_pdbx_audit_revision_group.group 
1 2 'Structure model' 'Version format compliance' 
2 3 'Structure model' 'Derived calculations'      
3 3 'Structure model' 'Version format compliance' 
4 4 'Structure model' 'Atomic model'              
5 5 'Structure model' 'Database references'       
6 6 'Structure model' 'Data collection'           
# 
loop_
_pdbx_audit_revision_category.ordinal 
_pdbx_audit_revision_category.revision_ordinal 
_pdbx_audit_revision_category.data_content_type 
_pdbx_audit_revision_category.category 
1 5 'Structure model' database_2         
2 5 'Structure model' struct_ref_seq_dif 
3 6 'Structure model' chem_comp_atom     
4 6 'Structure model' chem_comp_bond     
# 
loop_
_pdbx_audit_revision_item.ordinal 
_pdbx_audit_revision_item.revision_ordinal 
_pdbx_audit_revision_item.data_content_type 
_pdbx_audit_revision_item.item 
1 5 'Structure model' '_database_2.pdbx_DOI'                
2 5 'Structure model' '_database_2.pdbx_database_accession' 
3 5 'Structure model' '_struct_ref_seq_dif.details'         
# 
_pdbx_database_status.entry_id                        1Z91 
_pdbx_database_status.deposit_site                    RCSB 
_pdbx_database_status.process_site                    RCSB 
_pdbx_database_status.recvd_initial_deposition_date   2005-03-31 
_pdbx_database_status.status_code                     REL 
_pdbx_database_status.status_code_sf                  REL 
_pdbx_database_status.status_code_mr                  ? 
_pdbx_database_status.SG_entry                        ? 
_pdbx_database_status.pdb_format_compatible           Y 
_pdbx_database_status.status_code_cs                  ? 
_pdbx_database_status.status_code_nmr_data            ? 
_pdbx_database_status.methods_development_category    ? 
# 
loop_
_audit_author.name 
_audit_author.pdbx_ordinal 
'Hong, M.'       1 
'Fuangthong, M.' 2 
'Helmann, J.D.'  3 
'Brennan, R.G.'  4 
# 
_citation.id                        primary 
_citation.title                     
'Structure of an OhrR-ohrA Operator Complex Reveals the DNA Binding Mechanism of the MarR Family.' 
_citation.journal_abbrev            Mol.Cell 
_citation.journal_volume            20 
_citation.page_first                131 
_citation.page_last                 141 
_citation.year                      2005 
_citation.journal_id_ASTM           MOCEFL 
_citation.country                   US 
_citation.journal_id_ISSN           1097-2765 
_citation.journal_id_CSD            2168 
_citation.book_publisher            ? 
_citation.pdbx_database_id_PubMed   16209951 
_citation.pdbx_database_id_DOI      10.1016/j.molcel.2005.09.013 
# 
loop_
_citation_author.citation_id 
_citation_author.name 
_citation_author.ordinal 
_citation_author.identifier_ORCID 
primary 'Hong, M.'       1 ? 
primary 'Fuangthong, M.' 2 ? 
primary 'Helmann, J.D.'  3 ? 
primary 'Brennan, R.G.'  4 ? 
# 
loop_
_entity.id 
_entity.type 
_entity.src_method 
_entity.pdbx_description 
_entity.formula_weight 
_entity.pdbx_number_of_molecules 
_entity.pdbx_ec 
_entity.pdbx_mutation 
_entity.pdbx_fragment 
_entity.details 
1 polymer man 'Organic hydroperoxide resistance transcriptional regulator' 17009.727 1  ? C15S ? ? 
2 water   nat water                                                        18.015    36 ? ?    ? ? 
# 
_entity_poly.entity_id                      1 
_entity_poly.type                           'polypeptide(L)' 
_entity_poly.nstd_linkage                   no 
_entity_poly.nstd_monomer                   no 
_entity_poly.pdbx_seq_one_letter_code       
;MENKFDHMKLENQLSFLLYASSREMTKQYKPLLDKLNITYPQYLALLLLWEHETLTVKKMGEQLYLDSGTLTPMLKRMEQ
QGLITRKRSEEDERSVLISLTEDGALLKEKAVDIPGTILGLSKQSGEDLKQLKSALYTLLETLHQKN
;
_entity_poly.pdbx_seq_one_letter_code_can   
;MENKFDHMKLENQLSFLLYASSREMTKQYKPLLDKLNITYPQYLALLLLWEHETLTVKKMGEQLYLDSGTLTPMLKRMEQ
QGLITRKRSEEDERSVLISLTEDGALLKEKAVDIPGTILGLSKQSGEDLKQLKSALYTLLETLHQKN
;
_entity_poly.pdbx_strand_id                 A 
_entity_poly.pdbx_target_identifier         ? 
# 
_pdbx_entity_nonpoly.entity_id   2 
_pdbx_entity_nonpoly.name        water 
_pdbx_entity_nonpoly.comp_id     HOH 
# 
loop_
_entity_poly_seq.entity_id 
_entity_poly_seq.num 
_entity_poly_seq.mon_id 
_entity_poly_seq.hetero 
1 1   MET n 
1 2   GLU n 
1 3   ASN n 
1 4   LYS n 
1 5   PHE n 
1 6   ASP n 
1 7   HIS n 
1 8   MET n 
1 9   LYS n 
1 10  LEU n 
1 11  GLU n 
1 12  ASN n 
1 13  GLN n 
1 14  LEU n 
1 15  SER n 
1 16  PHE n 
1 17  LEU n 
1 18  LEU n 
1 19  TYR n 
1 20  ALA n 
1 21  SER n 
1 22  SER n 
1 23  ARG n 
1 24  GLU n 
1 25  MET n 
1 26  THR n 
1 27  LYS n 
1 28  GLN n 
1 29  TYR n 
1 30  LYS n 
1 31  PRO n 
1 32  LEU n 
1 33  LEU n 
1 34  ASP n 
1 35  LYS n 
1 36  LEU n 
1 37  ASN n 
1 38  ILE n 
1 39  THR n 
1 40  TYR n 
1 41  PRO n 
1 42  GLN n 
1 43  TYR n 
1 44  LEU n 
1 45  ALA n 
1 46  LEU n 
1 47  LEU n 
1 48  LEU n 
1 49  LEU n 
1 50  TRP n 
1 51  GLU n 
1 52  HIS n 
1 53  GLU n 
1 54  THR n 
1 55  LEU n 
1 56  THR n 
1 57  VAL n 
1 58  LYS n 
1 59  LYS n 
1 60  MET n 
1 61  GLY n 
1 62  GLU n 
1 63  GLN n 
1 64  LEU n 
1 65  TYR n 
1 66  LEU n 
1 67  ASP n 
1 68  SER n 
1 69  GLY n 
1 70  THR n 
1 71  LEU n 
1 72  THR n 
1 73  PRO n 
1 74  MET n 
1 75  LEU n 
1 76  LYS n 
1 77  ARG n 
1 78  MET n 
1 79  GLU n 
1 80  GLN n 
1 81  GLN n 
1 82  GLY n 
1 83  LEU n 
1 84  ILE n 
1 85  THR n 
1 86  ARG n 
1 87  LYS n 
1 88  ARG n 
1 89  SER n 
1 90  GLU n 
1 91  GLU n 
1 92  ASP n 
1 93  GLU n 
1 94  ARG n 
1 95  SER n 
1 96  VAL n 
1 97  LEU n 
1 98  ILE n 
1 99  SER n 
1 100 LEU n 
1 101 THR n 
1 102 GLU n 
1 103 ASP n 
1 104 GLY n 
1 105 ALA n 
1 106 LEU n 
1 107 LEU n 
1 108 LYS n 
1 109 GLU n 
1 110 LYS n 
1 111 ALA n 
1 112 VAL n 
1 113 ASP n 
1 114 ILE n 
1 115 PRO n 
1 116 GLY n 
1 117 THR n 
1 118 ILE n 
1 119 LEU n 
1 120 GLY n 
1 121 LEU n 
1 122 SER n 
1 123 LYS n 
1 124 GLN n 
1 125 SER n 
1 126 GLY n 
1 127 GLU n 
1 128 ASP n 
1 129 LEU n 
1 130 LYS n 
1 131 GLN n 
1 132 LEU n 
1 133 LYS n 
1 134 SER n 
1 135 ALA n 
1 136 LEU n 
1 137 TYR n 
1 138 THR n 
1 139 LEU n 
1 140 LEU n 
1 141 GLU n 
1 142 THR n 
1 143 LEU n 
1 144 HIS n 
1 145 GLN n 
1 146 LYS n 
1 147 ASN n 
# 
_entity_src_gen.entity_id                          1 
_entity_src_gen.pdbx_src_id                        1 
_entity_src_gen.pdbx_alt_source_flag               sample 
_entity_src_gen.pdbx_seq_type                      ? 
_entity_src_gen.pdbx_beg_seq_num                   ? 
_entity_src_gen.pdbx_end_seq_num                   ? 
_entity_src_gen.gene_src_common_name               ? 
_entity_src_gen.gene_src_genus                     Bacillus 
_entity_src_gen.pdbx_gene_src_gene                 ohrR 
_entity_src_gen.gene_src_species                   ? 
_entity_src_gen.gene_src_strain                    ? 
_entity_src_gen.gene_src_tissue                    ? 
_entity_src_gen.gene_src_tissue_fraction           ? 
_entity_src_gen.gene_src_details                   ? 
_entity_src_gen.pdbx_gene_src_fragment             ? 
_entity_src_gen.pdbx_gene_src_scientific_name      'Bacillus subtilis' 
_entity_src_gen.pdbx_gene_src_ncbi_taxonomy_id     1423 
_entity_src_gen.pdbx_gene_src_variant              ? 
_entity_src_gen.pdbx_gene_src_cell_line            ? 
_entity_src_gen.pdbx_gene_src_atcc                 ? 
_entity_src_gen.pdbx_gene_src_organ                ? 
_entity_src_gen.pdbx_gene_src_organelle            ? 
_entity_src_gen.pdbx_gene_src_cell                 ? 
_entity_src_gen.pdbx_gene_src_cellular_location    ? 
_entity_src_gen.host_org_common_name               ? 
_entity_src_gen.pdbx_host_org_scientific_name      'Escherichia coli' 
_entity_src_gen.pdbx_host_org_ncbi_taxonomy_id     562 
_entity_src_gen.host_org_genus                     Escherichia 
_entity_src_gen.pdbx_host_org_gene                 ? 
_entity_src_gen.pdbx_host_org_organ                ? 
_entity_src_gen.host_org_species                   ? 
_entity_src_gen.pdbx_host_org_tissue               ? 
_entity_src_gen.pdbx_host_org_tissue_fraction      ? 
_entity_src_gen.pdbx_host_org_strain               'BL21(DE3)/pLysS' 
_entity_src_gen.pdbx_host_org_variant              ? 
_entity_src_gen.pdbx_host_org_cell_line            ? 
_entity_src_gen.pdbx_host_org_atcc                 ? 
_entity_src_gen.pdbx_host_org_culture_collection   ? 
_entity_src_gen.pdbx_host_org_cell                 ? 
_entity_src_gen.pdbx_host_org_organelle            ? 
_entity_src_gen.pdbx_host_org_cellular_location    ? 
_entity_src_gen.pdbx_host_org_vector_type          Plasmid 
_entity_src_gen.pdbx_host_org_vector               ? 
_entity_src_gen.host_org_details                   ? 
_entity_src_gen.expression_system_id               ? 
_entity_src_gen.plasmid_name                       pET16x 
_entity_src_gen.plasmid_details                    ? 
_entity_src_gen.pdbx_description                   ? 
# 
loop_
_chem_comp.id 
_chem_comp.type 
_chem_comp.mon_nstd_flag 
_chem_comp.name 
_chem_comp.pdbx_synonyms 
_chem_comp.formula 
_chem_comp.formula_weight 
ALA 'L-peptide linking' y ALANINE         ? 'C3 H7 N O2'     89.093  
ARG 'L-peptide linking' y ARGININE        ? 'C6 H15 N4 O2 1' 175.209 
ASN 'L-peptide linking' y ASPARAGINE      ? 'C4 H8 N2 O3'    132.118 
ASP 'L-peptide linking' y 'ASPARTIC ACID' ? 'C4 H7 N O4'     133.103 
CYS 'L-peptide linking' y CYSTEINE        ? 'C3 H7 N O2 S'   121.158 
GLN 'L-peptide linking' y GLUTAMINE       ? 'C5 H10 N2 O3'   146.144 
GLU 'L-peptide linking' y 'GLUTAMIC ACID' ? 'C5 H9 N O4'     147.129 
GLY 'peptide linking'   y GLYCINE         ? 'C2 H5 N O2'     75.067  
HIS 'L-peptide linking' y HISTIDINE       ? 'C6 H10 N3 O2 1' 156.162 
HOH non-polymer         . WATER           ? 'H2 O'           18.015  
ILE 'L-peptide linking' y ISOLEUCINE      ? 'C6 H13 N O2'    131.173 
LEU 'L-peptide linking' y LEUCINE         ? 'C6 H13 N O2'    131.173 
LYS 'L-peptide linking' y LYSINE          ? 'C6 H15 N2 O2 1' 147.195 
MET 'L-peptide linking' y METHIONINE      ? 'C5 H11 N O2 S'  149.211 
PHE 'L-peptide linking' y PHENYLALANINE   ? 'C9 H11 N O2'    165.189 
PRO 'L-peptide linking' y PROLINE         ? 'C5 H9 N O2'     115.130 
SER 'L-peptide linking' y SERINE          ? 'C3 H7 N O3'     105.093 
THR 'L-peptide linking' y THREONINE       ? 'C4 H9 N O3'     119.119 
TRP 'L-peptide linking' y TRYPTOPHAN      ? 'C11 H12 N2 O2'  204.225 
TYR 'L-peptide linking' y TYROSINE        ? 'C9 H11 N O3'    181.189 
VAL 'L-peptide linking' y VALINE          ? 'C5 H11 N O2'    117.146 
# 
loop_
_pdbx_poly_seq_scheme.asym_id 
_pdbx_poly_seq_scheme.entity_id 
_pdbx_poly_seq_scheme.seq_id 
_pdbx_poly_seq_scheme.mon_id 
_pdbx_poly_seq_scheme.ndb_seq_num 
_pdbx_poly_seq_scheme.pdb_seq_num 
_pdbx_poly_seq_scheme.auth_seq_num 
_pdbx_poly_seq_scheme.pdb_mon_id 
_pdbx_poly_seq_scheme.auth_mon_id 
_pdbx_poly_seq_scheme.pdb_strand_id 
_pdbx_poly_seq_scheme.pdb_ins_code 
_pdbx_poly_seq_scheme.hetero 
A 1 1   MET 1   1   ?   ?   ?   A . n 
A 1 2   GLU 2   2   ?   ?   ?   A . n 
A 1 3   ASN 3   3   ?   ?   ?   A . n 
A 1 4   LYS 4   4   ?   ?   ?   A . n 
A 1 5   PHE 5   5   ?   ?   ?   A . n 
A 1 6   ASP 6   6   ?   ?   ?   A . n 
A 1 7   HIS 7   7   ?   ?   ?   A . n 
A 1 8   MET 8   8   8   MET MET A . n 
A 1 9   LYS 9   9   9   LYS LYS A . n 
A 1 10  LEU 10  10  10  LEU LEU A . n 
A 1 11  GLU 11  11  11  GLU GLU A . n 
A 1 12  ASN 12  12  12  ASN ASN A . n 
A 1 13  GLN 13  13  13  GLN GLN A . n 
A 1 14  LEU 14  14  14  LEU LEU A . n 
A 1 15  SER 15  15  15  SER SER A . n 
A 1 16  PHE 16  16  16  PHE PHE A . n 
A 1 17  LEU 17  17  17  LEU LEU A . n 
A 1 18  LEU 18  18  18  LEU LEU A . n 
A 1 19  TYR 19  19  19  TYR TYR A . n 
A 1 20  ALA 20  20  20  ALA ALA A . n 
A 1 21  SER 21  21  21  SER SER A . n 
A 1 22  SER 22  22  22  SER SER A . n 
A 1 23  ARG 23  23  23  ARG ARG A . n 
A 1 24  GLU 24  24  24  GLU GLU A . n 
A 1 25  MET 25  25  25  MET MET A . n 
A 1 26  THR 26  26  26  THR THR A . n 
A 1 27  LYS 27  27  27  LYS LYS A . n 
A 1 28  GLN 28  28  28  GLN GLN A . n 
A 1 29  TYR 29  29  29  TYR TYR A . n 
A 1 30  LYS 30  30  30  LYS LYS A . n 
A 1 31  PRO 31  31  31  PRO PRO A . n 
A 1 32  LEU 32  32  32  LEU LEU A . n 
A 1 33  LEU 33  33  33  LEU LEU A . n 
A 1 34  ASP 34  34  34  ASP ASP A . n 
A 1 35  LYS 35  35  35  LYS LYS A . n 
A 1 36  LEU 36  36  36  LEU LEU A . n 
A 1 37  ASN 37  37  37  ASN ASN A . n 
A 1 38  ILE 38  38  38  ILE ILE A . n 
A 1 39  THR 39  39  39  THR THR A . n 
A 1 40  TYR 40  40  40  TYR TYR A . n 
A 1 41  PRO 41  41  41  PRO PRO A . n 
A 1 42  GLN 42  42  42  GLN GLN A . n 
A 1 43  TYR 43  43  43  TYR TYR A . n 
A 1 44  LEU 44  44  44  LEU LEU A . n 
A 1 45  ALA 45  45  45  ALA ALA A . n 
A 1 46  LEU 46  46  46  LEU LEU A . n 
A 1 47  LEU 47  47  47  LEU LEU A . n 
A 1 48  LEU 48  48  48  LEU LEU A . n 
A 1 49  LEU 49  49  49  LEU LEU A . n 
A 1 50  TRP 50  50  50  TRP TRP A . n 
A 1 51  GLU 51  51  51  GLU GLU A . n 
A 1 52  HIS 52  52  52  HIS HIS A . n 
A 1 53  GLU 53  53  53  GLU GLU A . n 
A 1 54  THR 54  54  54  THR THR A . n 
A 1 55  LEU 55  55  55  LEU LEU A . n 
A 1 56  THR 56  56  56  THR THR A . n 
A 1 57  VAL 57  57  57  VAL VAL A . n 
A 1 58  LYS 58  58  58  LYS LYS A . n 
A 1 59  LYS 59  59  59  LYS LYS A . n 
A 1 60  MET 60  60  60  MET MET A . n 
A 1 61  GLY 61  61  61  GLY GLY A . n 
A 1 62  GLU 62  62  62  GLU GLU A . n 
A 1 63  GLN 63  63  63  GLN GLN A . n 
A 1 64  LEU 64  64  64  LEU LEU A . n 
A 1 65  TYR 65  65  65  TYR TYR A . n 
A 1 66  LEU 66  66  66  LEU LEU A . n 
A 1 67  ASP 67  67  67  ASP ASP A . n 
A 1 68  SER 68  68  68  SER SER A . n 
A 1 69  GLY 69  69  69  GLY GLY A . n 
A 1 70  THR 70  70  70  THR THR A . n 
A 1 71  LEU 71  71  71  LEU LEU A . n 
A 1 72  THR 72  72  72  THR THR A . n 
A 1 73  PRO 73  73  73  PRO PRO A . n 
A 1 74  MET 74  74  74  MET MET A . n 
A 1 75  LEU 75  75  75  LEU LEU A . n 
A 1 76  LYS 76  76  76  LYS LYS A . n 
A 1 77  ARG 77  77  77  ARG ARG A . n 
A 1 78  MET 78  78  78  MET MET A . n 
A 1 79  GLU 79  79  79  GLU GLU A . n 
A 1 80  GLN 80  80  80  GLN GLN A . n 
A 1 81  GLN 81  81  81  GLN GLN A . n 
A 1 82  GLY 82  82  82  GLY GLY A . n 
A 1 83  LEU 83  83  83  LEU LEU A . n 
A 1 84  ILE 84  84  84  ILE ILE A . n 
A 1 85  THR 85  85  85  THR THR A . n 
A 1 86  ARG 86  86  86  ARG ARG A . n 
A 1 87  LYS 87  87  87  LYS LYS A . n 
A 1 88  ARG 88  88  88  ARG ARG A . n 
A 1 89  SER 89  89  89  SER SER A . n 
A 1 90  GLU 90  90  90  GLU GLU A . n 
A 1 91  GLU 91  91  91  GLU GLU A . n 
A 1 92  ASP 92  92  92  ASP ASP A . n 
A 1 93  GLU 93  93  93  GLU GLU A . n 
A 1 94  ARG 94  94  94  ARG ARG A . n 
A 1 95  SER 95  95  95  SER SER A . n 
A 1 96  VAL 96  96  96  VAL VAL A . n 
A 1 97  LEU 97  97  97  LEU LEU A . n 
A 1 98  ILE 98  98  98  ILE ILE A . n 
A 1 99  SER 99  99  99  SER SER A . n 
A 1 100 LEU 100 100 100 LEU LEU A . n 
A 1 101 THR 101 101 101 THR THR A . n 
A 1 102 GLU 102 102 102 GLU GLU A . n 
A 1 103 ASP 103 103 103 ASP ASP A . n 
A 1 104 GLY 104 104 104 GLY GLY A . n 
A 1 105 ALA 105 105 105 ALA ALA A . n 
A 1 106 LEU 106 106 106 LEU LEU A . n 
A 1 107 LEU 107 107 107 LEU LEU A . n 
A 1 108 LYS 108 108 108 LYS LYS A . n 
A 1 109 GLU 109 109 109 GLU GLU A . n 
A 1 110 LYS 110 110 110 LYS LYS A . n 
A 1 111 ALA 111 111 111 ALA ALA A . n 
A 1 112 VAL 112 112 112 VAL VAL A . n 
A 1 113 ASP 113 113 113 ASP ASP A . n 
A 1 114 ILE 114 114 114 ILE ILE A . n 
A 1 115 PRO 115 115 115 PRO PRO A . n 
A 1 116 GLY 116 116 116 GLY GLY A . n 
A 1 117 THR 117 117 117 THR THR A . n 
A 1 118 ILE 118 118 118 ILE ILE A . n 
A 1 119 LEU 119 119 119 LEU LEU A . n 
A 1 120 GLY 120 120 120 GLY GLY A . n 
A 1 121 LEU 121 121 121 LEU LEU A . n 
A 1 122 SER 122 122 122 SER SER A . n 
A 1 123 LYS 123 123 123 LYS LYS A . n 
A 1 124 GLN 124 124 124 GLN GLN A . n 
A 1 125 SER 125 125 125 SER SER A . n 
A 1 126 GLY 126 126 126 GLY GLY A . n 
A 1 127 GLU 127 127 127 GLU GLU A . n 
A 1 128 ASP 128 128 128 ASP ASP A . n 
A 1 129 LEU 129 129 129 LEU LEU A . n 
A 1 130 LYS 130 130 130 LYS LYS A . n 
A 1 131 GLN 131 131 131 GLN GLN A . n 
A 1 132 LEU 132 132 132 LEU LEU A . n 
A 1 133 LYS 133 133 133 LYS LYS A . n 
A 1 134 SER 134 134 134 SER SER A . n 
A 1 135 ALA 135 135 135 ALA ALA A . n 
A 1 136 LEU 136 136 136 LEU LEU A . n 
A 1 137 TYR 137 137 137 TYR TYR A . n 
A 1 138 THR 138 138 138 THR THR A . n 
A 1 139 LEU 139 139 139 LEU LEU A . n 
A 1 140 LEU 140 140 140 LEU LEU A . n 
A 1 141 GLU 141 141 141 GLU GLU A . n 
A 1 142 THR 142 142 142 THR THR A . n 
A 1 143 LEU 143 143 143 LEU LEU A . n 
A 1 144 HIS 144 144 144 HIS HIS A . n 
A 1 145 GLN 145 145 ?   ?   ?   A . n 
A 1 146 LYS 146 146 ?   ?   ?   A . n 
A 1 147 ASN 147 147 ?   ?   ?   A . n 
# 
loop_
_pdbx_nonpoly_scheme.asym_id 
_pdbx_nonpoly_scheme.entity_id 
_pdbx_nonpoly_scheme.mon_id 
_pdbx_nonpoly_scheme.ndb_seq_num 
_pdbx_nonpoly_scheme.pdb_seq_num 
_pdbx_nonpoly_scheme.auth_seq_num 
_pdbx_nonpoly_scheme.pdb_mon_id 
_pdbx_nonpoly_scheme.auth_mon_id 
_pdbx_nonpoly_scheme.pdb_strand_id 
_pdbx_nonpoly_scheme.pdb_ins_code 
B 2 HOH 1  148 1  HOH HOH A . 
B 2 HOH 2  149 2  HOH HOH A . 
B 2 HOH 3  150 3  HOH HOH A . 
B 2 HOH 4  151 4  HOH HOH A . 
B 2 HOH 5  152 5  HOH HOH A . 
B 2 HOH 6  153 6  HOH HOH A . 
B 2 HOH 7  154 7  HOH HOH A . 
B 2 HOH 8  155 8  HOH HOH A . 
B 2 HOH 9  156 9  HOH HOH A . 
B 2 HOH 10 157 10 HOH HOH A . 
B 2 HOH 11 158 11 HOH HOH A . 
B 2 HOH 12 159 12 HOH HOH A . 
B 2 HOH 13 160 13 HOH HOH A . 
B 2 HOH 14 161 14 HOH HOH A . 
B 2 HOH 15 162 15 HOH HOH A . 
B 2 HOH 16 163 16 HOH HOH A . 
B 2 HOH 17 164 17 HOH HOH A . 
B 2 HOH 18 165 18 HOH HOH A . 
B 2 HOH 19 166 19 HOH HOH A . 
B 2 HOH 20 167 20 HOH HOH A . 
B 2 HOH 21 168 21 HOH HOH A . 
B 2 HOH 22 169 22 HOH HOH A . 
B 2 HOH 23 170 23 HOH HOH A . 
B 2 HOH 24 171 24 HOH HOH A . 
B 2 HOH 25 172 25 HOH HOH A . 
B 2 HOH 26 173 26 HOH HOH A . 
B 2 HOH 27 174 27 HOH HOH A . 
B 2 HOH 28 175 28 HOH HOH A . 
B 2 HOH 29 176 29 HOH HOH A . 
B 2 HOH 30 177 30 HOH HOH A . 
B 2 HOH 31 178 31 HOH HOH A . 
B 2 HOH 32 179 32 HOH HOH A . 
B 2 HOH 33 180 33 HOH HOH A . 
B 2 HOH 34 181 34 HOH HOH A . 
B 2 HOH 35 182 35 HOH HOH A . 
B 2 HOH 36 183 36 HOH HOH A . 
# 
loop_
_software.name 
_software.version 
_software.date 
_software.type 
_software.contact_author 
_software.contact_author_email 
_software.classification 
_software.location 
_software.language 
_software.citation_id 
_software.pdbx_ordinal 
SCALA       .         ?               program 'Phil Evans'      pre@mrc-lmb.cam.ac.uk    'data scaling'    
http://www.ccp4.ac.uk/dist/html/INDEX.html Fortran    ? 1 
SOLVE       .         ?               program 'Tom Terwilliger' terwilliger@LANL.gov     phasing           
http://www.solve.lanl.gov/                 ?          ? 2 
CNS         .         ?               package 'Axel T. Brunger' axel.brunger@yale.edu    refinement        
http://cns.csb.yale.edu/v1.1/              Fortran_77 ? 3 
PDB_EXTRACT 1.600     'Jan. 30, 2005' package PDB               sw-help@rcsb.rutgers.edu 'data extraction' 
http://pdb.rutgers.edu/software/           C++        ? 4 
MOSFLM      .         ?               ?       ?                 ?                        'data reduction'  ? ?          ? 5 
CCP4        '(SCALA)' ?               ?       ?                 ?                        'data scaling'    ? ?          ? 6 
# 
_cell.length_a           55.355 
_cell.length_b           55.355 
_cell.length_c           77.242 
_cell.angle_alpha        90.00 
_cell.angle_beta         90.00 
_cell.angle_gamma        90.00 
_cell.entry_id           1Z91 
_cell.pdbx_unique_axis   ? 
_cell.Z_PDB              8 
# 
_symmetry.space_group_name_H-M             'P 41 21 2' 
_symmetry.entry_id                         1Z91 
_symmetry.pdbx_full_space_group_name_H-M   ? 
_symmetry.Int_Tables_number                92 
_symmetry.cell_setting                     ? 
_symmetry.space_group_name_Hall            ? 
# 
_exptl.entry_id          1Z91 
_exptl.method            'X-RAY DIFFRACTION' 
_exptl.crystals_number   2 
# 
_exptl_crystal.id                    1 
_exptl_crystal.density_meas          ? 
_exptl_crystal.density_Matthews      1.740 
_exptl_crystal.density_percent_sol   26.590 
_exptl_crystal.description           ? 
_exptl_crystal.F_000                 ? 
_exptl_crystal.preparation           ? 
# 
_exptl_crystal_grow.crystal_id      1 
_exptl_crystal_grow.method          'VAPOR DIFFUSION, HANGING DROP' 
_exptl_crystal_grow.temp            298 
_exptl_crystal_grow.temp_details    ? 
_exptl_crystal_grow.pH              4.5 
_exptl_crystal_grow.pdbx_details    
;30 to 33 % PEG 1450, 0.1 M ammonium acetate (or sodium acetate), and 0.1M sodium acetate, pH 4.5., VAPOR DIFFUSION, HANGING DROP, temperature 298K
;
_exptl_crystal_grow.pdbx_pH_range   . 
# 
loop_
_diffrn.id 
_diffrn.ambient_temp 
_diffrn.ambient_temp_details 
_diffrn.crystal_id 
1   100 ? 1 
2   100 ? 1 
1,2 ?   ? 1 
# 
loop_
_diffrn_detector.diffrn_id 
_diffrn_detector.detector 
_diffrn_detector.type 
_diffrn_detector.pdbx_collection_date 
_diffrn_detector.details 
1 CCD 'ADSC QUANTUM 210' 2003-07-01 ? 
2 CCD 'ADSC QUANTUM 210' 2003-09-30 ? 
# 
loop_
_diffrn_radiation.diffrn_id 
_diffrn_radiation.wavelength_id 
_diffrn_radiation.pdbx_monochromatic_or_laue_m_l 
_diffrn_radiation.monochromator 
_diffrn_radiation.pdbx_diffrn_protocol 
_diffrn_radiation.pdbx_scattering_type 
1 1 M 'Double crystal Si(111)' 'SINGLE WAVELENGTH' x-ray 
2 1 M 'Double crystal Si(111)' MAD                 x-ray 
# 
loop_
_diffrn_radiation_wavelength.id 
_diffrn_radiation_wavelength.wavelength 
_diffrn_radiation_wavelength.wt 
1 0.9794 1.0 
2 0.9184 1.0 
3 0.9796 1.0 
# 
loop_
_diffrn_source.diffrn_id 
_diffrn_source.source 
_diffrn_source.type 
_diffrn_source.pdbx_synchrotron_site 
_diffrn_source.pdbx_synchrotron_beamline 
_diffrn_source.pdbx_wavelength 
_diffrn_source.pdbx_wavelength_list 
1 SYNCHROTRON 'ALS BEAMLINE 8.2.1' ALS 8.2.1 ? 0.9794                   
2 SYNCHROTRON 'ALS BEAMLINE 8.2.1' ALS 8.2.1 ? '0.9794, 0.9184, 0.9796' 
# 
_reflns.entry_id                     1Z91 
_reflns.observed_criterion_sigma_I   2 
_reflns.observed_criterion_sigma_F   2 
_reflns.d_resolution_low             45.175 
_reflns.d_resolution_high            2.500 
_reflns.number_obs                   4532 
_reflns.number_all                   7251 
_reflns.percent_possible_obs         ? 
_reflns.pdbx_Rmerge_I_obs            ? 
_reflns.pdbx_Rsym_value              ? 
_reflns.pdbx_netI_over_sigmaI        ? 
_reflns.B_iso_Wilson_estimate        25.6 
_reflns.pdbx_redundancy              ? 
_reflns.R_free_details               ? 
_reflns.limit_h_max                  ? 
_reflns.limit_h_min                  ? 
_reflns.limit_k_max                  ? 
_reflns.limit_k_min                  ? 
_reflns.limit_l_max                  ? 
_reflns.limit_l_min                  ? 
_reflns.observed_criterion_F_max     ? 
_reflns.observed_criterion_F_min     ? 
_reflns.pdbx_chi_squared             ? 
_reflns.pdbx_scaling_rejects         ? 
_reflns.pdbx_ordinal                 1 
_reflns.pdbx_diffrn_id               1,2 
# 
_refine.entry_id                                 1Z91 
_refine.ls_number_reflns_obs                     4484 
_refine.ls_number_reflns_all                     4491 
_refine.pdbx_ls_sigma_I                          ? 
_refine.pdbx_ls_sigma_F                          0.0 
_refine.pdbx_data_cutoff_high_absF               4233231.34 
_refine.pdbx_data_cutoff_low_absF                0.000000 
_refine.pdbx_data_cutoff_high_rms_absF           ? 
_refine.ls_d_res_low                             45.00 
_refine.ls_d_res_high                            2.50 
_refine.ls_percent_reflns_obs                    99.6 
_refine.ls_R_factor_obs                          0.223 
_refine.ls_R_factor_all                          ? 
_refine.ls_R_factor_R_work                       0.223 
_refine.ls_R_factor_R_free                       0.305 
_refine.ls_R_factor_R_free_error                 0.014 
_refine.ls_R_factor_R_free_error_details         ? 
_refine.ls_percent_reflns_R_free                 10.7 
_refine.ls_number_reflns_R_free                  482 
_refine.ls_number_parameters                     ? 
_refine.ls_number_restraints                     ? 
_refine.occupancy_min                            ? 
_refine.occupancy_max                            ? 
_refine.correlation_coeff_Fo_to_Fc               ? 
_refine.correlation_coeff_Fo_to_Fc_free          ? 
_refine.B_iso_mean                               36.6 
_refine.aniso_B[1][1]                            -3.50 
_refine.aniso_B[2][2]                            -3.50 
_refine.aniso_B[3][3]                            7.01 
_refine.aniso_B[1][2]                            0.00 
_refine.aniso_B[1][3]                            0.00 
_refine.aniso_B[2][3]                            0.00 
_refine.solvent_model_details                    'FLAT MODEL' 
_refine.solvent_model_param_ksol                 0.359931 
_refine.solvent_model_param_bsol                 40.6333 
_refine.pdbx_solvent_vdw_probe_radii             ? 
_refine.pdbx_solvent_ion_probe_radii             ? 
_refine.pdbx_solvent_shrinkage_radii             ? 
_refine.pdbx_ls_cross_valid_method               THROUGHOUT 
_refine.details                                  ? 
_refine.pdbx_starting_model                      ? 
_refine.pdbx_method_to_determine_struct          MAD 
_refine.pdbx_isotropic_thermal_model             RESTRAINED 
_refine.pdbx_stereochemistry_target_values       ? 
_refine.pdbx_stereochem_target_val_spec_case     ? 
_refine.pdbx_R_Free_selection_details            RANDOM 
_refine.pdbx_overall_ESU_R                       ? 
_refine.pdbx_overall_ESU_R_Free                  ? 
_refine.overall_SU_ML                            ? 
_refine.overall_SU_B                             ? 
_refine.ls_redundancy_reflns_obs                 ? 
_refine.B_iso_min                                ? 
_refine.B_iso_max                                ? 
_refine.overall_SU_R_Cruickshank_DPI             ? 
_refine.overall_SU_R_free                        ? 
_refine.ls_wR_factor_R_free                      ? 
_refine.ls_wR_factor_R_work                      ? 
_refine.overall_FOM_free_R_set                   ? 
_refine.overall_FOM_work_R_set                   ? 
_refine.pdbx_refine_id                           'X-RAY DIFFRACTION' 
_refine.pdbx_diffrn_id                           1 
_refine.pdbx_TLS_residual_ADP_flag               ? 
_refine.pdbx_overall_phase_error                 ? 
_refine.pdbx_overall_SU_R_free_Cruickshank_DPI   ? 
_refine.pdbx_overall_SU_R_Blow_DPI               ? 
_refine.pdbx_overall_SU_R_free_Blow_DPI          ? 
# 
_refine_analyze.entry_id                        1Z91 
_refine_analyze.Luzzati_coordinate_error_obs    0.31 
_refine_analyze.Luzzati_sigma_a_obs             0.32 
_refine_analyze.Luzzati_d_res_low_obs           5.00 
_refine_analyze.Luzzati_coordinate_error_free   0.49 
_refine_analyze.Luzzati_sigma_a_free            0.51 
_refine_analyze.Luzzati_d_res_low_free          ? 
_refine_analyze.number_disordered_residues      ? 
_refine_analyze.occupancy_sum_hydrogen          ? 
_refine_analyze.occupancy_sum_non_hydrogen      ? 
_refine_analyze.pdbx_Luzzati_d_res_high_obs     ? 
_refine_analyze.pdbx_refine_id                  'X-RAY DIFFRACTION' 
# 
_refine_hist.pdbx_refine_id                   'X-RAY DIFFRACTION' 
_refine_hist.cycle_id                         LAST 
_refine_hist.pdbx_number_atoms_protein        1101 
_refine_hist.pdbx_number_atoms_nucleic_acid   0 
_refine_hist.pdbx_number_atoms_ligand         0 
_refine_hist.number_atoms_solvent             36 
_refine_hist.number_atoms_total               1137 
_refine_hist.d_res_high                       2.50 
_refine_hist.d_res_low                        45.00 
# 
loop_
_refine_ls_restr.type 
_refine_ls_restr.dev_ideal 
_refine_ls_restr.dev_ideal_target 
_refine_ls_restr.weight 
_refine_ls_restr.number 
_refine_ls_restr.pdbx_refine_id 
_refine_ls_restr.pdbx_restraint_function 
c_bond_d                0.007 ?    ? ? 'X-RAY DIFFRACTION' ? 
c_bond_d_na             ?     ?    ? ? 'X-RAY DIFFRACTION' ? 
c_bond_d_prot           ?     ?    ? ? 'X-RAY DIFFRACTION' ? 
c_angle_d               ?     ?    ? ? 'X-RAY DIFFRACTION' ? 
c_angle_d_na            ?     ?    ? ? 'X-RAY DIFFRACTION' ? 
c_angle_d_prot          ?     ?    ? ? 'X-RAY DIFFRACTION' ? 
c_angle_deg             1.2   ?    ? ? 'X-RAY DIFFRACTION' ? 
c_angle_deg_na          ?     ?    ? ? 'X-RAY DIFFRACTION' ? 
c_angle_deg_prot        ?     ?    ? ? 'X-RAY DIFFRACTION' ? 
c_dihedral_angle_d      21.4  ?    ? ? 'X-RAY DIFFRACTION' ? 
c_dihedral_angle_d_na   ?     ?    ? ? 'X-RAY DIFFRACTION' ? 
c_dihedral_angle_d_prot ?     ?    ? ? 'X-RAY DIFFRACTION' ? 
c_improper_angle_d      0.78  ?    ? ? 'X-RAY DIFFRACTION' ? 
c_improper_angle_d_na   ?     ?    ? ? 'X-RAY DIFFRACTION' ? 
c_improper_angle_d_prot ?     ?    ? ? 'X-RAY DIFFRACTION' ? 
c_mcbond_it             3.43  1.50 ? ? 'X-RAY DIFFRACTION' ? 
c_mcangle_it            4.93  2.00 ? ? 'X-RAY DIFFRACTION' ? 
c_scbond_it             5.40  2.00 ? ? 'X-RAY DIFFRACTION' ? 
c_scangle_it            7.39  2.50 ? ? 'X-RAY DIFFRACTION' ? 
# 
_refine_ls_shell.pdbx_total_number_of_bins_used   6 
_refine_ls_shell.d_res_high                       2.50 
_refine_ls_shell.d_res_low                        2.66 
_refine_ls_shell.number_reflns_R_work             640 
_refine_ls_shell.R_factor_R_work                  0.295 
_refine_ls_shell.percent_reflns_obs               100.0 
_refine_ls_shell.R_factor_R_free                  0.387 
_refine_ls_shell.R_factor_R_free_error            0.044 
_refine_ls_shell.percent_reflns_R_free            10.7 
_refine_ls_shell.number_reflns_R_free             77 
_refine_ls_shell.redundancy_reflns_obs            ? 
_refine_ls_shell.number_reflns_all                ? 
_refine_ls_shell.number_reflns_obs                ? 
_refine_ls_shell.R_factor_all                     ? 
_refine_ls_shell.pdbx_refine_id                   'X-RAY DIFFRACTION' 
# 
loop_
_pdbx_xplor_file.serial_no 
_pdbx_xplor_file.param_file 
_pdbx_xplor_file.topol_file 
_pdbx_xplor_file.pdbx_refine_id 
1 protein_rep.param protein.top 'X-RAY DIFFRACTION' 
2 water_rep.param   water.top   'X-RAY DIFFRACTION' 
# 
_struct.entry_id                  1Z91 
_struct.title                     'x-ray crystal structure of apo-OhrRC15S in reduced form: MarR family protein' 
_struct.pdbx_model_details        ? 
_struct.pdbx_CASP_flag            ? 
_struct.pdbx_model_type_details   ? 
# 
_struct_keywords.entry_id        1Z91 
_struct_keywords.pdbx_keywords   'DNA BINDING PROTEIN' 
_struct_keywords.text            'OhrR, MarR family, Bacterial transcription factor, DNA BINDING PROTEIN' 
# 
loop_
_struct_asym.id 
_struct_asym.pdbx_blank_PDB_chainid_flag 
_struct_asym.pdbx_modified 
_struct_asym.entity_id 
_struct_asym.details 
A N N 1 ? 
B N N 2 ? 
# 
_struct_ref.id                         1 
_struct_ref.db_name                    UNP 
_struct_ref.db_code                    OHRR_BACSU 
_struct_ref.pdbx_db_accession          O34777 
_struct_ref.entity_id                  1 
_struct_ref.pdbx_seq_one_letter_code   
;MENKFDHMKLENQLCFLLYASSREMTKQYKPLLDKLNITYPQYLALLLLWEHETLTVKKMGEQLYLDSGTLTPMLKRMEQ
QGLITRKRSEEDERSVLISLTEDGALLKEKAVDIPGTILGLSKQSGEDLKQLKSALYTLLETLHQKN
;
_struct_ref.pdbx_align_begin           1 
_struct_ref.pdbx_db_isoform            ? 
# 
_struct_ref_seq.align_id                      1 
_struct_ref_seq.ref_id                        1 
_struct_ref_seq.pdbx_PDB_id_code              1Z91 
_struct_ref_seq.pdbx_strand_id                A 
_struct_ref_seq.seq_align_beg                 1 
_struct_ref_seq.pdbx_seq_align_beg_ins_code   ? 
_struct_ref_seq.seq_align_end                 147 
_struct_ref_seq.pdbx_seq_align_end_ins_code   ? 
_struct_ref_seq.pdbx_db_accession             O34777 
_struct_ref_seq.db_align_beg                  1 
_struct_ref_seq.pdbx_db_align_beg_ins_code    ? 
_struct_ref_seq.db_align_end                  147 
_struct_ref_seq.pdbx_db_align_end_ins_code    ? 
_struct_ref_seq.pdbx_auth_seq_align_beg       1 
_struct_ref_seq.pdbx_auth_seq_align_end       147 
# 
_struct_ref_seq_dif.align_id                     1 
_struct_ref_seq_dif.pdbx_pdb_id_code             1Z91 
_struct_ref_seq_dif.mon_id                       SER 
_struct_ref_seq_dif.pdbx_pdb_strand_id           A 
_struct_ref_seq_dif.seq_num                      15 
_struct_ref_seq_dif.pdbx_pdb_ins_code            ? 
_struct_ref_seq_dif.pdbx_seq_db_name             UNP 
_struct_ref_seq_dif.pdbx_seq_db_accession_code   O34777 
_struct_ref_seq_dif.db_mon_id                    CYS 
_struct_ref_seq_dif.pdbx_seq_db_seq_num          15 
_struct_ref_seq_dif.details                      'engineered mutation' 
_struct_ref_seq_dif.pdbx_auth_seq_num            15 
_struct_ref_seq_dif.pdbx_ordinal                 1 
# 
_pdbx_struct_assembly.id                   1 
_pdbx_struct_assembly.details              author_and_software_defined_assembly 
_pdbx_struct_assembly.method_details       PISA,PQS 
_pdbx_struct_assembly.oligomeric_details   dimeric 
_pdbx_struct_assembly.oligomeric_count     2 
# 
loop_
_pdbx_struct_assembly_prop.biol_id 
_pdbx_struct_assembly_prop.type 
_pdbx_struct_assembly_prop.value 
_pdbx_struct_assembly_prop.details 
1 'ABSA (A^2)' 4990  ? 
1 MORE         -49   ? 
1 'SSA (A^2)'  14810 ? 
# 
_pdbx_struct_assembly_gen.assembly_id       1 
_pdbx_struct_assembly_gen.oper_expression   1,2 
_pdbx_struct_assembly_gen.asym_id_list      A,B 
# 
loop_
_pdbx_struct_oper_list.id 
_pdbx_struct_oper_list.type 
_pdbx_struct_oper_list.name 
_pdbx_struct_oper_list.symmetry_operation 
_pdbx_struct_oper_list.matrix[1][1] 
_pdbx_struct_oper_list.matrix[1][2] 
_pdbx_struct_oper_list.matrix[1][3] 
_pdbx_struct_oper_list.vector[1] 
_pdbx_struct_oper_list.matrix[2][1] 
_pdbx_struct_oper_list.matrix[2][2] 
_pdbx_struct_oper_list.matrix[2][3] 
_pdbx_struct_oper_list.vector[2] 
_pdbx_struct_oper_list.matrix[3][1] 
_pdbx_struct_oper_list.matrix[3][2] 
_pdbx_struct_oper_list.matrix[3][3] 
_pdbx_struct_oper_list.vector[3] 
1 'identity operation'         1_555 x,y,z        1.0000000000  0.0000000000  0.0000000000  0.0000000000   0.0000000000  1.0000000000  0.0000000000 0.0000000000  0.0000000000  0.0000000000 1.0000000000 0.0000000000  
2 'crystal symmetry operation' 8_555 -y,-x,-z+1/2 -0.9875264278 -0.0747200282 -0.1385946312 -19.5467430504 -0.0747200282 -0.5524070798 0.8302188480 12.8839911375 -0.1385946312 0.8302188480 0.5399335075 -8.7053147805 
# 
_struct_biol.id                    1 
_struct_biol.details               
;The second part of the biological assembly is generated 
by the two fold axis
;
_struct_biol.pdbx_parent_biol_id   ? 
# 
loop_
_struct_conf.conf_type_id 
_struct_conf.id 
_struct_conf.pdbx_PDB_helix_id 
_struct_conf.beg_label_comp_id 
_struct_conf.beg_label_asym_id 
_struct_conf.beg_label_seq_id 
_struct_conf.pdbx_beg_PDB_ins_code 
_struct_conf.end_label_comp_id 
_struct_conf.end_label_asym_id 
_struct_conf.end_label_seq_id 
_struct_conf.pdbx_end_PDB_ins_code 
_struct_conf.beg_auth_comp_id 
_struct_conf.beg_auth_asym_id 
_struct_conf.beg_auth_seq_id 
_struct_conf.end_auth_comp_id 
_struct_conf.end_auth_asym_id 
_struct_conf.end_auth_seq_id 
_struct_conf.pdbx_PDB_helix_class 
_struct_conf.details 
_struct_conf.pdbx_PDB_helix_length 
HELX_P HELX_P1  1  LYS A 9   ? ASN A 12  ? LYS A 9   ASN A 12  5 ? 4  
HELX_P HELX_P2  2  GLN A 13  ? LYS A 27  ? GLN A 13  LYS A 27  1 ? 15 
HELX_P HELX_P3  3  TYR A 29  ? ASP A 34  ? TYR A 29  ASP A 34  1 ? 6  
HELX_P HELX_P4  4  THR A 39  ? GLU A 53  ? THR A 39  GLU A 53  1 ? 15 
HELX_P HELX_P5  5  VAL A 57  ? GLN A 63  ? VAL A 57  GLN A 63  1 ? 7  
HELX_P HELX_P6  6  ASP A 67  ? GLY A 82  ? ASP A 67  GLY A 82  1 ? 16 
HELX_P HELX_P7  7  THR A 101 ? LEU A 106 ? THR A 101 LEU A 106 1 ? 6  
HELX_P HELX_P8  8  LEU A 107 ? ALA A 111 ? LEU A 107 ALA A 111 5 ? 5  
HELX_P HELX_P9  9  ASP A 113 ? SER A 122 ? ASP A 113 SER A 122 1 ? 10 
HELX_P HELX_P10 10 GLY A 126 ? LEU A 143 ? GLY A 126 LEU A 143 1 ? 18 
# 
_struct_conf_type.id          HELX_P 
_struct_conf_type.criteria    ? 
_struct_conf_type.reference   ? 
# 
_struct_sheet.id               A 
_struct_sheet.type             ? 
_struct_sheet.number_strands   3 
_struct_sheet.details          ? 
# 
loop_
_struct_sheet_order.sheet_id 
_struct_sheet_order.range_id_1 
_struct_sheet_order.range_id_2 
_struct_sheet_order.offset 
_struct_sheet_order.sense 
A 1 2 ? anti-parallel 
A 2 3 ? anti-parallel 
# 
loop_
_struct_sheet_range.sheet_id 
_struct_sheet_range.id 
_struct_sheet_range.beg_label_comp_id 
_struct_sheet_range.beg_label_asym_id 
_struct_sheet_range.beg_label_seq_id 
_struct_sheet_range.pdbx_beg_PDB_ins_code 
_struct_sheet_range.end_label_comp_id 
_struct_sheet_range.end_label_asym_id 
_struct_sheet_range.end_label_seq_id 
_struct_sheet_range.pdbx_end_PDB_ins_code 
_struct_sheet_range.beg_auth_comp_id 
_struct_sheet_range.beg_auth_asym_id 
_struct_sheet_range.beg_auth_seq_id 
_struct_sheet_range.end_auth_comp_id 
_struct_sheet_range.end_auth_asym_id 
_struct_sheet_range.end_auth_seq_id 
A 1 THR A 54 ? THR A 56  ? THR A 54 THR A 56  
A 2 LEU A 97 ? LEU A 100 ? LEU A 97 LEU A 100 
A 3 ILE A 84 ? THR A 85  ? ILE A 84 THR A 85  
# 
loop_
_pdbx_struct_sheet_hbond.sheet_id 
_pdbx_struct_sheet_hbond.range_id_1 
_pdbx_struct_sheet_hbond.range_id_2 
_pdbx_struct_sheet_hbond.range_1_label_atom_id 
_pdbx_struct_sheet_hbond.range_1_label_comp_id 
_pdbx_struct_sheet_hbond.range_1_label_asym_id 
_pdbx_struct_sheet_hbond.range_1_label_seq_id 
_pdbx_struct_sheet_hbond.range_1_PDB_ins_code 
_pdbx_struct_sheet_hbond.range_1_auth_atom_id 
_pdbx_struct_sheet_hbond.range_1_auth_comp_id 
_pdbx_struct_sheet_hbond.range_1_auth_asym_id 
_pdbx_struct_sheet_hbond.range_1_auth_seq_id 
_pdbx_struct_sheet_hbond.range_2_label_atom_id 
_pdbx_struct_sheet_hbond.range_2_label_comp_id 
_pdbx_struct_sheet_hbond.range_2_label_asym_id 
_pdbx_struct_sheet_hbond.range_2_label_seq_id 
_pdbx_struct_sheet_hbond.range_2_PDB_ins_code 
_pdbx_struct_sheet_hbond.range_2_auth_atom_id 
_pdbx_struct_sheet_hbond.range_2_auth_comp_id 
_pdbx_struct_sheet_hbond.range_2_auth_asym_id 
_pdbx_struct_sheet_hbond.range_2_auth_seq_id 
A 1 2 N LEU A 55 ? N LEU A 55 O ILE A 98 ? O ILE A 98 
A 2 3 O SER A 99 ? O SER A 99 N THR A 85 ? N THR A 85 
# 
loop_
_pdbx_validate_torsion.id 
_pdbx_validate_torsion.PDB_model_num 
_pdbx_validate_torsion.auth_comp_id 
_pdbx_validate_torsion.auth_asym_id 
_pdbx_validate_torsion.auth_seq_id 
_pdbx_validate_torsion.PDB_ins_code 
_pdbx_validate_torsion.label_alt_id 
_pdbx_validate_torsion.phi 
_pdbx_validate_torsion.psi 
1 1 LYS A 27  ? ? -48.63  -17.98 
2 1 LYS A 30  ? ? -28.72  -51.17 
3 1 ASN A 37  ? ? 76.73   -27.84 
4 1 GLU A 53  ? ? 63.10   -53.07 
5 1 LEU A 64  ? ? 168.05  -18.34 
6 1 LYS A 87  ? ? 179.64  118.90 
7 1 ASP A 92  ? ? -162.44 90.97  
8 1 GLU A 93  ? ? -48.40  -17.56 
9 1 LEU A 143 ? ? -70.27  24.14  
# 
_pdbx_struct_special_symmetry.id              1 
_pdbx_struct_special_symmetry.PDB_model_num   1 
_pdbx_struct_special_symmetry.auth_asym_id    A 
_pdbx_struct_special_symmetry.auth_comp_id    HOH 
_pdbx_struct_special_symmetry.auth_seq_id     178 
_pdbx_struct_special_symmetry.PDB_ins_code    ? 
_pdbx_struct_special_symmetry.label_asym_id   B 
_pdbx_struct_special_symmetry.label_comp_id   HOH 
_pdbx_struct_special_symmetry.label_seq_id    . 
# 
loop_
_symmetry_equiv.id 
_symmetry_equiv.pos_as_xyz 
1 'X,  Y,  Z'               
2 '-Y+1/2,  X+1/2,  Z+1/4'  
3 '-X,  -Y,  Z+1/2'         
4 'Y+1/2,  -X+1/2,  Z+3/4'  
5 'X+1/2,  -Y+1/2,  -Z+3/4' 
6 'Y,  X,  -Z'              
7 '-X+1/2,  Y+1/2,  -Z+1/4' 
8 '-Y,  -X,  -Z+1/2'        
# 
loop_
_pdbx_phasing_MAD_set_site.id 
_pdbx_phasing_MAD_set_site.atom_type_symbol 
_pdbx_phasing_MAD_set_site.Cartn_x 
_pdbx_phasing_MAD_set_site.Cartn_y 
_pdbx_phasing_MAD_set_site.Cartn_z 
_pdbx_phasing_MAD_set_site.occupancy 
_pdbx_phasing_MAD_set_site.b_iso 
1 SE 10.641 -27.938 -5.906 1.06 60.0 
2 SE 25.382 -23.485 7.935  1.07 60.0 
3 SE 9.272  -27.033 -1.140 0.94 60.0 
4 SE 10.286 -10.856 24.601 1.11 60.0 
5 SE 25.747 -30.690 -5.043 0.91 60.0 
# 
_pdbx_phasing_dm_shell.d_res_high          3.000 
_pdbx_phasing_dm_shell.d_res_low           500.010 
_pdbx_phasing_dm_shell.delta_phi_final     0.179 
_pdbx_phasing_dm_shell.delta_phi_initial   ? 
_pdbx_phasing_dm_shell.fom_acentric        ? 
_pdbx_phasing_dm_shell.fom_centric         ? 
_pdbx_phasing_dm_shell.fom                 0.190 
_pdbx_phasing_dm_shell.reflns_acentric     ? 
_pdbx_phasing_dm_shell.reflns_centric      ? 
_pdbx_phasing_dm_shell.reflns              3007 
# 
_phasing.method   MAD 
# 
_phasing_MAD_clust.id           1 
_phasing_MAD_clust.expt_id      '3 wavelength' 
_phasing_MAD_clust.number_set   ? 
# 
_phasing_MAD_expt.id         '3 wavelength' 
_phasing_MAD_expt.mean_fom   ? 
# 
loop_
_phasing_MAD_set.clust_id 
_phasing_MAD_set.expt_id 
_phasing_MAD_set.set_id 
_phasing_MAD_set.wavelength 
_phasing_MAD_set.pdbx_f_prime_refined 
_phasing_MAD_set.pdbx_f_double_prime_refined 
1 '3 wavelength' 1 0.9794 -8.25  7.59 
1 '3 wavelength' 2 0.9184 -5.42  3.98 
1 '3 wavelength' 3 0.9796 -15.52 4.40 
# 
loop_
_phasing_set.id 
_phasing_set.pdbx_d_res_high 
_phasing_set.pdbx_d_res_low 
1 . . 
2 . . 
3 . . 
# 
loop_
_pdbx_unobs_or_zero_occ_residues.id 
_pdbx_unobs_or_zero_occ_residues.PDB_model_num 
_pdbx_unobs_or_zero_occ_residues.polymer_flag 
_pdbx_unobs_or_zero_occ_residues.occupancy_flag 
_pdbx_unobs_or_zero_occ_residues.auth_asym_id 
_pdbx_unobs_or_zero_occ_residues.auth_comp_id 
_pdbx_unobs_or_zero_occ_residues.auth_seq_id 
_pdbx_unobs_or_zero_occ_residues.PDB_ins_code 
_pdbx_unobs_or_zero_occ_residues.label_asym_id 
_pdbx_unobs_or_zero_occ_residues.label_comp_id 
_pdbx_unobs_or_zero_occ_residues.label_seq_id 
1  1 Y 1 A MET 1   ? A MET 1   
2  1 Y 1 A GLU 2   ? A GLU 2   
3  1 Y 1 A ASN 3   ? A ASN 3   
4  1 Y 1 A LYS 4   ? A LYS 4   
5  1 Y 1 A PHE 5   ? A PHE 5   
6  1 Y 1 A ASP 6   ? A ASP 6   
7  1 Y 1 A HIS 7   ? A HIS 7   
8  1 Y 1 A GLN 145 ? A GLN 145 
9  1 Y 1 A LYS 146 ? A LYS 146 
10 1 Y 1 A ASN 147 ? A ASN 147 
# 
loop_
_chem_comp_atom.comp_id 
_chem_comp_atom.atom_id 
_chem_comp_atom.type_symbol 
_chem_comp_atom.pdbx_aromatic_flag 
_chem_comp_atom.pdbx_stereo_config 
_chem_comp_atom.pdbx_ordinal 
ALA N    N N N 1   
ALA CA   C N S 2   
ALA C    C N N 3   
ALA O    O N N 4   
ALA CB   C N N 5   
ALA OXT  O N N 6   
ALA H    H N N 7   
ALA H2   H N N 8   
ALA HA   H N N 9   
ALA HB1  H N N 10  
ALA HB2  H N N 11  
ALA HB3  H N N 12  
ALA HXT  H N N 13  
ARG N    N N N 14  
ARG CA   C N S 15  
ARG C    C N N 16  
ARG O    O N N 17  
ARG CB   C N N 18  
ARG CG   C N N 19  
ARG CD   C N N 20  
ARG NE   N N N 21  
ARG CZ   C N N 22  
ARG NH1  N N N 23  
ARG NH2  N N N 24  
ARG OXT  O N N 25  
ARG H    H N N 26  
ARG H2   H N N 27  
ARG HA   H N N 28  
ARG HB2  H N N 29  
ARG HB3  H N N 30  
ARG HG2  H N N 31  
ARG HG3  H N N 32  
ARG HD2  H N N 33  
ARG HD3  H N N 34  
ARG HE   H N N 35  
ARG HH11 H N N 36  
ARG HH12 H N N 37  
ARG HH21 H N N 38  
ARG HH22 H N N 39  
ARG HXT  H N N 40  
ASN N    N N N 41  
ASN CA   C N S 42  
ASN C    C N N 43  
ASN O    O N N 44  
ASN CB   C N N 45  
ASN CG   C N N 46  
ASN OD1  O N N 47  
ASN ND2  N N N 48  
ASN OXT  O N N 49  
ASN H    H N N 50  
ASN H2   H N N 51  
ASN HA   H N N 52  
ASN HB2  H N N 53  
ASN HB3  H N N 54  
ASN HD21 H N N 55  
ASN HD22 H N N 56  
ASN HXT  H N N 57  
ASP N    N N N 58  
ASP CA   C N S 59  
ASP C    C N N 60  
ASP O    O N N 61  
ASP CB   C N N 62  
ASP CG   C N N 63  
ASP OD1  O N N 64  
ASP OD2  O N N 65  
ASP OXT  O N N 66  
ASP H    H N N 67  
ASP H2   H N N 68  
ASP HA   H N N 69  
ASP HB2  H N N 70  
ASP HB3  H N N 71  
ASP HD2  H N N 72  
ASP HXT  H N N 73  
CYS N    N N N 74  
CYS CA   C N R 75  
CYS C    C N N 76  
CYS O    O N N 77  
CYS CB   C N N 78  
CYS SG   S N N 79  
CYS OXT  O N N 80  
CYS H    H N N 81  
CYS H2   H N N 82  
CYS HA   H N N 83  
CYS HB2  H N N 84  
CYS HB3  H N N 85  
CYS HG   H N N 86  
CYS HXT  H N N 87  
GLN N    N N N 88  
GLN CA   C N S 89  
GLN C    C N N 90  
GLN O    O N N 91  
GLN CB   C N N 92  
GLN CG   C N N 93  
GLN CD   C N N 94  
GLN OE1  O N N 95  
GLN NE2  N N N 96  
GLN OXT  O N N 97  
GLN H    H N N 98  
GLN H2   H N N 99  
GLN HA   H N N 100 
GLN HB2  H N N 101 
GLN HB3  H N N 102 
GLN HG2  H N N 103 
GLN HG3  H N N 104 
GLN HE21 H N N 105 
GLN HE22 H N N 106 
GLN HXT  H N N 107 
GLU N    N N N 108 
GLU CA   C N S 109 
GLU C    C N N 110 
GLU O    O N N 111 
GLU CB   C N N 112 
GLU CG   C N N 113 
GLU CD   C N N 114 
GLU OE1  O N N 115 
GLU OE2  O N N 116 
GLU OXT  O N N 117 
GLU H    H N N 118 
GLU H2   H N N 119 
GLU HA   H N N 120 
GLU HB2  H N N 121 
GLU HB3  H N N 122 
GLU HG2  H N N 123 
GLU HG3  H N N 124 
GLU HE2  H N N 125 
GLU HXT  H N N 126 
GLY N    N N N 127 
GLY CA   C N N 128 
GLY C    C N N 129 
GLY O    O N N 130 
GLY OXT  O N N 131 
GLY H    H N N 132 
GLY H2   H N N 133 
GLY HA2  H N N 134 
GLY HA3  H N N 135 
GLY HXT  H N N 136 
HIS N    N N N 137 
HIS CA   C N S 138 
HIS C    C N N 139 
HIS O    O N N 140 
HIS CB   C N N 141 
HIS CG   C Y N 142 
HIS ND1  N Y N 143 
HIS CD2  C Y N 144 
HIS CE1  C Y N 145 
HIS NE2  N Y N 146 
HIS OXT  O N N 147 
HIS H    H N N 148 
HIS H2   H N N 149 
HIS HA   H N N 150 
HIS HB2  H N N 151 
HIS HB3  H N N 152 
HIS HD1  H N N 153 
HIS HD2  H N N 154 
HIS HE1  H N N 155 
HIS HE2  H N N 156 
HIS HXT  H N N 157 
HOH O    O N N 158 
HOH H1   H N N 159 
HOH H2   H N N 160 
ILE N    N N N 161 
ILE CA   C N S 162 
ILE C    C N N 163 
ILE O    O N N 164 
ILE CB   C N S 165 
ILE CG1  C N N 166 
ILE CG2  C N N 167 
ILE CD1  C N N 168 
ILE OXT  O N N 169 
ILE H    H N N 170 
ILE H2   H N N 171 
ILE HA   H N N 172 
ILE HB   H N N 173 
ILE HG12 H N N 174 
ILE HG13 H N N 175 
ILE HG21 H N N 176 
ILE HG22 H N N 177 
ILE HG23 H N N 178 
ILE HD11 H N N 179 
ILE HD12 H N N 180 
ILE HD13 H N N 181 
ILE HXT  H N N 182 
LEU N    N N N 183 
LEU CA   C N S 184 
LEU C    C N N 185 
LEU O    O N N 186 
LEU CB   C N N 187 
LEU CG   C N N 188 
LEU CD1  C N N 189 
LEU CD2  C N N 190 
LEU OXT  O N N 191 
LEU H    H N N 192 
LEU H2   H N N 193 
LEU HA   H N N 194 
LEU HB2  H N N 195 
LEU HB3  H N N 196 
LEU HG   H N N 197 
LEU HD11 H N N 198 
LEU HD12 H N N 199 
LEU HD13 H N N 200 
LEU HD21 H N N 201 
LEU HD22 H N N 202 
LEU HD23 H N N 203 
LEU HXT  H N N 204 
LYS N    N N N 205 
LYS CA   C N S 206 
LYS C    C N N 207 
LYS O    O N N 208 
LYS CB   C N N 209 
LYS CG   C N N 210 
LYS CD   C N N 211 
LYS CE   C N N 212 
LYS NZ   N N N 213 
LYS OXT  O N N 214 
LYS H    H N N 215 
LYS H2   H N N 216 
LYS HA   H N N 217 
LYS HB2  H N N 218 
LYS HB3  H N N 219 
LYS HG2  H N N 220 
LYS HG3  H N N 221 
LYS HD2  H N N 222 
LYS HD3  H N N 223 
LYS HE2  H N N 224 
LYS HE3  H N N 225 
LYS HZ1  H N N 226 
LYS HZ2  H N N 227 
LYS HZ3  H N N 228 
LYS HXT  H N N 229 
MET N    N N N 230 
MET CA   C N S 231 
MET C    C N N 232 
MET O    O N N 233 
MET CB   C N N 234 
MET CG   C N N 235 
MET SD   S N N 236 
MET CE   C N N 237 
MET OXT  O N N 238 
MET H    H N N 239 
MET H2   H N N 240 
MET HA   H N N 241 
MET HB2  H N N 242 
MET HB3  H N N 243 
MET HG2  H N N 244 
MET HG3  H N N 245 
MET HE1  H N N 246 
MET HE2  H N N 247 
MET HE3  H N N 248 
MET HXT  H N N 249 
PHE N    N N N 250 
PHE CA   C N S 251 
PHE C    C N N 252 
PHE O    O N N 253 
PHE CB   C N N 254 
PHE CG   C Y N 255 
PHE CD1  C Y N 256 
PHE CD2  C Y N 257 
PHE CE1  C Y N 258 
PHE CE2  C Y N 259 
PHE CZ   C Y N 260 
PHE OXT  O N N 261 
PHE H    H N N 262 
PHE H2   H N N 263 
PHE HA   H N N 264 
PHE HB2  H N N 265 
PHE HB3  H N N 266 
PHE HD1  H N N 267 
PHE HD2  H N N 268 
PHE HE1  H N N 269 
PHE HE2  H N N 270 
PHE HZ   H N N 271 
PHE HXT  H N N 272 
PRO N    N N N 273 
PRO CA   C N S 274 
PRO C    C N N 275 
PRO O    O N N 276 
PRO CB   C N N 277 
PRO CG   C N N 278 
PRO CD   C N N 279 
PRO OXT  O N N 280 
PRO H    H N N 281 
PRO HA   H N N 282 
PRO HB2  H N N 283 
PRO HB3  H N N 284 
PRO HG2  H N N 285 
PRO HG3  H N N 286 
PRO HD2  H N N 287 
PRO HD3  H N N 288 
PRO HXT  H N N 289 
SER N    N N N 290 
SER CA   C N S 291 
SER C    C N N 292 
SER O    O N N 293 
SER CB   C N N 294 
SER OG   O N N 295 
SER OXT  O N N 296 
SER H    H N N 297 
SER H2   H N N 298 
SER HA   H N N 299 
SER HB2  H N N 300 
SER HB3  H N N 301 
SER HG   H N N 302 
SER HXT  H N N 303 
THR N    N N N 304 
THR CA   C N S 305 
THR C    C N N 306 
THR O    O N N 307 
THR CB   C N R 308 
THR OG1  O N N 309 
THR CG2  C N N 310 
THR OXT  O N N 311 
THR H    H N N 312 
THR H2   H N N 313 
THR HA   H N N 314 
THR HB   H N N 315 
THR HG1  H N N 316 
THR HG21 H N N 317 
THR HG22 H N N 318 
THR HG23 H N N 319 
THR HXT  H N N 320 
TRP N    N N N 321 
TRP CA   C N S 322 
TRP C    C N N 323 
TRP O    O N N 324 
TRP CB   C N N 325 
TRP CG   C Y N 326 
TRP CD1  C Y N 327 
TRP CD2  C Y N 328 
TRP NE1  N Y N 329 
TRP CE2  C Y N 330 
TRP CE3  C Y N 331 
TRP CZ2  C Y N 332 
TRP CZ3  C Y N 333 
TRP CH2  C Y N 334 
TRP OXT  O N N 335 
TRP H    H N N 336 
TRP H2   H N N 337 
TRP HA   H N N 338 
TRP HB2  H N N 339 
TRP HB3  H N N 340 
TRP HD1  H N N 341 
TRP HE1  H N N 342 
TRP HE3  H N N 343 
TRP HZ2  H N N 344 
TRP HZ3  H N N 345 
TRP HH2  H N N 346 
TRP HXT  H N N 347 
TYR N    N N N 348 
TYR CA   C N S 349 
TYR C    C N N 350 
TYR O    O N N 351 
TYR CB   C N N 352 
TYR CG   C Y N 353 
TYR CD1  C Y N 354 
TYR CD2  C Y N 355 
TYR CE1  C Y N 356 
TYR CE2  C Y N 357 
TYR CZ   C Y N 358 
TYR OH   O N N 359 
TYR OXT  O N N 360 
TYR H    H N N 361 
TYR H2   H N N 362 
TYR HA   H N N 363 
TYR HB2  H N N 364 
TYR HB3  H N N 365 
TYR HD1  H N N 366 
TYR HD2  H N N 367 
TYR HE1  H N N 368 
TYR HE2  H N N 369 
TYR HH   H N N 370 
TYR HXT  H N N 371 
VAL N    N N N 372 
VAL CA   C N S 373 
VAL C    C N N 374 
VAL O    O N N 375 
VAL CB   C N N 376 
VAL CG1  C N N 377 
VAL CG2  C N N 378 
VAL OXT  O N N 379 
VAL H    H N N 380 
VAL H2   H N N 381 
VAL HA   H N N 382 
VAL HB   H N N 383 
VAL HG11 H N N 384 
VAL HG12 H N N 385 
VAL HG13 H N N 386 
VAL HG21 H N N 387 
VAL HG22 H N N 388 
VAL HG23 H N N 389 
VAL HXT  H N N 390 
# 
loop_
_chem_comp_bond.comp_id 
_chem_comp_bond.atom_id_1 
_chem_comp_bond.atom_id_2 
_chem_comp_bond.value_order 
_chem_comp_bond.pdbx_aromatic_flag 
_chem_comp_bond.pdbx_stereo_config 
_chem_comp_bond.pdbx_ordinal 
ALA N   CA   sing N N 1   
ALA N   H    sing N N 2   
ALA N   H2   sing N N 3   
ALA CA  C    sing N N 4   
ALA CA  CB   sing N N 5   
ALA CA  HA   sing N N 6   
ALA C   O    doub N N 7   
ALA C   OXT  sing N N 8   
ALA CB  HB1  sing N N 9   
ALA CB  HB2  sing N N 10  
ALA CB  HB3  sing N N 11  
ALA OXT HXT  sing N N 12  
ARG N   CA   sing N N 13  
ARG N   H    sing N N 14  
ARG N   H2   sing N N 15  
ARG CA  C    sing N N 16  
ARG CA  CB   sing N N 17  
ARG CA  HA   sing N N 18  
ARG C   O    doub N N 19  
ARG C   OXT  sing N N 20  
ARG CB  CG   sing N N 21  
ARG CB  HB2  sing N N 22  
ARG CB  HB3  sing N N 23  
ARG CG  CD   sing N N 24  
ARG CG  HG2  sing N N 25  
ARG CG  HG3  sing N N 26  
ARG CD  NE   sing N N 27  
ARG CD  HD2  sing N N 28  
ARG CD  HD3  sing N N 29  
ARG NE  CZ   sing N N 30  
ARG NE  HE   sing N N 31  
ARG CZ  NH1  sing N N 32  
ARG CZ  NH2  doub N N 33  
ARG NH1 HH11 sing N N 34  
ARG NH1 HH12 sing N N 35  
ARG NH2 HH21 sing N N 36  
ARG NH2 HH22 sing N N 37  
ARG OXT HXT  sing N N 38  
ASN N   CA   sing N N 39  
ASN N   H    sing N N 40  
ASN N   H2   sing N N 41  
ASN CA  C    sing N N 42  
ASN CA  CB   sing N N 43  
ASN CA  HA   sing N N 44  
ASN C   O    doub N N 45  
ASN C   OXT  sing N N 46  
ASN CB  CG   sing N N 47  
ASN CB  HB2  sing N N 48  
ASN CB  HB3  sing N N 49  
ASN CG  OD1  doub N N 50  
ASN CG  ND2  sing N N 51  
ASN ND2 HD21 sing N N 52  
ASN ND2 HD22 sing N N 53  
ASN OXT HXT  sing N N 54  
ASP N   CA   sing N N 55  
ASP N   H    sing N N 56  
ASP N   H2   sing N N 57  
ASP CA  C    sing N N 58  
ASP CA  CB   sing N N 59  
ASP CA  HA   sing N N 60  
ASP C   O    doub N N 61  
ASP C   OXT  sing N N 62  
ASP CB  CG   sing N N 63  
ASP CB  HB2  sing N N 64  
ASP CB  HB3  sing N N 65  
ASP CG  OD1  doub N N 66  
ASP CG  OD2  sing N N 67  
ASP OD2 HD2  sing N N 68  
ASP OXT HXT  sing N N 69  
CYS N   CA   sing N N 70  
CYS N   H    sing N N 71  
CYS N   H2   sing N N 72  
CYS CA  C    sing N N 73  
CYS CA  CB   sing N N 74  
CYS CA  HA   sing N N 75  
CYS C   O    doub N N 76  
CYS C   OXT  sing N N 77  
CYS CB  SG   sing N N 78  
CYS CB  HB2  sing N N 79  
CYS CB  HB3  sing N N 80  
CYS SG  HG   sing N N 81  
CYS OXT HXT  sing N N 82  
GLN N   CA   sing N N 83  
GLN N   H    sing N N 84  
GLN N   H2   sing N N 85  
GLN CA  C    sing N N 86  
GLN CA  CB   sing N N 87  
GLN CA  HA   sing N N 88  
GLN C   O    doub N N 89  
GLN C   OXT  sing N N 90  
GLN CB  CG   sing N N 91  
GLN CB  HB2  sing N N 92  
GLN CB  HB3  sing N N 93  
GLN CG  CD   sing N N 94  
GLN CG  HG2  sing N N 95  
GLN CG  HG3  sing N N 96  
GLN CD  OE1  doub N N 97  
GLN CD  NE2  sing N N 98  
GLN NE2 HE21 sing N N 99  
GLN NE2 HE22 sing N N 100 
GLN OXT HXT  sing N N 101 
GLU N   CA   sing N N 102 
GLU N   H    sing N N 103 
GLU N   H2   sing N N 104 
GLU CA  C    sing N N 105 
GLU CA  CB   sing N N 106 
GLU CA  HA   sing N N 107 
GLU C   O    doub N N 108 
GLU C   OXT  sing N N 109 
GLU CB  CG   sing N N 110 
GLU CB  HB2  sing N N 111 
GLU CB  HB3  sing N N 112 
GLU CG  CD   sing N N 113 
GLU CG  HG2  sing N N 114 
GLU CG  HG3  sing N N 115 
GLU CD  OE1  doub N N 116 
GLU CD  OE2  sing N N 117 
GLU OE2 HE2  sing N N 118 
GLU OXT HXT  sing N N 119 
GLY N   CA   sing N N 120 
GLY N   H    sing N N 121 
GLY N   H2   sing N N 122 
GLY CA  C    sing N N 123 
GLY CA  HA2  sing N N 124 
GLY CA  HA3  sing N N 125 
GLY C   O    doub N N 126 
GLY C   OXT  sing N N 127 
GLY OXT HXT  sing N N 128 
HIS N   CA   sing N N 129 
HIS N   H    sing N N 130 
HIS N   H2   sing N N 131 
HIS CA  C    sing N N 132 
HIS CA  CB   sing N N 133 
HIS CA  HA   sing N N 134 
HIS C   O    doub N N 135 
HIS C   OXT  sing N N 136 
HIS CB  CG   sing N N 137 
HIS CB  HB2  sing N N 138 
HIS CB  HB3  sing N N 139 
HIS CG  ND1  sing Y N 140 
HIS CG  CD2  doub Y N 141 
HIS ND1 CE1  doub Y N 142 
HIS ND1 HD1  sing N N 143 
HIS CD2 NE2  sing Y N 144 
HIS CD2 HD2  sing N N 145 
HIS CE1 NE2  sing Y N 146 
HIS CE1 HE1  sing N N 147 
HIS NE2 HE2  sing N N 148 
HIS OXT HXT  sing N N 149 
HOH O   H1   sing N N 150 
HOH O   H2   sing N N 151 
ILE N   CA   sing N N 152 
ILE N   H    sing N N 153 
ILE N   H2   sing N N 154 
ILE CA  C    sing N N 155 
ILE CA  CB   sing N N 156 
ILE CA  HA   sing N N 157 
ILE C   O    doub N N 158 
ILE C   OXT  sing N N 159 
ILE CB  CG1  sing N N 160 
ILE CB  CG2  sing N N 161 
ILE CB  HB   sing N N 162 
ILE CG1 CD1  sing N N 163 
ILE CG1 HG12 sing N N 164 
ILE CG1 HG13 sing N N 165 
ILE CG2 HG21 sing N N 166 
ILE CG2 HG22 sing N N 167 
ILE CG2 HG23 sing N N 168 
ILE CD1 HD11 sing N N 169 
ILE CD1 HD12 sing N N 170 
ILE CD1 HD13 sing N N 171 
ILE OXT HXT  sing N N 172 
LEU N   CA   sing N N 173 
LEU N   H    sing N N 174 
LEU N   H2   sing N N 175 
LEU CA  C    sing N N 176 
LEU CA  CB   sing N N 177 
LEU CA  HA   sing N N 178 
LEU C   O    doub N N 179 
LEU C   OXT  sing N N 180 
LEU CB  CG   sing N N 181 
LEU CB  HB2  sing N N 182 
LEU CB  HB3  sing N N 183 
LEU CG  CD1  sing N N 184 
LEU CG  CD2  sing N N 185 
LEU CG  HG   sing N N 186 
LEU CD1 HD11 sing N N 187 
LEU CD1 HD12 sing N N 188 
LEU CD1 HD13 sing N N 189 
LEU CD2 HD21 sing N N 190 
LEU CD2 HD22 sing N N 191 
LEU CD2 HD23 sing N N 192 
LEU OXT HXT  sing N N 193 
LYS N   CA   sing N N 194 
LYS N   H    sing N N 195 
LYS N   H2   sing N N 196 
LYS CA  C    sing N N 197 
LYS CA  CB   sing N N 198 
LYS CA  HA   sing N N 199 
LYS C   O    doub N N 200 
LYS C   OXT  sing N N 201 
LYS CB  CG   sing N N 202 
LYS CB  HB2  sing N N 203 
LYS CB  HB3  sing N N 204 
LYS CG  CD   sing N N 205 
LYS CG  HG2  sing N N 206 
LYS CG  HG3  sing N N 207 
LYS CD  CE   sing N N 208 
LYS CD  HD2  sing N N 209 
LYS CD  HD3  sing N N 210 
LYS CE  NZ   sing N N 211 
LYS CE  HE2  sing N N 212 
LYS CE  HE3  sing N N 213 
LYS NZ  HZ1  sing N N 214 
LYS NZ  HZ2  sing N N 215 
LYS NZ  HZ3  sing N N 216 
LYS OXT HXT  sing N N 217 
MET N   CA   sing N N 218 
MET N   H    sing N N 219 
MET N   H2   sing N N 220 
MET CA  C    sing N N 221 
MET CA  CB   sing N N 222 
MET CA  HA   sing N N 223 
MET C   O    doub N N 224 
MET C   OXT  sing N N 225 
MET CB  CG   sing N N 226 
MET CB  HB2  sing N N 227 
MET CB  HB3  sing N N 228 
MET CG  SD   sing N N 229 
MET CG  HG2  sing N N 230 
MET CG  HG3  sing N N 231 
MET SD  CE   sing N N 232 
MET CE  HE1  sing N N 233 
MET CE  HE2  sing N N 234 
MET CE  HE3  sing N N 235 
MET OXT HXT  sing N N 236 
PHE N   CA   sing N N 237 
PHE N   H    sing N N 238 
PHE N   H2   sing N N 239 
PHE CA  C    sing N N 240 
PHE CA  CB   sing N N 241 
PHE CA  HA   sing N N 242 
PHE C   O    doub N N 243 
PHE C   OXT  sing N N 244 
PHE CB  CG   sing N N 245 
PHE CB  HB2  sing N N 246 
PHE CB  HB3  sing N N 247 
PHE CG  CD1  doub Y N 248 
PHE CG  CD2  sing Y N 249 
PHE CD1 CE1  sing Y N 250 
PHE CD1 HD1  sing N N 251 
PHE CD2 CE2  doub Y N 252 
PHE CD2 HD2  sing N N 253 
PHE CE1 CZ   doub Y N 254 
PHE CE1 HE1  sing N N 255 
PHE CE2 CZ   sing Y N 256 
PHE CE2 HE2  sing N N 257 
PHE CZ  HZ   sing N N 258 
PHE OXT HXT  sing N N 259 
PRO N   CA   sing N N 260 
PRO N   CD   sing N N 261 
PRO N   H    sing N N 262 
PRO CA  C    sing N N 263 
PRO CA  CB   sing N N 264 
PRO CA  HA   sing N N 265 
PRO C   O    doub N N 266 
PRO C   OXT  sing N N 267 
PRO CB  CG   sing N N 268 
PRO CB  HB2  sing N N 269 
PRO CB  HB3  sing N N 270 
PRO CG  CD   sing N N 271 
PRO CG  HG2  sing N N 272 
PRO CG  HG3  sing N N 273 
PRO CD  HD2  sing N N 274 
PRO CD  HD3  sing N N 275 
PRO OXT HXT  sing N N 276 
SER N   CA   sing N N 277 
SER N   H    sing N N 278 
SER N   H2   sing N N 279 
SER CA  C    sing N N 280 
SER CA  CB   sing N N 281 
SER CA  HA   sing N N 282 
SER C   O    doub N N 283 
SER C   OXT  sing N N 284 
SER CB  OG   sing N N 285 
SER CB  HB2  sing N N 286 
SER CB  HB3  sing N N 287 
SER OG  HG   sing N N 288 
SER OXT HXT  sing N N 289 
THR N   CA   sing N N 290 
THR N   H    sing N N 291 
THR N   H2   sing N N 292 
THR CA  C    sing N N 293 
THR CA  CB   sing N N 294 
THR CA  HA   sing N N 295 
THR C   O    doub N N 296 
THR C   OXT  sing N N 297 
THR CB  OG1  sing N N 298 
THR CB  CG2  sing N N 299 
THR CB  HB   sing N N 300 
THR OG1 HG1  sing N N 301 
THR CG2 HG21 sing N N 302 
THR CG2 HG22 sing N N 303 
THR CG2 HG23 sing N N 304 
THR OXT HXT  sing N N 305 
TRP N   CA   sing N N 306 
TRP N   H    sing N N 307 
TRP N   H2   sing N N 308 
TRP CA  C    sing N N 309 
TRP CA  CB   sing N N 310 
TRP CA  HA   sing N N 311 
TRP C   O    doub N N 312 
TRP C   OXT  sing N N 313 
TRP CB  CG   sing N N 314 
TRP CB  HB2  sing N N 315 
TRP CB  HB3  sing N N 316 
TRP CG  CD1  doub Y N 317 
TRP CG  CD2  sing Y N 318 
TRP CD1 NE1  sing Y N 319 
TRP CD1 HD1  sing N N 320 
TRP CD2 CE2  doub Y N 321 
TRP CD2 CE3  sing Y N 322 
TRP NE1 CE2  sing Y N 323 
TRP NE1 HE1  sing N N 324 
TRP CE2 CZ2  sing Y N 325 
TRP CE3 CZ3  doub Y N 326 
TRP CE3 HE3  sing N N 327 
TRP CZ2 CH2  doub Y N 328 
TRP CZ2 HZ2  sing N N 329 
TRP CZ3 CH2  sing Y N 330 
TRP CZ3 HZ3  sing N N 331 
TRP CH2 HH2  sing N N 332 
TRP OXT HXT  sing N N 333 
TYR N   CA   sing N N 334 
TYR N   H    sing N N 335 
TYR N   H2   sing N N 336 
TYR CA  C    sing N N 337 
TYR CA  CB   sing N N 338 
TYR CA  HA   sing N N 339 
TYR C   O    doub N N 340 
TYR C   OXT  sing N N 341 
TYR CB  CG   sing N N 342 
TYR CB  HB2  sing N N 343 
TYR CB  HB3  sing N N 344 
TYR CG  CD1  doub Y N 345 
TYR CG  CD2  sing Y N 346 
TYR CD1 CE1  sing Y N 347 
TYR CD1 HD1  sing N N 348 
TYR CD2 CE2  doub Y N 349 
TYR CD2 HD2  sing N N 350 
TYR CE1 CZ   doub Y N 351 
TYR CE1 HE1  sing N N 352 
TYR CE2 CZ   sing Y N 353 
TYR CE2 HE2  sing N N 354 
TYR CZ  OH   sing N N 355 
TYR OH  HH   sing N N 356 
TYR OXT HXT  sing N N 357 
VAL N   CA   sing N N 358 
VAL N   H    sing N N 359 
VAL N   H2   sing N N 360 
VAL CA  C    sing N N 361 
VAL CA  CB   sing N N 362 
VAL CA  HA   sing N N 363 
VAL C   O    doub N N 364 
VAL C   OXT  sing N N 365 
VAL CB  CG1  sing N N 366 
VAL CB  CG2  sing N N 367 
VAL CB  HB   sing N N 368 
VAL CG1 HG11 sing N N 369 
VAL CG1 HG12 sing N N 370 
VAL CG1 HG13 sing N N 371 
VAL CG2 HG21 sing N N 372 
VAL CG2 HG22 sing N N 373 
VAL CG2 HG23 sing N N 374 
VAL OXT HXT  sing N N 375 
# 
_reflns_scale.group_code   1 
# 
_atom_sites.entry_id                    1Z91 
_atom_sites.fract_transf_matrix[1][1]   0.01016726 
_atom_sites.fract_transf_matrix[1][2]   0.00107400 
_atom_sites.fract_transf_matrix[1][3]   0.01489354 
_atom_sites.fract_transf_matrix[2][1]   0.01218485 
_atom_sites.fract_transf_matrix[2][2]   -0.01101192 
_atom_sites.fract_transf_matrix[2][3]   -0.00752405 
_atom_sites.fract_transf_matrix[3][1]   0.00618554 
_atom_sites.fract_transf_matrix[3][2]   0.01023379 
_atom_sites.fract_transf_matrix[3][3]   -0.00496061 
_atom_sites.fract_transf_vector[1]      0.187689 
_atom_sites.fract_transf_vector[2]      0.126864 
_atom_sites.fract_transf_vector[3]      0.222929 
# 
loop_
_atom_type.symbol 
C 
N 
O 
S 
# 
loop_
_atom_site.group_PDB 
_atom_site.id 
_atom_site.type_symbol 
_atom_site.label_atom_id 
_atom_site.label_alt_id 
_atom_site.label_comp_id 
_atom_site.label_asym_id 
_atom_site.label_entity_id 
_atom_site.label_seq_id 
_atom_site.pdbx_PDB_ins_code 
_atom_site.Cartn_x 
_atom_site.Cartn_y 
_atom_site.Cartn_z 
_atom_site.occupancy 
_atom_site.B_iso_or_equiv 
_atom_site.pdbx_formal_charge 
_atom_site.auth_seq_id 
_atom_site.auth_comp_id 
_atom_site.auth_asym_id 
_atom_site.auth_atom_id 
_atom_site.pdbx_PDB_model_num 
ATOM   1    N N   . MET A 1 8   ? -23.122 12.702  -19.837 1.00 44.48 ? 8   MET A N   1 
ATOM   2    C CA  . MET A 1 8   ? -22.563 13.152  -18.532 1.00 34.35 ? 8   MET A CA  1 
ATOM   3    C C   . MET A 1 8   ? -23.029 12.328  -17.340 1.00 29.83 ? 8   MET A C   1 
ATOM   4    O O   . MET A 1 8   ? -23.102 12.837  -16.228 1.00 31.55 ? 8   MET A O   1 
ATOM   5    C CB  . MET A 1 8   ? -22.901 14.627  -18.289 1.00 34.91 ? 8   MET A CB  1 
ATOM   6    C CG  . MET A 1 8   ? -21.992 15.595  -19.029 1.00 39.13 ? 8   MET A CG  1 
ATOM   7    S SD  . MET A 1 8   ? -22.300 17.294  -18.549 1.00 48.86 ? 8   MET A SD  1 
ATOM   8    C CE  . MET A 1 8   ? -21.085 17.543  -17.254 1.00 42.49 ? 8   MET A CE  1 
ATOM   9    N N   . LYS A 1 9   ? -23.344 11.057  -17.552 1.00 29.29 ? 9   LYS A N   1 
ATOM   10   C CA  . LYS A 1 9   ? -23.782 10.247  -16.427 1.00 27.21 ? 9   LYS A CA  1 
ATOM   11   C C   . LYS A 1 9   ? -22.600 10.084  -15.470 1.00 28.77 ? 9   LYS A C   1 
ATOM   12   O O   . LYS A 1 9   ? -21.432 10.069  -15.880 1.00 28.68 ? 9   LYS A O   1 
ATOM   13   C CB  . LYS A 1 9   ? -24.282 8.873   -16.891 1.00 25.97 ? 9   LYS A CB  1 
ATOM   14   C CG  . LYS A 1 9   ? -25.442 8.935   -17.872 1.00 30.23 ? 9   LYS A CG  1 
ATOM   15   C CD  . LYS A 1 9   ? -26.057 7.567   -18.112 1.00 32.49 ? 9   LYS A CD  1 
ATOM   16   C CE  . LYS A 1 9   ? -26.873 7.539   -19.409 1.00 38.68 ? 9   LYS A CE  1 
ATOM   17   N NZ  . LYS A 1 9   ? -28.095 8.390   -19.399 1.00 34.77 ? 9   LYS A NZ  1 
ATOM   18   N N   . LEU A 1 10  ? -22.909 9.992   -14.186 1.00 23.68 ? 10  LEU A N   1 
ATOM   19   C CA  . LEU A 1 10  ? -21.879 9.823   -13.185 1.00 18.08 ? 10  LEU A CA  1 
ATOM   20   C C   . LEU A 1 10  ? -21.023 8.592   -13.516 1.00 22.78 ? 10  LEU A C   1 
ATOM   21   O O   . LEU A 1 10  ? -19.792 8.663   -13.524 1.00 24.03 ? 10  LEU A O   1 
ATOM   22   C CB  . LEU A 1 10  ? -22.538 9.682   -11.812 1.00 15.06 ? 10  LEU A CB  1 
ATOM   23   C CG  . LEU A 1 10  ? -21.651 9.319   -10.625 1.00 19.35 ? 10  LEU A CG  1 
ATOM   24   C CD1 . LEU A 1 10  ? -20.676 10.451  -10.365 1.00 20.55 ? 10  LEU A CD1 1 
ATOM   25   C CD2 . LEU A 1 10  ? -22.513 9.055   -9.402  1.00 13.88 ? 10  LEU A CD2 1 
ATOM   26   N N   . GLU A 1 11  ? -21.673 7.470   -13.824 1.00 24.67 ? 11  GLU A N   1 
ATOM   27   C CA  . GLU A 1 11  ? -20.956 6.234   -14.132 1.00 24.12 ? 11  GLU A CA  1 
ATOM   28   C C   . GLU A 1 11  ? -20.228 6.186   -15.484 1.00 20.51 ? 11  GLU A C   1 
ATOM   29   O O   . GLU A 1 11  ? -19.686 5.156   -15.857 1.00 24.26 ? 11  GLU A O   1 
ATOM   30   C CB  . GLU A 1 11  ? -21.897 5.027   -13.994 1.00 29.66 ? 11  GLU A CB  1 
ATOM   31   C CG  . GLU A 1 11  ? -23.353 5.317   -14.327 1.00 39.64 ? 11  GLU A CG  1 
ATOM   32   C CD  . GLU A 1 11  ? -24.118 5.935   -13.164 1.00 45.08 ? 11  GLU A CD  1 
ATOM   33   O OE1 . GLU A 1 11  ? -24.388 5.216   -12.176 1.00 49.42 ? 11  GLU A OE1 1 
ATOM   34   O OE2 . GLU A 1 11  ? -24.448 7.139   -13.235 1.00 34.10 ? 11  GLU A OE2 1 
ATOM   35   N N   . ASN A 1 12  ? -20.218 7.287   -16.224 1.00 25.26 ? 12  ASN A N   1 
ATOM   36   C CA  . ASN A 1 12  ? -19.489 7.313   -17.488 1.00 25.25 ? 12  ASN A CA  1 
ATOM   37   C C   . ASN A 1 12  ? -18.206 8.116   -17.257 1.00 24.10 ? 12  ASN A C   1 
ATOM   38   O O   . ASN A 1 12  ? -17.363 8.237   -18.142 1.00 26.41 ? 12  ASN A O   1 
ATOM   39   C CB  . ASN A 1 12  ? -20.312 7.963   -18.604 1.00 30.18 ? 12  ASN A CB  1 
ATOM   40   C CG  . ASN A 1 12  ? -19.588 7.931   -19.952 1.00 34.76 ? 12  ASN A CG  1 
ATOM   41   O OD1 . ASN A 1 12  ? -19.337 8.969   -20.561 1.00 43.73 ? 12  ASN A OD1 1 
ATOM   42   N ND2 . ASN A 1 12  ? -19.251 6.732   -20.417 1.00 32.21 ? 12  ASN A ND2 1 
ATOM   43   N N   . GLN A 1 13  ? -18.071 8.665   -16.054 1.00 20.44 ? 13  GLN A N   1 
ATOM   44   C CA  . GLN A 1 13  ? -16.889 9.440   -15.691 1.00 25.10 ? 13  GLN A CA  1 
ATOM   45   C C   . GLN A 1 13  ? -15.772 8.503   -15.245 1.00 19.11 ? 13  GLN A C   1 
ATOM   46   O O   . GLN A 1 13  ? -15.936 7.735   -14.303 1.00 29.14 ? 13  GLN A O   1 
ATOM   47   C CB  . GLN A 1 13  ? -17.234 10.424  -14.568 1.00 27.40 ? 13  GLN A CB  1 
ATOM   48   C CG  . GLN A 1 13  ? -18.364 11.381  -14.929 1.00 26.38 ? 13  GLN A CG  1 
ATOM   49   C CD  . GLN A 1 13  ? -18.114 12.101  -16.237 1.00 27.08 ? 13  GLN A CD  1 
ATOM   50   O OE1 . GLN A 1 13  ? -17.135 12.834  -16.374 1.00 24.05 ? 13  GLN A OE1 1 
ATOM   51   N NE2 . GLN A 1 13  ? -19.005 11.899  -17.210 1.00 24.26 ? 13  GLN A NE2 1 
ATOM   52   N N   . LEU A 1 14  ? -14.633 8.566   -15.921 1.00 17.15 ? 14  LEU A N   1 
ATOM   53   C CA  . LEU A 1 14  ? -13.508 7.700   -15.586 1.00 14.35 ? 14  LEU A CA  1 
ATOM   54   C C   . LEU A 1 14  ? -12.952 7.979   -14.190 1.00 13.59 ? 14  LEU A C   1 
ATOM   55   O O   . LEU A 1 14  ? -12.473 7.073   -13.510 1.00 17.04 ? 14  LEU A O   1 
ATOM   56   C CB  . LEU A 1 14  ? -12.410 7.868   -16.639 1.00 15.79 ? 14  LEU A CB  1 
ATOM   57   C CG  . LEU A 1 14  ? -11.037 7.255   -16.368 1.00 18.47 ? 14  LEU A CG  1 
ATOM   58   C CD1 . LEU A 1 14  ? -11.147 5.763   -16.155 1.00 8.73  ? 14  LEU A CD1 1 
ATOM   59   C CD2 . LEU A 1 14  ? -10.129 7.574   -17.531 1.00 10.08 ? 14  LEU A CD2 1 
ATOM   60   N N   . SER A 1 15  ? -13.019 9.231   -13.754 1.00 14.51 ? 15  SER A N   1 
ATOM   61   C CA  . SER A 1 15  ? -12.503 9.566   -12.435 1.00 15.85 ? 15  SER A CA  1 
ATOM   62   C C   . SER A 1 15  ? -13.349 8.888   -11.363 1.00 17.48 ? 15  SER A C   1 
ATOM   63   O O   . SER A 1 15  ? -12.803 8.301   -10.430 1.00 25.40 ? 15  SER A O   1 
ATOM   64   C CB  . SER A 1 15  ? -12.459 11.086  -12.228 1.00 8.05  ? 15  SER A CB  1 
ATOM   65   O OG  . SER A 1 15  ? -13.736 11.679  -12.414 1.00 11.06 ? 15  SER A OG  1 
ATOM   66   N N   . PHE A 1 16  ? -14.671 8.947   -11.494 1.00 14.56 ? 16  PHE A N   1 
ATOM   67   C CA  . PHE A 1 16  ? -15.518 8.286   -10.509 1.00 21.85 ? 16  PHE A CA  1 
ATOM   68   C C   . PHE A 1 16  ? -15.341 6.754   -10.547 1.00 19.39 ? 16  PHE A C   1 
ATOM   69   O O   . PHE A 1 16  ? -15.256 6.114   -9.501  1.00 22.91 ? 16  PHE A O   1 
ATOM   70   C CB  . PHE A 1 16  ? -16.996 8.644   -10.722 1.00 21.98 ? 16  PHE A CB  1 
ATOM   71   C CG  . PHE A 1 16  ? -17.939 7.709   -10.028 1.00 6.55  ? 16  PHE A CG  1 
ATOM   72   C CD1 . PHE A 1 16  ? -18.568 6.697   -10.733 1.00 10.87 ? 16  PHE A CD1 1 
ATOM   73   C CD2 . PHE A 1 16  ? -18.121 7.776   -8.652  1.00 10.66 ? 16  PHE A CD2 1 
ATOM   74   C CE1 . PHE A 1 16  ? -19.374 5.736   -10.071 1.00 11.53 ? 16  PHE A CE1 1 
ATOM   75   C CE2 . PHE A 1 16  ? -18.914 6.833   -7.976  1.00 11.58 ? 16  PHE A CE2 1 
ATOM   76   C CZ  . PHE A 1 16  ? -19.542 5.805   -8.701  1.00 4.49  ? 16  PHE A CZ  1 
ATOM   77   N N   . LEU A 1 17  ? -15.279 6.181   -11.747 1.00 15.97 ? 17  LEU A N   1 
ATOM   78   C CA  . LEU A 1 17  ? -15.106 4.739   -11.924 1.00 14.39 ? 17  LEU A CA  1 
ATOM   79   C C   . LEU A 1 17  ? -13.848 4.206   -11.243 1.00 12.97 ? 17  LEU A C   1 
ATOM   80   O O   . LEU A 1 17  ? -13.857 3.125   -10.644 1.00 9.16  ? 17  LEU A O   1 
ATOM   81   C CB  . LEU A 1 17  ? -15.084 4.399   -13.419 1.00 11.70 ? 17  LEU A CB  1 
ATOM   82   C CG  . LEU A 1 17  ? -16.438 4.561   -14.132 1.00 13.81 ? 17  LEU A CG  1 
ATOM   83   C CD1 . LEU A 1 17  ? -16.318 4.287   -15.633 1.00 8.50  ? 17  LEU A CD1 1 
ATOM   84   C CD2 . LEU A 1 17  ? -17.418 3.576   -13.500 1.00 12.22 ? 17  LEU A CD2 1 
ATOM   85   N N   . LEU A 1 18  ? -12.766 4.971   -11.338 1.00 12.45 ? 18  LEU A N   1 
ATOM   86   C CA  . LEU A 1 18  ? -11.495 4.611   -10.717 1.00 8.42  ? 18  LEU A CA  1 
ATOM   87   C C   . LEU A 1 18  ? -11.632 4.627   -9.202  1.00 14.74 ? 18  LEU A C   1 
ATOM   88   O O   . LEU A 1 18  ? -11.165 3.717   -8.522  1.00 16.56 ? 18  LEU A O   1 
ATOM   89   C CB  . LEU A 1 18  ? -10.425 5.625   -11.106 1.00 11.95 ? 18  LEU A CB  1 
ATOM   90   C CG  . LEU A 1 18  ? -9.897  5.637   -12.537 1.00 9.36  ? 18  LEU A CG  1 
ATOM   91   C CD1 . LEU A 1 18  ? -9.125  6.929   -12.802 1.00 10.93 ? 18  LEU A CD1 1 
ATOM   92   C CD2 . LEU A 1 18  ? -9.011  4.445   -12.727 1.00 9.66  ? 18  LEU A CD2 1 
ATOM   93   N N   . TYR A 1 19  ? -12.273 5.670   -8.675  1.00 17.39 ? 19  TYR A N   1 
ATOM   94   C CA  . TYR A 1 19  ? -12.427 5.799   -7.233  1.00 16.75 ? 19  TYR A CA  1 
ATOM   95   C C   . TYR A 1 19  ? -13.374 4.756   -6.662  1.00 17.77 ? 19  TYR A C   1 
ATOM   96   O O   . TYR A 1 19  ? -13.038 4.092   -5.682  1.00 17.44 ? 19  TYR A O   1 
ATOM   97   C CB  . TYR A 1 19  ? -12.892 7.216   -6.862  1.00 23.34 ? 19  TYR A CB  1 
ATOM   98   C CG  . TYR A 1 19  ? -13.190 7.412   -5.381  1.00 36.40 ? 19  TYR A CG  1 
ATOM   99   C CD1 . TYR A 1 19  ? -14.444 7.870   -4.958  1.00 41.61 ? 19  TYR A CD1 1 
ATOM   100  C CD2 . TYR A 1 19  ? -12.234 7.106   -4.400  1.00 40.69 ? 19  TYR A CD2 1 
ATOM   101  C CE1 . TYR A 1 19  ? -14.741 8.021   -3.603  1.00 43.88 ? 19  TYR A CE1 1 
ATOM   102  C CE2 . TYR A 1 19  ? -12.525 7.248   -3.040  1.00 44.84 ? 19  TYR A CE2 1 
ATOM   103  C CZ  . TYR A 1 19  ? -13.784 7.706   -2.654  1.00 49.98 ? 19  TYR A CZ  1 
ATOM   104  O OH  . TYR A 1 19  ? -14.098 7.849   -1.322  1.00 59.86 ? 19  TYR A OH  1 
ATOM   105  N N   . ALA A 1 20  ? -14.552 4.604   -7.262  1.00 14.12 ? 20  ALA A N   1 
ATOM   106  C CA  . ALA A 1 20  ? -15.501 3.614   -6.766  1.00 16.70 ? 20  ALA A CA  1 
ATOM   107  C C   . ALA A 1 20  ? -14.856 2.231   -6.745  1.00 16.23 ? 20  ALA A C   1 
ATOM   108  O O   . ALA A 1 20  ? -14.836 1.569   -5.698  1.00 19.23 ? 20  ALA A O   1 
ATOM   109  C CB  . ALA A 1 20  ? -16.754 3.589   -7.625  1.00 17.06 ? 20  ALA A CB  1 
ATOM   110  N N   . SER A 1 21  ? -14.327 1.805   -7.893  1.00 15.21 ? 21  SER A N   1 
ATOM   111  C CA  . SER A 1 21  ? -13.679 0.491   -8.008  1.00 21.71 ? 21  SER A CA  1 
ATOM   112  C C   . SER A 1 21  ? -12.602 0.360   -6.953  1.00 24.85 ? 21  SER A C   1 
ATOM   113  O O   . SER A 1 21  ? -12.340 -0.734  -6.443  1.00 25.29 ? 21  SER A O   1 
ATOM   114  C CB  . SER A 1 21  ? -13.053 0.315   -9.387  1.00 23.16 ? 21  SER A CB  1 
ATOM   115  O OG  . SER A 1 21  ? -14.059 0.273   -10.372 1.00 32.31 ? 21  SER A OG  1 
ATOM   116  N N   . SER A 1 22  ? -11.986 1.494   -6.640  1.00 23.31 ? 22  SER A N   1 
ATOM   117  C CA  . SER A 1 22  ? -10.949 1.574   -5.625  1.00 23.98 ? 22  SER A CA  1 
ATOM   118  C C   . SER A 1 22  ? -11.531 1.152   -4.262  1.00 24.70 ? 22  SER A C   1 
ATOM   119  O O   . SER A 1 22  ? -10.962 0.297   -3.571  1.00 19.49 ? 22  SER A O   1 
ATOM   120  C CB  . SER A 1 22  ? -10.413 3.009   -5.575  1.00 18.06 ? 22  SER A CB  1 
ATOM   121  O OG  . SER A 1 22  ? -9.576  3.207   -4.463  1.00 22.37 ? 22  SER A OG  1 
ATOM   122  N N   . ARG A 1 23  ? -12.670 1.744   -3.892  1.00 23.45 ? 23  ARG A N   1 
ATOM   123  C CA  . ARG A 1 23  ? -13.346 1.428   -2.631  1.00 19.00 ? 23  ARG A CA  1 
ATOM   124  C C   . ARG A 1 23  ? -13.744 -0.042  -2.595  1.00 20.47 ? 23  ARG A C   1 
ATOM   125  O O   . ARG A 1 23  ? -13.423 -0.751  -1.653  1.00 19.33 ? 23  ARG A O   1 
ATOM   126  C CB  . ARG A 1 23  ? -14.613 2.268   -2.469  1.00 21.48 ? 23  ARG A CB  1 
ATOM   127  C CG  . ARG A 1 23  ? -14.417 3.734   -2.124  1.00 31.73 ? 23  ARG A CG  1 
ATOM   128  C CD  . ARG A 1 23  ? -13.975 3.928   -0.682  1.00 40.37 ? 23  ARG A CD  1 
ATOM   129  N NE  . ARG A 1 23  ? -14.071 5.327   -0.264  1.00 46.46 ? 23  ARG A NE  1 
ATOM   130  C CZ  . ARG A 1 23  ? -13.667 5.787   0.918   1.00 47.35 ? 23  ARG A CZ  1 
ATOM   131  N NH1 . ARG A 1 23  ? -13.134 4.963   1.809   1.00 42.90 ? 23  ARG A NH1 1 
ATOM   132  N NH2 . ARG A 1 23  ? -13.799 7.075   1.214   1.00 50.80 ? 23  ARG A NH2 1 
ATOM   133  N N   . GLU A 1 24  ? -14.455 -0.492  -3.624  1.00 26.36 ? 24  GLU A N   1 
ATOM   134  C CA  . GLU A 1 24  ? -14.902 -1.879  -3.698  1.00 27.67 ? 24  GLU A CA  1 
ATOM   135  C C   . GLU A 1 24  ? -13.771 -2.900  -3.592  1.00 31.04 ? 24  GLU A C   1 
ATOM   136  O O   . GLU A 1 24  ? -13.902 -3.898  -2.879  1.00 30.52 ? 24  GLU A O   1 
ATOM   137  C CB  . GLU A 1 24  ? -15.677 -2.113  -4.993  1.00 27.85 ? 24  GLU A CB  1 
ATOM   138  C CG  . GLU A 1 24  ? -16.973 -1.327  -5.094  1.00 29.22 ? 24  GLU A CG  1 
ATOM   139  C CD  . GLU A 1 24  ? -17.869 -1.535  -3.894  1.00 29.29 ? 24  GLU A CD  1 
ATOM   140  O OE1 . GLU A 1 24  ? -17.866 -2.653  -3.342  1.00 38.99 ? 24  GLU A OE1 1 
ATOM   141  O OE2 . GLU A 1 24  ? -18.586 -0.594  -3.504  1.00 27.42 ? 24  GLU A OE2 1 
ATOM   142  N N   . MET A 1 25  ? -12.666 -2.660  -4.301  1.00 34.56 ? 25  MET A N   1 
ATOM   143  C CA  . MET A 1 25  ? -11.515 -3.570  -4.262  1.00 36.06 ? 25  MET A CA  1 
ATOM   144  C C   . MET A 1 25  ? -10.906 -3.630  -2.864  1.00 35.58 ? 25  MET A C   1 
ATOM   145  O O   . MET A 1 25  ? -10.682 -4.703  -2.323  1.00 34.02 ? 25  MET A O   1 
ATOM   146  C CB  . MET A 1 25  ? -10.441 -3.125  -5.256  1.00 38.31 ? 25  MET A CB  1 
ATOM   147  C CG  . MET A 1 25  ? -10.571 -3.739  -6.637  1.00 42.92 ? 25  MET A CG  1 
ATOM   148  S SD  . MET A 1 25  ? -9.245  -4.913  -6.978  1.00 53.14 ? 25  MET A SD  1 
ATOM   149  C CE  . MET A 1 25  ? -9.996  -6.442  -6.474  1.00 34.43 ? 25  MET A CE  1 
ATOM   150  N N   . THR A 1 26  ? -10.635 -2.463  -2.294  1.00 32.91 ? 26  THR A N   1 
ATOM   151  C CA  . THR A 1 26  ? -10.071 -2.366  -0.962  1.00 31.47 ? 26  THR A CA  1 
ATOM   152  C C   . THR A 1 26  ? -10.814 -3.212  0.069   1.00 34.76 ? 26  THR A C   1 
ATOM   153  O O   . THR A 1 26  ? -10.219 -4.070  0.714   1.00 45.17 ? 26  THR A O   1 
ATOM   154  C CB  . THR A 1 26  ? -10.075 -0.914  -0.490  1.00 28.93 ? 26  THR A CB  1 
ATOM   155  O OG1 . THR A 1 26  ? -9.235  -0.138  -1.352  1.00 31.98 ? 26  THR A OG1 1 
ATOM   156  C CG2 . THR A 1 26  ? -9.584  -0.817  0.942   1.00 24.76 ? 26  THR A CG2 1 
ATOM   157  N N   . LYS A 1 27  ? -12.109 -2.968  0.231   1.00 38.34 ? 27  LYS A N   1 
ATOM   158  C CA  . LYS A 1 27  ? -12.909 -3.722  1.198   1.00 41.36 ? 27  LYS A CA  1 
ATOM   159  C C   . LYS A 1 27  ? -12.702 -5.225  1.077   1.00 41.53 ? 27  LYS A C   1 
ATOM   160  O O   . LYS A 1 27  ? -13.017 -5.977  1.996   1.00 44.69 ? 27  LYS A O   1 
ATOM   161  C CB  . LYS A 1 27  ? -14.404 -3.400  1.037   1.00 41.98 ? 27  LYS A CB  1 
ATOM   162  C CG  . LYS A 1 27  ? -14.855 -2.181  1.837   1.00 52.60 ? 27  LYS A CG  1 
ATOM   163  C CD  . LYS A 1 27  ? -16.372 -1.996  1.867   1.00 56.77 ? 27  LYS A CD  1 
ATOM   164  C CE  . LYS A 1 27  ? -16.904 -1.367  0.595   1.00 59.08 ? 27  LYS A CE  1 
ATOM   165  N NZ  . LYS A 1 27  ? -16.660 -2.233  -0.585  1.00 62.92 ? 27  LYS A NZ  1 
ATOM   166  N N   . GLN A 1 28  ? -12.165 -5.650  -0.059  1.00 41.85 ? 28  GLN A N   1 
ATOM   167  C CA  . GLN A 1 28  ? -11.923 -7.060  -0.331  1.00 39.10 ? 28  GLN A CA  1 
ATOM   168  C C   . GLN A 1 28  ? -10.699 -7.570  0.431   1.00 39.84 ? 28  GLN A C   1 
ATOM   169  O O   . GLN A 1 28  ? -10.323 -8.738  0.312   1.00 40.56 ? 28  GLN A O   1 
ATOM   170  C CB  . GLN A 1 28  ? -11.711 -7.258  -1.837  1.00 39.01 ? 28  GLN A CB  1 
ATOM   171  C CG  . GLN A 1 28  ? -12.338 -8.501  -2.414  1.00 38.08 ? 28  GLN A CG  1 
ATOM   172  C CD  . GLN A 1 28  ? -13.845 -8.401  -2.497  1.00 43.25 ? 28  GLN A CD  1 
ATOM   173  O OE1 . GLN A 1 28  ? -14.530 -9.404  -2.689  1.00 53.47 ? 28  GLN A OE1 1 
ATOM   174  N NE2 . GLN A 1 28  ? -14.372 -7.186  -2.360  1.00 41.43 ? 28  GLN A NE2 1 
ATOM   175  N N   . TYR A 1 29  ? -10.073 -6.696  1.214   1.00 41.24 ? 29  TYR A N   1 
ATOM   176  C CA  . TYR A 1 29  ? -8.885  -7.084  1.969   1.00 42.97 ? 29  TYR A CA  1 
ATOM   177  C C   . TYR A 1 29  ? -9.149  -7.456  3.423   1.00 41.90 ? 29  TYR A C   1 
ATOM   178  O O   . TYR A 1 29  ? -8.577  -8.425  3.922   1.00 44.59 ? 29  TYR A O   1 
ATOM   179  C CB  . TYR A 1 29  ? -7.820  -5.979  1.914   1.00 40.75 ? 29  TYR A CB  1 
ATOM   180  C CG  . TYR A 1 29  ? -7.122  -5.856  0.574   1.00 36.18 ? 29  TYR A CG  1 
ATOM   181  C CD1 . TYR A 1 29  ? -7.797  -5.360  -0.548  1.00 29.44 ? 29  TYR A CD1 1 
ATOM   182  C CD2 . TYR A 1 29  ? -5.790  -6.238  0.426   1.00 30.68 ? 29  TYR A CD2 1 
ATOM   183  C CE1 . TYR A 1 29  ? -7.161  -5.249  -1.781  1.00 20.23 ? 29  TYR A CE1 1 
ATOM   184  C CE2 . TYR A 1 29  ? -5.142  -6.131  -0.810  1.00 31.12 ? 29  TYR A CE2 1 
ATOM   185  C CZ  . TYR A 1 29  ? -5.835  -5.634  -1.905  1.00 26.73 ? 29  TYR A CZ  1 
ATOM   186  O OH  . TYR A 1 29  ? -5.199  -5.518  -3.119  1.00 20.84 ? 29  TYR A OH  1 
ATOM   187  N N   . LYS A 1 30  ? -10.017 -6.698  4.091   1.00 38.42 ? 30  LYS A N   1 
ATOM   188  C CA  . LYS A 1 30  ? -10.344 -6.938  5.499   1.00 43.08 ? 30  LYS A CA  1 
ATOM   189  C C   . LYS A 1 30  ? -10.212 -8.399  5.928   1.00 43.70 ? 30  LYS A C   1 
ATOM   190  O O   . LYS A 1 30  ? -9.549  -8.699  6.916   1.00 49.06 ? 30  LYS A O   1 
ATOM   191  C CB  . LYS A 1 30  ? -11.756 -6.429  5.810   1.00 50.25 ? 30  LYS A CB  1 
ATOM   192  C CG  . LYS A 1 30  ? -11.803 -5.161  6.678   1.00 60.01 ? 30  LYS A CG  1 
ATOM   193  C CD  . LYS A 1 30  ? -11.670 -5.481  8.173   1.00 69.35 ? 30  LYS A CD  1 
ATOM   194  C CE  . LYS A 1 30  ? -11.648 -4.220  9.045   1.00 71.93 ? 30  LYS A CE  1 
ATOM   195  N NZ  . LYS A 1 30  ? -10.390 -3.421  8.888   1.00 75.03 ? 30  LYS A NZ  1 
ATOM   196  N N   . PRO A 1 31  ? -10.830 -9.328  5.185   1.00 42.88 ? 31  PRO A N   1 
ATOM   197  C CA  . PRO A 1 31  ? -10.757 -10.753 5.528   1.00 41.18 ? 31  PRO A CA  1 
ATOM   198  C C   . PRO A 1 31  ? -9.343  -11.324 5.643   1.00 38.51 ? 31  PRO A C   1 
ATOM   199  O O   . PRO A 1 31  ? -9.001  -11.985 6.620   1.00 32.01 ? 31  PRO A O   1 
ATOM   200  C CB  . PRO A 1 31  ? -11.534 -11.415 4.393   1.00 45.21 ? 31  PRO A CB  1 
ATOM   201  C CG  . PRO A 1 31  ? -12.546 -10.374 4.029   1.00 46.08 ? 31  PRO A CG  1 
ATOM   202  C CD  . PRO A 1 31  ? -11.734 -9.110  4.042   1.00 46.15 ? 31  PRO A CD  1 
ATOM   203  N N   . LEU A 1 32  ? -8.526  -11.065 4.633   1.00 40.35 ? 32  LEU A N   1 
ATOM   204  C CA  . LEU A 1 32  ? -7.172  -11.588 4.600   1.00 37.53 ? 32  LEU A CA  1 
ATOM   205  C C   . LEU A 1 32  ? -6.191  -10.840 5.500   1.00 40.41 ? 32  LEU A C   1 
ATOM   206  O O   . LEU A 1 32  ? -5.257  -11.439 6.044   1.00 41.76 ? 32  LEU A O   1 
ATOM   207  C CB  . LEU A 1 32  ? -6.678  -11.594 3.152   1.00 39.98 ? 32  LEU A CB  1 
ATOM   208  C CG  . LEU A 1 32  ? -7.424  -12.506 2.158   1.00 40.05 ? 32  LEU A CG  1 
ATOM   209  C CD1 . LEU A 1 32  ? -8.914  -12.201 2.143   1.00 43.77 ? 32  LEU A CD1 1 
ATOM   210  C CD2 . LEU A 1 32  ? -6.851  -12.300 0.766   1.00 42.54 ? 32  LEU A CD2 1 
ATOM   211  N N   . LEU A 1 33  ? -6.405  -9.539  5.667   1.00 40.21 ? 33  LEU A N   1 
ATOM   212  C CA  . LEU A 1 33  ? -5.522  -8.728  6.500   1.00 41.82 ? 33  LEU A CA  1 
ATOM   213  C C   . LEU A 1 33  ? -5.812  -8.825  7.999   1.00 45.14 ? 33  LEU A C   1 
ATOM   214  O O   . LEU A 1 33  ? -4.912  -8.644  8.825   1.00 39.38 ? 33  LEU A O   1 
ATOM   215  C CB  . LEU A 1 33  ? -5.575  -7.265  6.060   1.00 34.13 ? 33  LEU A CB  1 
ATOM   216  C CG  . LEU A 1 33  ? -5.031  -7.056  4.651   1.00 25.02 ? 33  LEU A CG  1 
ATOM   217  C CD1 . LEU A 1 33  ? -5.047  -5.584  4.304   1.00 29.22 ? 33  LEU A CD1 1 
ATOM   218  C CD2 . LEU A 1 33  ? -3.623  -7.611  4.572   1.00 32.04 ? 33  LEU A CD2 1 
ATOM   219  N N   . ASP A 1 34  ? -7.062  -9.105  8.352   1.00 47.48 ? 34  ASP A N   1 
ATOM   220  C CA  . ASP A 1 34  ? -7.431  -9.220  9.757   1.00 47.65 ? 34  ASP A CA  1 
ATOM   221  C C   . ASP A 1 34  ? -6.610  -10.296 10.447  1.00 49.35 ? 34  ASP A C   1 
ATOM   222  O O   . ASP A 1 34  ? -6.361  -10.218 11.646  1.00 48.47 ? 34  ASP A O   1 
ATOM   223  C CB  . ASP A 1 34  ? -8.926  -9.517  9.898   1.00 45.41 ? 34  ASP A CB  1 
ATOM   224  C CG  . ASP A 1 34  ? -9.787  -8.275  9.687   1.00 49.19 ? 34  ASP A CG  1 
ATOM   225  O OD1 . ASP A 1 34  ? -9.216  -7.202  9.373   1.00 47.61 ? 34  ASP A OD1 1 
ATOM   226  O OD2 . ASP A 1 34  ? -11.025 -8.367  9.833   1.00 42.01 ? 34  ASP A OD2 1 
ATOM   227  N N   . LYS A 1 35  ? -6.172  -11.289 9.682   1.00 53.40 ? 35  LYS A N   1 
ATOM   228  C CA  . LYS A 1 35  ? -5.367  -12.364 10.246  1.00 57.87 ? 35  LYS A CA  1 
ATOM   229  C C   . LYS A 1 35  ? -3.973  -11.870 10.644  1.00 57.32 ? 35  LYS A C   1 
ATOM   230  O O   . LYS A 1 35  ? -3.426  -12.284 11.670  1.00 59.12 ? 35  LYS A O   1 
ATOM   231  C CB  . LYS A 1 35  ? -5.239  -13.521 9.246   1.00 60.57 ? 35  LYS A CB  1 
ATOM   232  C CG  . LYS A 1 35  ? -6.567  -14.153 8.827   1.00 60.51 ? 35  LYS A CG  1 
ATOM   233  C CD  . LYS A 1 35  ? -6.339  -15.534 8.223   1.00 65.46 ? 35  LYS A CD  1 
ATOM   234  C CE  . LYS A 1 35  ? -5.674  -16.474 9.238   1.00 68.10 ? 35  LYS A CE  1 
ATOM   235  N NZ  . LYS A 1 35  ? -5.259  -17.777 8.643   1.00 62.39 ? 35  LYS A NZ  1 
ATOM   236  N N   . LEU A 1 36  ? -3.404  -10.982 9.834   1.00 55.24 ? 36  LEU A N   1 
ATOM   237  C CA  . LEU A 1 36  ? -2.076  -10.440 10.103  1.00 52.76 ? 36  LEU A CA  1 
ATOM   238  C C   . LEU A 1 36  ? -2.165  -9.206  10.990  1.00 51.70 ? 36  LEU A C   1 
ATOM   239  O O   . LEU A 1 36  ? -1.146  -8.606  11.322  1.00 51.20 ? 36  LEU A O   1 
ATOM   240  C CB  . LEU A 1 36  ? -1.375  -10.067 8.791   1.00 50.12 ? 36  LEU A CB  1 
ATOM   241  C CG  . LEU A 1 36  ? -1.389  -11.090 7.647   1.00 52.89 ? 36  LEU A CG  1 
ATOM   242  C CD1 . LEU A 1 36  ? -0.557  -10.565 6.473   1.00 48.74 ? 36  LEU A CD1 1 
ATOM   243  C CD2 . LEU A 1 36  ? -0.844  -12.425 8.138   1.00 57.61 ? 36  LEU A CD2 1 
ATOM   244  N N   . ASN A 1 37  ? -3.389  -8.843  11.371  1.00 54.15 ? 37  ASN A N   1 
ATOM   245  C CA  . ASN A 1 37  ? -3.652  -7.668  12.204  1.00 57.36 ? 37  ASN A CA  1 
ATOM   246  C C   . ASN A 1 37  ? -3.555  -6.381  11.392  1.00 57.94 ? 37  ASN A C   1 
ATOM   247  O O   . ASN A 1 37  ? -4.199  -5.378  11.698  1.00 61.74 ? 37  ASN A O   1 
ATOM   248  C CB  . ASN A 1 37  ? -2.678  -7.606  13.381  1.00 60.71 ? 37  ASN A CB  1 
ATOM   249  C CG  . ASN A 1 37  ? -3.300  -8.089  14.669  1.00 65.38 ? 37  ASN A CG  1 
ATOM   250  O OD1 . ASN A 1 37  ? -4.308  -7.549  15.124  1.00 66.49 ? 37  ASN A OD1 1 
ATOM   251  N ND2 . ASN A 1 37  ? -2.706  -9.112  15.264  1.00 71.39 ? 37  ASN A ND2 1 
ATOM   252  N N   . ILE A 1 38  ? -2.742  -6.436  10.347  1.00 56.01 ? 38  ILE A N   1 
ATOM   253  C CA  . ILE A 1 38  ? -2.513  -5.317  9.447   1.00 52.31 ? 38  ILE A CA  1 
ATOM   254  C C   . ILE A 1 38  ? -3.806  -4.730  8.872   1.00 47.34 ? 38  ILE A C   1 
ATOM   255  O O   . ILE A 1 38  ? -4.789  -5.443  8.663   1.00 44.35 ? 38  ILE A O   1 
ATOM   256  C CB  . ILE A 1 38  ? -1.637  -5.770  8.254   1.00 55.40 ? 38  ILE A CB  1 
ATOM   257  C CG1 . ILE A 1 38  ? -0.425  -6.550  8.755   1.00 57.89 ? 38  ILE A CG1 1 
ATOM   258  C CG2 . ILE A 1 38  ? -1.172  -4.564  7.458   1.00 64.47 ? 38  ILE A CG2 1 
ATOM   259  C CD1 . ILE A 1 38  ? 0.378   -7.181  7.641   1.00 59.06 ? 38  ILE A CD1 1 
ATOM   260  N N   . THR A 1 39  ? -3.795  -3.420  8.626   1.00 42.85 ? 39  THR A N   1 
ATOM   261  C CA  . THR A 1 39  ? -4.930  -2.748  8.001   1.00 33.89 ? 39  THR A CA  1 
ATOM   262  C C   . THR A 1 39  ? -4.500  -2.563  6.551   1.00 30.72 ? 39  THR A C   1 
ATOM   263  O O   . THR A 1 39  ? -3.388  -2.939  6.172   1.00 32.62 ? 39  THR A O   1 
ATOM   264  C CB  . THR A 1 39  ? -5.214  -1.363  8.602   1.00 31.81 ? 39  THR A CB  1 
ATOM   265  O OG1 . THR A 1 39  ? -4.127  -0.476  8.314   1.00 25.58 ? 39  THR A OG1 1 
ATOM   266  C CG2 . THR A 1 39  ? -5.409  -1.476  10.101  1.00 27.01 ? 39  THR A CG2 1 
ATOM   267  N N   . TYR A 1 40  ? -5.362  -1.987  5.734   1.00 24.70 ? 40  TYR A N   1 
ATOM   268  C CA  . TYR A 1 40  ? -4.999  -1.804  4.347   1.00 25.75 ? 40  TYR A CA  1 
ATOM   269  C C   . TYR A 1 40  ? -3.807  -0.852  4.150   1.00 25.20 ? 40  TYR A C   1 
ATOM   270  O O   . TYR A 1 40  ? -2.813  -1.226  3.535   1.00 29.06 ? 40  TYR A O   1 
ATOM   271  C CB  . TYR A 1 40  ? -6.201  -1.319  3.539   1.00 22.26 ? 40  TYR A CB  1 
ATOM   272  C CG  . TYR A 1 40  ? -5.907  -1.246  2.061   1.00 26.56 ? 40  TYR A CG  1 
ATOM   273  C CD1 . TYR A 1 40  ? -5.683  -2.402  1.319   1.00 20.63 ? 40  TYR A CD1 1 
ATOM   274  C CD2 . TYR A 1 40  ? -5.776  -0.013  1.418   1.00 28.73 ? 40  TYR A CD2 1 
ATOM   275  C CE1 . TYR A 1 40  ? -5.333  -2.333  -0.017  1.00 30.38 ? 40  TYR A CE1 1 
ATOM   276  C CE2 . TYR A 1 40  ? -5.423  0.068   0.084   1.00 25.17 ? 40  TYR A CE2 1 
ATOM   277  C CZ  . TYR A 1 40  ? -5.198  -1.092  -0.626  1.00 30.97 ? 40  TYR A CZ  1 
ATOM   278  O OH  . TYR A 1 40  ? -4.819  -1.008  -1.940  1.00 33.11 ? 40  TYR A OH  1 
ATOM   279  N N   . PRO A 1 41  ? -3.879  0.378   4.673   1.00 19.20 ? 41  PRO A N   1 
ATOM   280  C CA  . PRO A 1 41  ? -2.739  1.275   4.473   1.00 19.04 ? 41  PRO A CA  1 
ATOM   281  C C   . PRO A 1 41  ? -1.435  0.685   4.968   1.00 23.92 ? 41  PRO A C   1 
ATOM   282  O O   . PRO A 1 41  ? -0.392  0.862   4.346   1.00 25.55 ? 41  PRO A O   1 
ATOM   283  C CB  . PRO A 1 41  ? -3.132  2.518   5.261   1.00 21.09 ? 41  PRO A CB  1 
ATOM   284  C CG  . PRO A 1 41  ? -4.632  2.530   5.127   1.00 24.83 ? 41  PRO A CG  1 
ATOM   285  C CD  . PRO A 1 41  ? -4.983  1.074   5.355   1.00 22.77 ? 41  PRO A CD  1 
ATOM   286  N N   . GLN A 1 42  ? -1.498  -0.028  6.084   1.00 25.45 ? 42  GLN A N   1 
ATOM   287  C CA  . GLN A 1 42  ? -0.298  -0.615  6.660   1.00 25.79 ? 42  GLN A CA  1 
ATOM   288  C C   . GLN A 1 42  ? 0.251   -1.688  5.754   1.00 25.30 ? 42  GLN A C   1 
ATOM   289  O O   . GLN A 1 42  ? 1.467   -1.909  5.696   1.00 28.66 ? 42  GLN A O   1 
ATOM   290  C CB  . GLN A 1 42  ? -0.599  -1.195  8.033   1.00 28.73 ? 42  GLN A CB  1 
ATOM   291  C CG  . GLN A 1 42  ? -1.376  -0.241  8.919   1.00 36.50 ? 42  GLN A CG  1 
ATOM   292  C CD  . GLN A 1 42  ? -1.321  -0.637  10.369  1.00 37.93 ? 42  GLN A CD  1 
ATOM   293  O OE1 . GLN A 1 42  ? -1.501  -1.810  10.714  1.00 39.24 ? 42  GLN A OE1 1 
ATOM   294  N NE2 . GLN A 1 42  ? -1.071  0.338   11.235  1.00 40.99 ? 42  GLN A NE2 1 
ATOM   295  N N   . TYR A 1 43  ? -0.654  -2.350  5.040   1.00 23.99 ? 43  TYR A N   1 
ATOM   296  C CA  . TYR A 1 43  ? -0.268  -3.407  4.117   1.00 18.73 ? 43  TYR A CA  1 
ATOM   297  C C   . TYR A 1 43  ? 0.485   -2.788  2.944   1.00 17.15 ? 43  TYR A C   1 
ATOM   298  O O   . TYR A 1 43  ? 1.519   -3.305  2.528   1.00 16.92 ? 43  TYR A O   1 
ATOM   299  C CB  . TYR A 1 43  ? -1.515  -4.162  3.648   1.00 16.20 ? 43  TYR A CB  1 
ATOM   300  C CG  . TYR A 1 43  ? -1.283  -5.185  2.559   1.00 13.28 ? 43  TYR A CG  1 
ATOM   301  C CD1 . TYR A 1 43  ? -1.752  -4.963  1.268   1.00 16.42 ? 43  TYR A CD1 1 
ATOM   302  C CD2 . TYR A 1 43  ? -0.589  -6.370  2.812   1.00 15.99 ? 43  TYR A CD2 1 
ATOM   303  C CE1 . TYR A 1 43  ? -1.540  -5.889  0.249   1.00 16.91 ? 43  TYR A CE1 1 
ATOM   304  C CE2 . TYR A 1 43  ? -0.363  -7.308  1.794   1.00 18.08 ? 43  TYR A CE2 1 
ATOM   305  C CZ  . TYR A 1 43  ? -0.847  -7.055  0.513   1.00 20.85 ? 43  TYR A CZ  1 
ATOM   306  O OH  . TYR A 1 43  ? -0.637  -7.952  -0.516  1.00 26.02 ? 43  TYR A OH  1 
ATOM   307  N N   . LEU A 1 44  ? -0.022  -1.674  2.420   1.00 17.28 ? 44  LEU A N   1 
ATOM   308  C CA  . LEU A 1 44  ? 0.636   -1.003  1.307   1.00 13.71 ? 44  LEU A CA  1 
ATOM   309  C C   . LEU A 1 44  ? 2.016   -0.530  1.744   1.00 11.95 ? 44  LEU A C   1 
ATOM   310  O O   . LEU A 1 44  ? 2.986   -0.713  1.023   1.00 14.27 ? 44  LEU A O   1 
ATOM   311  C CB  . LEU A 1 44  ? -0.182  0.196   0.816   1.00 12.17 ? 44  LEU A CB  1 
ATOM   312  C CG  . LEU A 1 44  ? -1.579  -0.061  0.241   1.00 18.03 ? 44  LEU A CG  1 
ATOM   313  C CD1 . LEU A 1 44  ? -2.094  1.224   -0.404  1.00 5.50  ? 44  LEU A CD1 1 
ATOM   314  C CD2 . LEU A 1 44  ? -1.542  -1.198  -0.766  1.00 9.18  ? 44  LEU A CD2 1 
ATOM   315  N N   . ALA A 1 45  ? 2.108   0.069   2.927   1.00 11.93 ? 45  ALA A N   1 
ATOM   316  C CA  . ALA A 1 45  ? 3.392   0.547   3.430   1.00 12.57 ? 45  ALA A CA  1 
ATOM   317  C C   . ALA A 1 45  ? 4.376   -0.625  3.515   1.00 18.24 ? 45  ALA A C   1 
ATOM   318  O O   . ALA A 1 45  ? 5.564   -0.489  3.181   1.00 14.28 ? 45  ALA A O   1 
ATOM   319  C CB  . ALA A 1 45  ? 3.212   1.188   4.795   1.00 12.35 ? 45  ALA A CB  1 
ATOM   320  N N   . LEU A 1 46  ? 3.860   -1.775  3.950   1.00 16.87 ? 46  LEU A N   1 
ATOM   321  C CA  . LEU A 1 46  ? 4.645   -3.002  4.074   1.00 15.47 ? 46  LEU A CA  1 
ATOM   322  C C   . LEU A 1 46  ? 5.170   -3.472  2.710   1.00 15.59 ? 46  LEU A C   1 
ATOM   323  O O   . LEU A 1 46  ? 6.304   -3.950  2.599   1.00 17.40 ? 46  LEU A O   1 
ATOM   324  C CB  . LEU A 1 46  ? 3.785   -4.092  4.708   1.00 18.95 ? 46  LEU A CB  1 
ATOM   325  C CG  . LEU A 1 46  ? 4.296   -4.750  5.990   1.00 20.76 ? 46  LEU A CG  1 
ATOM   326  C CD1 . LEU A 1 46  ? 5.153   -3.801  6.819   1.00 24.43 ? 46  LEU A CD1 1 
ATOM   327  C CD2 . LEU A 1 46  ? 3.094   -5.232  6.762   1.00 21.58 ? 46  LEU A CD2 1 
ATOM   328  N N   . LEU A 1 47  ? 4.345   -3.352  1.675   1.00 11.36 ? 47  LEU A N   1 
ATOM   329  C CA  . LEU A 1 47  ? 4.765   -3.738  0.332   1.00 17.76 ? 47  LEU A CA  1 
ATOM   330  C C   . LEU A 1 47  ? 5.857   -2.764  -0.134  1.00 20.04 ? 47  LEU A C   1 
ATOM   331  O O   . LEU A 1 47  ? 6.756   -3.136  -0.891  1.00 23.10 ? 47  LEU A O   1 
ATOM   332  C CB  . LEU A 1 47  ? 3.582   -3.708  -0.642  1.00 16.64 ? 47  LEU A CB  1 
ATOM   333  C CG  . LEU A 1 47  ? 2.483   -4.751  -0.407  1.00 18.98 ? 47  LEU A CG  1 
ATOM   334  C CD1 . LEU A 1 47  ? 1.379   -4.546  -1.431  1.00 17.48 ? 47  LEU A CD1 1 
ATOM   335  C CD2 . LEU A 1 47  ? 3.062   -6.166  -0.515  1.00 17.97 ? 47  LEU A CD2 1 
ATOM   336  N N   . LEU A 1 48  ? 5.779   -1.516  0.314   1.00 15.29 ? 48  LEU A N   1 
ATOM   337  C CA  . LEU A 1 48  ? 6.803   -0.548  -0.050  1.00 24.43 ? 48  LEU A CA  1 
ATOM   338  C C   . LEU A 1 48  ? 8.099   -0.935  0.676   1.00 31.05 ? 48  LEU A C   1 
ATOM   339  O O   . LEU A 1 48  ? 9.192   -0.865  0.103   1.00 29.74 ? 48  LEU A O   1 
ATOM   340  C CB  . LEU A 1 48  ? 6.397   0.859   0.387   1.00 24.54 ? 48  LEU A CB  1 
ATOM   341  C CG  . LEU A 1 48  ? 6.052   1.907   -0.674  1.00 34.48 ? 48  LEU A CG  1 
ATOM   342  C CD1 . LEU A 1 48  ? 5.985   3.274   0.010   1.00 23.24 ? 48  LEU A CD1 1 
ATOM   343  C CD2 . LEU A 1 48  ? 7.100   1.936   -1.784  1.00 22.28 ? 48  LEU A CD2 1 
ATOM   344  N N   . LEU A 1 49  ? 7.963   -1.357  1.936   1.00 28.36 ? 49  LEU A N   1 
ATOM   345  C CA  . LEU A 1 49  ? 9.121   -1.726  2.743   1.00 28.81 ? 49  LEU A CA  1 
ATOM   346  C C   . LEU A 1 49  ? 9.783   -3.066  2.410   1.00 32.39 ? 49  LEU A C   1 
ATOM   347  O O   . LEU A 1 49  ? 11.002  -3.186  2.520   1.00 32.00 ? 49  LEU A O   1 
ATOM   348  C CB  . LEU A 1 49  ? 8.757   -1.669  4.221   1.00 28.59 ? 49  LEU A CB  1 
ATOM   349  C CG  . LEU A 1 49  ? 8.390   -0.266  4.713   1.00 30.06 ? 49  LEU A CG  1 
ATOM   350  C CD1 . LEU A 1 49  ? 7.833   -0.343  6.125   1.00 34.35 ? 49  LEU A CD1 1 
ATOM   351  C CD2 . LEU A 1 49  ? 9.615   0.644   4.659   1.00 29.53 ? 49  LEU A CD2 1 
ATOM   352  N N   . TRP A 1 50  ? 9.011   -4.076  2.017   1.00 30.74 ? 50  TRP A N   1 
ATOM   353  C CA  . TRP A 1 50  ? 9.626   -5.348  1.655   1.00 27.21 ? 50  TRP A CA  1 
ATOM   354  C C   . TRP A 1 50  ? 10.382  -5.130  0.352   1.00 29.07 ? 50  TRP A C   1 
ATOM   355  O O   . TRP A 1 50  ? 11.158  -5.976  -0.090  1.00 33.33 ? 50  TRP A O   1 
ATOM   356  C CB  . TRP A 1 50  ? 8.579   -6.441  1.446   1.00 24.36 ? 50  TRP A CB  1 
ATOM   357  C CG  . TRP A 1 50  ? 7.867   -6.840  2.691   1.00 24.00 ? 50  TRP A CG  1 
ATOM   358  C CD1 . TRP A 1 50  ? 8.413   -7.020  3.920   1.00 20.53 ? 50  TRP A CD1 1 
ATOM   359  C CD2 . TRP A 1 50  ? 6.467   -7.099  2.828   1.00 15.06 ? 50  TRP A CD2 1 
ATOM   360  N NE1 . TRP A 1 50  ? 7.442   -7.364  4.819   1.00 19.56 ? 50  TRP A NE1 1 
ATOM   361  C CE2 . TRP A 1 50  ? 6.237   -7.420  4.175   1.00 20.95 ? 50  TRP A CE2 1 
ATOM   362  C CE3 . TRP A 1 50  ? 5.385   -7.087  1.942   1.00 24.58 ? 50  TRP A CE3 1 
ATOM   363  C CZ2 . TRP A 1 50  ? 4.965   -7.733  4.661   1.00 28.38 ? 50  TRP A CZ2 1 
ATOM   364  C CZ3 . TRP A 1 50  ? 4.119   -7.398  2.427   1.00 20.49 ? 50  TRP A CZ3 1 
ATOM   365  C CH2 . TRP A 1 50  ? 3.921   -7.713  3.771   1.00 19.35 ? 50  TRP A CH2 1 
ATOM   366  N N   . GLU A 1 51  ? 10.156  -3.978  -0.261  1.00 32.43 ? 51  GLU A N   1 
ATOM   367  C CA  . GLU A 1 51  ? 10.806  -3.652  -1.521  1.00 35.23 ? 51  GLU A CA  1 
ATOM   368  C C   . GLU A 1 51  ? 12.029  -2.749  -1.371  1.00 28.13 ? 51  GLU A C   1 
ATOM   369  O O   . GLU A 1 51  ? 13.063  -3.019  -1.970  1.00 33.63 ? 51  GLU A O   1 
ATOM   370  C CB  . GLU A 1 51  ? 9.786   -3.009  -2.474  1.00 40.95 ? 51  GLU A CB  1 
ATOM   371  C CG  . GLU A 1 51  ? 10.347  -2.574  -3.821  1.00 50.77 ? 51  GLU A CG  1 
ATOM   372  C CD  . GLU A 1 51  ? 9.255   -2.169  -4.801  1.00 59.56 ? 51  GLU A CD  1 
ATOM   373  O OE1 . GLU A 1 51  ? 8.318   -1.443  -4.394  1.00 54.37 ? 51  GLU A OE1 1 
ATOM   374  O OE2 . GLU A 1 51  ? 9.337   -2.574  -5.984  1.00 67.44 ? 51  GLU A OE2 1 
ATOM   375  N N   . HIS A 1 52  ? 11.928  -1.699  -0.560  1.00 23.79 ? 52  HIS A N   1 
ATOM   376  C CA  . HIS A 1 52  ? 13.044  -0.769  -0.394  1.00 25.75 ? 52  HIS A CA  1 
ATOM   377  C C   . HIS A 1 52  ? 13.772  -0.769  0.947   1.00 27.17 ? 52  HIS A C   1 
ATOM   378  O O   . HIS A 1 52  ? 14.754  -0.042  1.114   1.00 23.63 ? 52  HIS A O   1 
ATOM   379  C CB  . HIS A 1 52  ? 12.570  0.647   -0.708  1.00 25.73 ? 52  HIS A CB  1 
ATOM   380  C CG  . HIS A 1 52  ? 11.889  0.760   -2.032  1.00 31.00 ? 52  HIS A CG  1 
ATOM   381  N ND1 . HIS A 1 52  ? 10.584  1.183   -2.166  1.00 28.75 ? 52  HIS A ND1 1 
ATOM   382  C CD2 . HIS A 1 52  ? 12.314  0.450   -3.280  1.00 29.09 ? 52  HIS A CD2 1 
ATOM   383  C CE1 . HIS A 1 52  ? 10.235  1.125   -3.438  1.00 31.50 ? 52  HIS A CE1 1 
ATOM   384  N NE2 . HIS A 1 52  ? 11.266  0.682   -4.136  1.00 27.81 ? 52  HIS A NE2 1 
ATOM   385  N N   . GLU A 1 53  ? 13.291  -1.569  1.895   1.00 25.96 ? 53  GLU A N   1 
ATOM   386  C CA  . GLU A 1 53  ? 13.897  -1.661  3.223   1.00 30.09 ? 53  GLU A CA  1 
ATOM   387  C C   . GLU A 1 53  ? 13.878  -0.374  4.065   1.00 33.63 ? 53  GLU A C   1 
ATOM   388  O O   . GLU A 1 53  ? 13.430  -0.386  5.208   1.00 33.18 ? 53  GLU A O   1 
ATOM   389  C CB  . GLU A 1 53  ? 15.332  -2.155  3.092   1.00 35.12 ? 53  GLU A CB  1 
ATOM   390  C CG  . GLU A 1 53  ? 15.536  -3.571  3.581   1.00 46.39 ? 53  GLU A CG  1 
ATOM   391  C CD  . GLU A 1 53  ? 15.230  -3.716  5.055   1.00 49.31 ? 53  GLU A CD  1 
ATOM   392  O OE1 . GLU A 1 53  ? 15.724  -2.883  5.843   1.00 51.36 ? 53  GLU A OE1 1 
ATOM   393  O OE2 . GLU A 1 53  ? 14.504  -4.661  5.432   1.00 58.32 ? 53  GLU A OE2 1 
ATOM   394  N N   . THR A 1 54  ? 14.375  0.727   3.504   1.00 33.22 ? 54  THR A N   1 
ATOM   395  C CA  . THR A 1 54  ? 14.421  2.001   4.216   1.00 32.27 ? 54  THR A CA  1 
ATOM   396  C C   . THR A 1 54  ? 13.902  3.147   3.355   1.00 31.91 ? 54  THR A C   1 
ATOM   397  O O   . THR A 1 54  ? 14.271  3.277   2.185   1.00 33.56 ? 54  THR A O   1 
ATOM   398  C CB  . THR A 1 54  ? 15.871  2.336   4.660   1.00 37.30 ? 54  THR A CB  1 
ATOM   399  O OG1 . THR A 1 54  ? 16.244  1.505   5.766   1.00 36.00 ? 54  THR A OG1 1 
ATOM   400  C CG2 . THR A 1 54  ? 15.989  3.791   5.060   1.00 33.06 ? 54  THR A CG2 1 
ATOM   401  N N   . LEU A 1 55  ? 13.052  3.985   3.940   1.00 31.78 ? 55  LEU A N   1 
ATOM   402  C CA  . LEU A 1 55  ? 12.494  5.121   3.219   1.00 29.72 ? 55  LEU A CA  1 
ATOM   403  C C   . LEU A 1 55  ? 12.262  6.302   4.134   1.00 25.40 ? 55  LEU A C   1 
ATOM   404  O O   . LEU A 1 55  ? 11.918  6.138   5.301   1.00 27.07 ? 55  LEU A O   1 
ATOM   405  C CB  . LEU A 1 55  ? 11.165  4.741   2.554   1.00 30.42 ? 55  LEU A CB  1 
ATOM   406  C CG  . LEU A 1 55  ? 11.251  3.763   1.378   1.00 39.06 ? 55  LEU A CG  1 
ATOM   407  C CD1 . LEU A 1 55  ? 9.860   3.351   0.929   1.00 37.33 ? 55  LEU A CD1 1 
ATOM   408  C CD2 . LEU A 1 55  ? 12.018  4.416   0.233   1.00 41.75 ? 55  LEU A CD2 1 
ATOM   409  N N   . THR A 1 56  ? 12.463  7.500   3.602   1.00 26.80 ? 56  THR A N   1 
ATOM   410  C CA  . THR A 1 56  ? 12.221  8.701   4.383   1.00 25.73 ? 56  THR A CA  1 
ATOM   411  C C   . THR A 1 56  ? 10.700  8.779   4.483   1.00 27.28 ? 56  THR A C   1 
ATOM   412  O O   . THR A 1 56  ? 9.993   8.100   3.737   1.00 22.29 ? 56  THR A O   1 
ATOM   413  C CB  . THR A 1 56  ? 12.747  9.960   3.661   1.00 25.72 ? 56  THR A CB  1 
ATOM   414  O OG1 . THR A 1 56  ? 11.871  10.303  2.576   1.00 17.37 ? 56  THR A OG1 1 
ATOM   415  C CG2 . THR A 1 56  ? 14.144  9.702   3.103   1.00 25.48 ? 56  THR A CG2 1 
ATOM   416  N N   . VAL A 1 57  ? 10.193  9.595   5.400   1.00 30.49 ? 57  VAL A N   1 
ATOM   417  C CA  . VAL A 1 57  ? 8.752   9.730   5.565   1.00 26.12 ? 57  VAL A CA  1 
ATOM   418  C C   . VAL A 1 57  ? 8.136   10.496  4.404   1.00 29.09 ? 57  VAL A C   1 
ATOM   419  O O   . VAL A 1 57  ? 6.957   10.310  4.087   1.00 29.84 ? 57  VAL A O   1 
ATOM   420  C CB  . VAL A 1 57  ? 8.399   10.448  6.882   1.00 24.90 ? 57  VAL A CB  1 
ATOM   421  C CG1 . VAL A 1 57  ? 6.904   10.706  6.947   1.00 26.45 ? 57  VAL A CG1 1 
ATOM   422  C CG2 . VAL A 1 57  ? 8.834   9.593   8.070   1.00 30.62 ? 57  VAL A CG2 1 
ATOM   423  N N   . LYS A 1 58  ? 8.925   11.366  3.775   1.00 33.08 ? 58  LYS A N   1 
ATOM   424  C CA  . LYS A 1 58  ? 8.432   12.145  2.641   1.00 30.79 ? 58  LYS A CA  1 
ATOM   425  C C   . LYS A 1 58  ? 8.039   11.202  1.511   1.00 31.94 ? 58  LYS A C   1 
ATOM   426  O O   . LYS A 1 58  ? 6.894   11.232  1.064   1.00 37.93 ? 58  LYS A O   1 
ATOM   427  C CB  . LYS A 1 58  ? 9.487   13.155  2.146   1.00 33.75 ? 58  LYS A CB  1 
ATOM   428  C CG  . LYS A 1 58  ? 9.076   13.889  0.860   1.00 41.36 ? 58  LYS A CG  1 
ATOM   429  C CD  . LYS A 1 58  ? 9.715   15.277  0.716   1.00 46.82 ? 58  LYS A CD  1 
ATOM   430  C CE  . LYS A 1 58  ? 11.153  15.244  0.195   1.00 52.65 ? 58  LYS A CE  1 
ATOM   431  N NZ  . LYS A 1 58  ? 11.245  14.844  -1.241  1.00 55.37 ? 58  LYS A NZ  1 
ATOM   432  N N   . LYS A 1 59  ? 8.974   10.366  1.053   1.00 28.04 ? 59  LYS A N   1 
ATOM   433  C CA  . LYS A 1 59  ? 8.680   9.421   -0.018  1.00 27.03 ? 59  LYS A CA  1 
ATOM   434  C C   . LYS A 1 59  ? 7.617   8.416   0.403   1.00 32.09 ? 59  LYS A C   1 
ATOM   435  O O   . LYS A 1 59  ? 6.804   7.986   -0.413  1.00 35.45 ? 59  LYS A O   1 
ATOM   436  C CB  . LYS A 1 59  ? 9.939   8.669   -0.446  1.00 28.28 ? 59  LYS A CB  1 
ATOM   437  C CG  . LYS A 1 59  ? 10.907  9.532   -1.234  1.00 40.62 ? 59  LYS A CG  1 
ATOM   438  C CD  . LYS A 1 59  ? 12.015  8.732   -1.892  1.00 42.23 ? 59  LYS A CD  1 
ATOM   439  C CE  . LYS A 1 59  ? 12.792  9.601   -2.874  1.00 42.38 ? 59  LYS A CE  1 
ATOM   440  N NZ  . LYS A 1 59  ? 13.321  10.838  -2.230  1.00 49.90 ? 59  LYS A NZ  1 
ATOM   441  N N   . MET A 1 60  ? 7.616   8.049   1.677   1.00 29.44 ? 60  MET A N   1 
ATOM   442  C CA  . MET A 1 60  ? 6.648   7.087   2.179   1.00 32.56 ? 60  MET A CA  1 
ATOM   443  C C   . MET A 1 60  ? 5.217   7.529   1.860   1.00 31.04 ? 60  MET A C   1 
ATOM   444  O O   . MET A 1 60  ? 4.438   6.776   1.293   1.00 32.93 ? 60  MET A O   1 
ATOM   445  C CB  . MET A 1 60  ? 6.823   6.920   3.689   1.00 39.17 ? 60  MET A CB  1 
ATOM   446  C CG  . MET A 1 60  ? 6.104   5.721   4.287   1.00 49.10 ? 60  MET A CG  1 
ATOM   447  S SD  . MET A 1 60  ? 7.263   4.431   4.771   1.00 52.03 ? 60  MET A SD  1 
ATOM   448  C CE  . MET A 1 60  ? 6.356   2.992   4.324   1.00 54.31 ? 60  MET A CE  1 
ATOM   449  N N   . GLY A 1 61  ? 4.871   8.754   2.227   1.00 31.78 ? 61  GLY A N   1 
ATOM   450  C CA  . GLY A 1 61  ? 3.534   9.241   1.959   1.00 30.96 ? 61  GLY A CA  1 
ATOM   451  C C   . GLY A 1 61  ? 3.431   9.724   0.528   1.00 38.89 ? 61  GLY A C   1 
ATOM   452  O O   . GLY A 1 61  ? 2.350   9.733   -0.061  1.00 43.02 ? 61  GLY A O   1 
ATOM   453  N N   . GLU A 1 62  ? 4.561   10.135  -0.034  1.00 36.70 ? 62  GLU A N   1 
ATOM   454  C CA  . GLU A 1 62  ? 4.594   10.610  -1.408  1.00 39.49 ? 62  GLU A CA  1 
ATOM   455  C C   . GLU A 1 62  ? 3.957   9.556   -2.308  1.00 38.41 ? 62  GLU A C   1 
ATOM   456  O O   . GLU A 1 62  ? 2.905   9.784   -2.904  1.00 41.66 ? 62  GLU A O   1 
ATOM   457  C CB  . GLU A 1 62  ? 6.043   10.858  -1.826  1.00 43.71 ? 62  GLU A CB  1 
ATOM   458  C CG  . GLU A 1 62  ? 6.239   11.934  -2.871  1.00 42.95 ? 62  GLU A CG  1 
ATOM   459  C CD  . GLU A 1 62  ? 7.622   12.541  -2.778  1.00 49.06 ? 62  GLU A CD  1 
ATOM   460  O OE1 . GLU A 1 62  ? 8.608   11.822  -3.036  1.00 47.52 ? 62  GLU A OE1 1 
ATOM   461  O OE2 . GLU A 1 62  ? 7.727   13.735  -2.428  1.00 53.98 ? 62  GLU A OE2 1 
ATOM   462  N N   . GLN A 1 63  ? 4.596   8.396   -2.397  1.00 38.20 ? 63  GLN A N   1 
ATOM   463  C CA  . GLN A 1 63  ? 4.082   7.312   -3.215  1.00 37.91 ? 63  GLN A CA  1 
ATOM   464  C C   . GLN A 1 63  ? 3.207   6.417   -2.355  1.00 37.88 ? 63  GLN A C   1 
ATOM   465  O O   . GLN A 1 63  ? 3.638   5.383   -1.859  1.00 41.98 ? 63  GLN A O   1 
ATOM   466  C CB  . GLN A 1 63  ? 5.241   6.531   -3.828  1.00 38.66 ? 63  GLN A CB  1 
ATOM   467  C CG  . GLN A 1 63  ? 6.237   5.965   -2.842  1.00 37.07 ? 63  GLN A CG  1 
ATOM   468  C CD  . GLN A 1 63  ? 7.560   5.653   -3.503  1.00 39.51 ? 63  GLN A CD  1 
ATOM   469  O OE1 . GLN A 1 63  ? 8.336   4.836   -3.012  1.00 46.47 ? 63  GLN A OE1 1 
ATOM   470  N NE2 . GLN A 1 63  ? 7.834   6.320   -4.619  1.00 43.31 ? 63  GLN A NE2 1 
ATOM   471  N N   . LEU A 1 64  ? 1.961   6.835   -2.185  1.00 38.70 ? 64  LEU A N   1 
ATOM   472  C CA  . LEU A 1 64  ? 1.006   6.108   -1.366  1.00 33.19 ? 64  LEU A CA  1 
ATOM   473  C C   . LEU A 1 64  ? -0.175  7.056   -1.187  1.00 32.54 ? 64  LEU A C   1 
ATOM   474  O O   . LEU A 1 64  ? -1.272  6.645   -0.832  1.00 37.25 ? 64  LEU A O   1 
ATOM   475  C CB  . LEU A 1 64  ? 1.646   5.805   -0.011  1.00 31.91 ? 64  LEU A CB  1 
ATOM   476  C CG  . LEU A 1 64  ? 1.566   4.437   0.656   1.00 25.31 ? 64  LEU A CG  1 
ATOM   477  C CD1 . LEU A 1 64  ? 1.888   3.335   -0.331  1.00 25.02 ? 64  LEU A CD1 1 
ATOM   478  C CD2 . LEU A 1 64  ? 2.552   4.420   1.821   1.00 16.91 ? 64  LEU A CD2 1 
ATOM   479  N N   . TYR A 1 65  ? 0.071   8.338   -1.436  1.00 36.80 ? 65  TYR A N   1 
ATOM   480  C CA  . TYR A 1 65  ? -0.951  9.371   -1.299  1.00 40.49 ? 65  TYR A CA  1 
ATOM   481  C C   . TYR A 1 65  ? -1.615  9.392   0.095   1.00 39.46 ? 65  TYR A C   1 
ATOM   482  O O   . TYR A 1 65  ? -2.840  9.372   0.218   1.00 40.69 ? 65  TYR A O   1 
ATOM   483  C CB  . TYR A 1 65  ? -2.016  9.213   -2.406  1.00 43.60 ? 65  TYR A CB  1 
ATOM   484  C CG  . TYR A 1 65  ? -1.462  9.244   -3.831  1.00 36.38 ? 65  TYR A CG  1 
ATOM   485  C CD1 . TYR A 1 65  ? -0.818  8.135   -4.376  1.00 37.82 ? 65  TYR A CD1 1 
ATOM   486  C CD2 . TYR A 1 65  ? -1.548  10.397  -4.609  1.00 38.35 ? 65  TYR A CD2 1 
ATOM   487  C CE1 . TYR A 1 65  ? -0.267  8.166   -5.656  1.00 37.75 ? 65  TYR A CE1 1 
ATOM   488  C CE2 . TYR A 1 65  ? -0.997  10.443  -5.894  1.00 38.99 ? 65  TYR A CE2 1 
ATOM   489  C CZ  . TYR A 1 65  ? -0.356  9.325   -6.410  1.00 39.20 ? 65  TYR A CZ  1 
ATOM   490  O OH  . TYR A 1 65  ? 0.216   9.368   -7.666  1.00 33.17 ? 65  TYR A OH  1 
ATOM   491  N N   . LEU A 1 66  ? -0.804  9.428   1.147   1.00 40.88 ? 66  LEU A N   1 
ATOM   492  C CA  . LEU A 1 66  ? -1.343  9.478   2.504   1.00 42.62 ? 66  LEU A CA  1 
ATOM   493  C C   . LEU A 1 66  ? -0.889  10.751  3.225   1.00 45.20 ? 66  LEU A C   1 
ATOM   494  O O   . LEU A 1 66  ? 0.292   11.098  3.206   1.00 41.77 ? 66  LEU A O   1 
ATOM   495  C CB  . LEU A 1 66  ? -0.923  8.235   3.299   1.00 38.33 ? 66  LEU A CB  1 
ATOM   496  C CG  . LEU A 1 66  ? -1.589  6.913   2.896   1.00 38.96 ? 66  LEU A CG  1 
ATOM   497  C CD1 . LEU A 1 66  ? -0.964  5.768   3.662   1.00 31.04 ? 66  LEU A CD1 1 
ATOM   498  C CD2 . LEU A 1 66  ? -3.077  6.981   3.178   1.00 34.61 ? 66  LEU A CD2 1 
ATOM   499  N N   . ASP A 1 67  ? -1.840  11.448  3.847   1.00 48.49 ? 67  ASP A N   1 
ATOM   500  C CA  . ASP A 1 67  ? -1.550  12.683  4.568   1.00 53.97 ? 67  ASP A CA  1 
ATOM   501  C C   . ASP A 1 67  ? -0.936  12.413  5.942   1.00 57.12 ? 67  ASP A C   1 
ATOM   502  O O   . ASP A 1 67  ? -1.197  11.378  6.566   1.00 54.76 ? 67  ASP A O   1 
ATOM   503  C CB  . ASP A 1 67  ? -2.828  13.529  4.715   1.00 54.23 ? 67  ASP A CB  1 
ATOM   504  C CG  . ASP A 1 67  ? -3.930  12.816  5.492   1.00 56.97 ? 67  ASP A CG  1 
ATOM   505  O OD1 . ASP A 1 67  ? -3.751  12.573  6.707   1.00 48.45 ? 67  ASP A OD1 1 
ATOM   506  O OD2 . ASP A 1 67  ? -4.980  12.504  4.885   1.00 58.60 ? 67  ASP A OD2 1 
ATOM   507  N N   . SER A 1 68  ? -0.118  13.351  6.407   1.00 57.28 ? 68  SER A N   1 
ATOM   508  C CA  . SER A 1 68  ? 0.539   13.213  7.699   1.00 61.02 ? 68  SER A CA  1 
ATOM   509  C C   . SER A 1 68  ? -0.438  12.795  8.792   1.00 63.47 ? 68  SER A C   1 
ATOM   510  O O   . SER A 1 68  ? -0.038  12.225  9.809   1.00 61.03 ? 68  SER A O   1 
ATOM   511  C CB  . SER A 1 68  ? 1.207   14.530  8.091   1.00 61.96 ? 68  SER A CB  1 
ATOM   512  O OG  . SER A 1 68  ? 1.859   14.404  9.342   1.00 64.68 ? 68  SER A OG  1 
ATOM   513  N N   . GLY A 1 69  ? -1.720  13.080  8.572   1.00 65.14 ? 69  GLY A N   1 
ATOM   514  C CA  . GLY A 1 69  ? -2.738  12.734  9.548   1.00 64.10 ? 69  GLY A CA  1 
ATOM   515  C C   . GLY A 1 69  ? -3.013  11.245  9.650   1.00 61.30 ? 69  GLY A C   1 
ATOM   516  O O   . GLY A 1 69  ? -3.244  10.728  10.743  1.00 58.89 ? 69  GLY A O   1 
ATOM   517  N N   . THR A 1 70  ? -2.986  10.557  8.512   1.00 60.55 ? 70  THR A N   1 
ATOM   518  C CA  . THR A 1 70  ? -3.239  9.121   8.480   1.00 57.74 ? 70  THR A CA  1 
ATOM   519  C C   . THR A 1 70  ? -1.950  8.342   8.246   1.00 53.84 ? 70  THR A C   1 
ATOM   520  O O   . THR A 1 70  ? -1.976  7.150   7.948   1.00 58.48 ? 70  THR A O   1 
ATOM   521  C CB  . THR A 1 70  ? -4.234  8.756   7.365   1.00 57.05 ? 70  THR A CB  1 
ATOM   522  O OG1 . THR A 1 70  ? -3.578  8.825   6.093   1.00 62.81 ? 70  THR A OG1 1 
ATOM   523  C CG2 . THR A 1 70  ? -5.405  9.727   7.365   1.00 62.18 ? 70  THR A CG2 1 
ATOM   524  N N   . LEU A 1 71  ? -0.823  9.021   8.401   1.00 51.49 ? 71  LEU A N   1 
ATOM   525  C CA  . LEU A 1 71  ? 0.482   8.407   8.197   1.00 48.22 ? 71  LEU A CA  1 
ATOM   526  C C   . LEU A 1 71  ? 1.167   8.109   9.531   1.00 47.99 ? 71  LEU A C   1 
ATOM   527  O O   . LEU A 1 71  ? 1.768   7.050   9.707   1.00 46.69 ? 71  LEU A O   1 
ATOM   528  C CB  . LEU A 1 71  ? 1.361   9.354   7.387   1.00 42.60 ? 71  LEU A CB  1 
ATOM   529  C CG  . LEU A 1 71  ? 2.184   8.789   6.233   1.00 40.71 ? 71  LEU A CG  1 
ATOM   530  C CD1 . LEU A 1 71  ? 3.166   9.861   5.757   1.00 28.26 ? 71  LEU A CD1 1 
ATOM   531  C CD2 . LEU A 1 71  ? 2.927   7.552   6.687   1.00 36.72 ? 71  LEU A CD2 1 
ATOM   532  N N   . THR A 1 72  ? 1.056   9.057   10.462  1.00 47.10 ? 72  THR A N   1 
ATOM   533  C CA  . THR A 1 72  ? 1.670   8.961   11.781  1.00 47.83 ? 72  THR A CA  1 
ATOM   534  C C   . THR A 1 72  ? 1.098   7.887   12.694  1.00 47.60 ? 72  THR A C   1 
ATOM   535  O O   . THR A 1 72  ? 1.845   7.157   13.341  1.00 49.05 ? 72  THR A O   1 
ATOM   536  C CB  . THR A 1 72  ? 1.594   10.310  12.513  1.00 49.82 ? 72  THR A CB  1 
ATOM   537  O OG1 . THR A 1 72  ? 2.130   11.339  11.668  1.00 48.58 ? 72  THR A OG1 1 
ATOM   538  C CG2 . THR A 1 72  ? 2.397   10.253  13.811  1.00 50.70 ? 72  THR A CG2 1 
ATOM   539  N N   . PRO A 1 73  ? -0.234  7.789   12.783  1.00 49.07 ? 73  PRO A N   1 
ATOM   540  C CA  . PRO A 1 73  ? -0.830  6.764   13.646  1.00 47.82 ? 73  PRO A CA  1 
ATOM   541  C C   . PRO A 1 73  ? -0.466  5.374   13.135  1.00 47.85 ? 73  PRO A C   1 
ATOM   542  O O   . PRO A 1 73  ? -0.257  4.443   13.911  1.00 48.32 ? 73  PRO A O   1 
ATOM   543  C CB  . PRO A 1 73  ? -2.323  7.045   13.531  1.00 47.61 ? 73  PRO A CB  1 
ATOM   544  C CG  . PRO A 1 73  ? -2.360  8.529   13.312  1.00 50.19 ? 73  PRO A CG  1 
ATOM   545  C CD  . PRO A 1 73  ? -1.255  8.736   12.307  1.00 50.17 ? 73  PRO A CD  1 
ATOM   546  N N   . MET A 1 74  ? -0.382  5.257   11.813  1.00 47.21 ? 74  MET A N   1 
ATOM   547  C CA  . MET A 1 74  ? -0.050  4.006   11.139  1.00 43.24 ? 74  MET A CA  1 
ATOM   548  C C   . MET A 1 74  ? 1.334   3.511   11.554  1.00 40.81 ? 74  MET A C   1 
ATOM   549  O O   . MET A 1 74  ? 1.480   2.390   12.041  1.00 44.49 ? 74  MET A O   1 
ATOM   550  C CB  . MET A 1 74  ? -0.077  4.220   9.631   1.00 38.97 ? 74  MET A CB  1 
ATOM   551  C CG  . MET A 1 74  ? -0.418  2.990   8.830   1.00 39.12 ? 74  MET A CG  1 
ATOM   552  S SD  . MET A 1 74  ? 0.150   3.133   7.134   1.00 42.35 ? 74  MET A SD  1 
ATOM   553  C CE  . MET A 1 74  ? 0.112   4.923   6.892   1.00 46.57 ? 74  MET A CE  1 
ATOM   554  N N   . LEU A 1 75  ? 2.348   4.344   11.346  1.00 39.19 ? 75  LEU A N   1 
ATOM   555  C CA  . LEU A 1 75  ? 3.706   3.980   11.720  1.00 40.12 ? 75  LEU A CA  1 
ATOM   556  C C   . LEU A 1 75  ? 3.747   3.721   13.214  1.00 42.71 ? 75  LEU A C   1 
ATOM   557  O O   . LEU A 1 75  ? 4.375   2.763   13.672  1.00 44.79 ? 75  LEU A O   1 
ATOM   558  C CB  . LEU A 1 75  ? 4.697   5.097   11.382  1.00 34.60 ? 75  LEU A CB  1 
ATOM   559  C CG  . LEU A 1 75  ? 5.211   5.302   9.954   1.00 31.27 ? 75  LEU A CG  1 
ATOM   560  C CD1 . LEU A 1 75  ? 4.957   4.050   9.124   1.00 30.26 ? 75  LEU A CD1 1 
ATOM   561  C CD2 . LEU A 1 75  ? 4.545   6.521   9.344   1.00 22.65 ? 75  LEU A CD2 1 
ATOM   562  N N   . LYS A 1 76  ? 3.077   4.578   13.976  1.00 41.48 ? 76  LYS A N   1 
ATOM   563  C CA  . LYS A 1 76  ? 3.041   4.423   15.422  1.00 43.67 ? 76  LYS A CA  1 
ATOM   564  C C   . LYS A 1 76  ? 2.632   3.000   15.797  1.00 42.56 ? 76  LYS A C   1 
ATOM   565  O O   . LYS A 1 76  ? 3.221   2.406   16.702  1.00 41.96 ? 76  LYS A O   1 
ATOM   566  C CB  . LYS A 1 76  ? 2.056   5.411   16.045  1.00 49.19 ? 76  LYS A CB  1 
ATOM   567  C CG  . LYS A 1 76  ? 2.668   6.308   17.111  1.00 60.73 ? 76  LYS A CG  1 
ATOM   568  C CD  . LYS A 1 76  ? 3.677   7.280   16.498  1.00 68.78 ? 76  LYS A CD  1 
ATOM   569  C CE  . LYS A 1 76  ? 4.207   8.268   17.528  1.00 65.87 ? 76  LYS A CE  1 
ATOM   570  N NZ  . LYS A 1 76  ? 5.153   9.231   16.906  1.00 70.09 ? 76  LYS A NZ  1 
ATOM   571  N N   . ARG A 1 77  ? 1.639   2.451   15.098  1.00 36.35 ? 77  ARG A N   1 
ATOM   572  C CA  . ARG A 1 77  ? 1.170   1.096   15.390  1.00 38.87 ? 77  ARG A CA  1 
ATOM   573  C C   . ARG A 1 77  ? 2.151   0.034   14.910  1.00 40.21 ? 77  ARG A C   1 
ATOM   574  O O   . ARG A 1 77  ? 2.336   -1.000  15.565  1.00 33.90 ? 77  ARG A O   1 
ATOM   575  C CB  . ARG A 1 77  ? -0.196  0.853   14.748  1.00 47.75 ? 77  ARG A CB  1 
ATOM   576  C CG  . ARG A 1 77  ? -1.282  1.793   15.253  1.00 55.05 ? 77  ARG A CG  1 
ATOM   577  C CD  . ARG A 1 77  ? -2.492  1.807   14.329  1.00 62.08 ? 77  ARG A CD  1 
ATOM   578  N NE  . ARG A 1 77  ? -3.256  3.042   14.482  1.00 66.74 ? 77  ARG A NE  1 
ATOM   579  C CZ  . ARG A 1 77  ? -4.135  3.494   13.592  1.00 70.38 ? 77  ARG A CZ  1 
ATOM   580  N NH1 . ARG A 1 77  ? -4.369  2.809   12.477  1.00 73.43 ? 77  ARG A NH1 1 
ATOM   581  N NH2 . ARG A 1 77  ? -4.769  4.638   13.814  1.00 69.36 ? 77  ARG A NH2 1 
ATOM   582  N N   . MET A 1 78  ? 2.782   0.288   13.765  1.00 34.55 ? 78  MET A N   1 
ATOM   583  C CA  . MET A 1 78  ? 3.731   -0.665  13.232  1.00 30.44 ? 78  MET A CA  1 
ATOM   584  C C   . MET A 1 78  ? 4.930   -0.757  14.151  1.00 35.02 ? 78  MET A C   1 
ATOM   585  O O   . MET A 1 78  ? 5.462   -1.843  14.366  1.00 38.89 ? 78  MET A O   1 
ATOM   586  C CB  . MET A 1 78  ? 4.150   -0.279  11.808  1.00 34.41 ? 78  MET A CB  1 
ATOM   587  C CG  . MET A 1 78  ? 3.154   -0.741  10.737  1.00 39.76 ? 78  MET A CG  1 
ATOM   588  S SD  . MET A 1 78  ? 3.527   -0.229  9.047   1.00 45.76 ? 78  MET A SD  1 
ATOM   589  C CE  . MET A 1 78  ? 2.624   1.312   8.995   1.00 32.24 ? 78  MET A CE  1 
ATOM   590  N N   . GLU A 1 79  ? 5.353   0.373   14.706  1.00 35.18 ? 79  GLU A N   1 
ATOM   591  C CA  . GLU A 1 79  ? 6.491   0.363   15.612  1.00 36.15 ? 79  GLU A CA  1 
ATOM   592  C C   . GLU A 1 79  ? 6.164   -0.493  16.807  1.00 37.30 ? 79  GLU A C   1 
ATOM   593  O O   . GLU A 1 79  ? 6.971   -1.324  17.220  1.00 46.36 ? 79  GLU A O   1 
ATOM   594  C CB  . GLU A 1 79  ? 6.831   1.767   16.090  1.00 31.72 ? 79  GLU A CB  1 
ATOM   595  C CG  . GLU A 1 79  ? 7.549   2.578   15.066  1.00 33.76 ? 79  GLU A CG  1 
ATOM   596  C CD  . GLU A 1 79  ? 8.262   3.745   15.674  1.00 36.67 ? 79  GLU A CD  1 
ATOM   597  O OE1 . GLU A 1 79  ? 9.142   3.520   16.531  1.00 40.04 ? 79  GLU A OE1 1 
ATOM   598  O OE2 . GLU A 1 79  ? 7.943   4.889   15.299  1.00 42.01 ? 79  GLU A OE2 1 
ATOM   599  N N   . GLN A 1 80  ? 4.978   -0.280  17.371  1.00 39.72 ? 80  GLN A N   1 
ATOM   600  C CA  . GLN A 1 80  ? 4.532   -1.054  18.529  1.00 39.81 ? 80  GLN A CA  1 
ATOM   601  C C   . GLN A 1 80  ? 4.551   -2.543  18.171  1.00 42.21 ? 80  GLN A C   1 
ATOM   602  O O   . GLN A 1 80  ? 5.084   -3.361  18.924  1.00 40.36 ? 80  GLN A O   1 
ATOM   603  C CB  . GLN A 1 80  ? 3.130   -0.613  18.949  1.00 25.84 ? 80  GLN A CB  1 
ATOM   604  C CG  . GLN A 1 80  ? 3.042   0.884   19.175  1.00 29.36 ? 80  GLN A CG  1 
ATOM   605  C CD  . GLN A 1 80  ? 1.680   1.338   19.665  1.00 40.43 ? 80  GLN A CD  1 
ATOM   606  O OE1 . GLN A 1 80  ? 0.711   0.575   19.645  1.00 46.55 ? 80  GLN A OE1 1 
ATOM   607  N NE2 . GLN A 1 80  ? 1.596   2.593   20.099  1.00 41.28 ? 80  GLN A NE2 1 
ATOM   608  N N   . GLN A 1 81  ? 3.986   -2.886  17.014  1.00 42.13 ? 81  GLN A N   1 
ATOM   609  C CA  . GLN A 1 81  ? 3.973   -4.272  16.558  1.00 44.08 ? 81  GLN A CA  1 
ATOM   610  C C   . GLN A 1 81  ? 5.403   -4.766  16.322  1.00 42.76 ? 81  GLN A C   1 
ATOM   611  O O   . GLN A 1 81  ? 5.657   -5.974  16.262  1.00 43.14 ? 81  GLN A O   1 
ATOM   612  C CB  . GLN A 1 81  ? 3.197   -4.404  15.249  1.00 44.66 ? 81  GLN A CB  1 
ATOM   613  C CG  . GLN A 1 81  ? 1.705   -4.171  15.325  1.00 47.93 ? 81  GLN A CG  1 
ATOM   614  C CD  . GLN A 1 81  ? 1.025   -4.432  13.982  1.00 57.19 ? 81  GLN A CD  1 
ATOM   615  O OE1 . GLN A 1 81  ? 1.118   -5.535  13.428  1.00 55.52 ? 81  GLN A OE1 1 
ATOM   616  N NE2 . GLN A 1 81  ? 0.345   -3.416  13.449  1.00 54.55 ? 81  GLN A NE2 1 
ATOM   617  N N   . GLY A 1 82  ? 6.327   -3.818  16.175  1.00 40.36 ? 82  GLY A N   1 
ATOM   618  C CA  . GLY A 1 82  ? 7.720   -4.147  15.931  1.00 39.03 ? 82  GLY A CA  1 
ATOM   619  C C   . GLY A 1 82  ? 7.987   -4.449  14.466  1.00 36.07 ? 82  GLY A C   1 
ATOM   620  O O   . GLY A 1 82  ? 8.836   -5.267  14.144  1.00 37.89 ? 82  GLY A O   1 
ATOM   621  N N   . LEU A 1 83  ? 7.261   -3.781  13.577  1.00 37.29 ? 83  LEU A N   1 
ATOM   622  C CA  . LEU A 1 83  ? 7.406   -3.999  12.148  1.00 39.69 ? 83  LEU A CA  1 
ATOM   623  C C   . LEU A 1 83  ? 8.388   -3.019  11.502  1.00 42.68 ? 83  LEU A C   1 
ATOM   624  O O   . LEU A 1 83  ? 9.006   -3.318  10.481  1.00 42.85 ? 83  LEU A O   1 
ATOM   625  C CB  . LEU A 1 83  ? 6.034   -3.885  11.480  1.00 37.85 ? 83  LEU A CB  1 
ATOM   626  C CG  . LEU A 1 83  ? 4.914   -4.753  12.067  1.00 40.84 ? 83  LEU A CG  1 
ATOM   627  C CD1 . LEU A 1 83  ? 3.622   -4.512  11.300  1.00 38.40 ? 83  LEU A CD1 1 
ATOM   628  C CD2 . LEU A 1 83  ? 5.299   -6.223  11.998  1.00 38.91 ? 83  LEU A CD2 1 
ATOM   629  N N   . ILE A 1 84  ? 8.532   -1.847  12.105  1.00 43.67 ? 84  ILE A N   1 
ATOM   630  C CA  . ILE A 1 84  ? 9.435   -0.828  11.590  1.00 38.57 ? 84  ILE A CA  1 
ATOM   631  C C   . ILE A 1 84  ? 10.228  -0.200  12.737  1.00 42.22 ? 84  ILE A C   1 
ATOM   632  O O   . ILE A 1 84  ? 10.139  -0.631  13.889  1.00 36.51 ? 84  ILE A O   1 
ATOM   633  C CB  . ILE A 1 84  ? 8.646   0.287   10.868  1.00 34.70 ? 84  ILE A CB  1 
ATOM   634  C CG1 . ILE A 1 84  ? 7.617   0.895   11.831  1.00 26.66 ? 84  ILE A CG1 1 
ATOM   635  C CG2 . ILE A 1 84  ? 7.950   -0.285  9.637   1.00 37.57 ? 84  ILE A CG2 1 
ATOM   636  C CD1 . ILE A 1 84  ? 6.778   2.017   11.240  1.00 23.08 ? 84  ILE A CD1 1 
ATOM   637  N N   . THR A 1 85  ? 11.000  0.828   12.407  1.00 46.03 ? 85  THR A N   1 
ATOM   638  C CA  . THR A 1 85  ? 11.803  1.546   13.387  1.00 44.22 ? 85  THR A CA  1 
ATOM   639  C C   . THR A 1 85  ? 12.126  2.895   12.790  1.00 42.86 ? 85  THR A C   1 
ATOM   640  O O   . THR A 1 85  ? 12.539  2.980   11.641  1.00 44.68 ? 85  THR A O   1 
ATOM   641  C CB  . THR A 1 85  ? 13.130  0.841   13.675  1.00 43.61 ? 85  THR A CB  1 
ATOM   642  O OG1 . THR A 1 85  ? 12.886  -0.534  13.996  1.00 52.52 ? 85  THR A OG1 1 
ATOM   643  C CG2 . THR A 1 85  ? 13.831  1.514   14.845  1.00 43.77 ? 85  THR A CG2 1 
ATOM   644  N N   . ARG A 1 86  ? 11.925  3.950   13.566  1.00 47.61 ? 86  ARG A N   1 
ATOM   645  C CA  . ARG A 1 86  ? 12.218  5.289   13.092  1.00 44.31 ? 86  ARG A CA  1 
ATOM   646  C C   . ARG A 1 86  ? 13.666  5.640   13.377  1.00 43.68 ? 86  ARG A C   1 
ATOM   647  O O   . ARG A 1 86  ? 14.386  4.883   14.035  1.00 46.57 ? 86  ARG A O   1 
ATOM   648  C CB  . ARG A 1 86  ? 11.311  6.308   13.769  1.00 42.39 ? 86  ARG A CB  1 
ATOM   649  C CG  . ARG A 1 86  ? 9.868   6.143   13.437  1.00 40.24 ? 86  ARG A CG  1 
ATOM   650  C CD  . ARG A 1 86  ? 9.130   7.428   13.720  1.00 46.09 ? 86  ARG A CD  1 
ATOM   651  N NE  . ARG A 1 86  ? 7.700   7.294   13.481  1.00 45.12 ? 86  ARG A NE  1 
ATOM   652  C CZ  . ARG A 1 86  ? 6.843   8.303   13.550  1.00 54.78 ? 86  ARG A CZ  1 
ATOM   653  N NH1 . ARG A 1 86  ? 7.282   9.522   13.848  1.00 61.32 ? 86  ARG A NH1 1 
ATOM   654  N NH2 . ARG A 1 86  ? 5.549   8.096   13.334  1.00 60.56 ? 86  ARG A NH2 1 
ATOM   655  N N   . LYS A 1 87  ? 14.076  6.799   12.878  1.00 42.81 ? 87  LYS A N   1 
ATOM   656  C CA  . LYS A 1 87  ? 15.436  7.286   13.047  1.00 42.72 ? 87  LYS A CA  1 
ATOM   657  C C   . LYS A 1 87  ? 15.584  8.626   12.355  1.00 41.06 ? 87  LYS A C   1 
ATOM   658  O O   . LYS A 1 87  ? 15.401  8.729   11.144  1.00 44.56 ? 87  LYS A O   1 
ATOM   659  C CB  . LYS A 1 87  ? 16.442  6.312   12.428  1.00 40.18 ? 87  LYS A CB  1 
ATOM   660  C CG  . LYS A 1 87  ? 17.884  6.791   12.517  1.00 43.56 ? 87  LYS A CG  1 
ATOM   661  C CD  . LYS A 1 87  ? 18.734  6.251   11.380  1.00 43.14 ? 87  LYS A CD  1 
ATOM   662  C CE  . LYS A 1 87  ? 18.742  4.735   11.366  1.00 41.68 ? 87  LYS A CE  1 
ATOM   663  N NZ  . LYS A 1 87  ? 19.374  4.196   12.599  1.00 44.77 ? 87  LYS A NZ  1 
ATOM   664  N N   . ARG A 1 88  ? 15.909  9.652   13.130  1.00 38.47 ? 88  ARG A N   1 
ATOM   665  C CA  . ARG A 1 88  ? 16.119  10.985  12.587  1.00 32.01 ? 88  ARG A CA  1 
ATOM   666  C C   . ARG A 1 88  ? 17.301  10.789  11.649  1.00 28.36 ? 88  ARG A C   1 
ATOM   667  O O   . ARG A 1 88  ? 18.246  10.090  11.994  1.00 28.98 ? 88  ARG A O   1 
ATOM   668  C CB  . ARG A 1 88  ? 16.502  11.929  13.719  1.00 43.72 ? 88  ARG A CB  1 
ATOM   669  C CG  . ARG A 1 88  ? 16.275  13.408  13.465  1.00 54.96 ? 88  ARG A CG  1 
ATOM   670  C CD  . ARG A 1 88  ? 17.150  14.233  14.417  1.00 61.78 ? 88  ARG A CD  1 
ATOM   671  N NE  . ARG A 1 88  ? 16.570  15.531  14.749  1.00 70.01 ? 88  ARG A NE  1 
ATOM   672  C CZ  . ARG A 1 88  ? 15.606  15.716  15.650  1.00 74.41 ? 88  ARG A CZ  1 
ATOM   673  N NH1 . ARG A 1 88  ? 15.107  14.681  16.318  1.00 75.48 ? 88  ARG A NH1 1 
ATOM   674  N NH2 . ARG A 1 88  ? 15.138  16.937  15.882  1.00 73.24 ? 88  ARG A NH2 1 
ATOM   675  N N   . SER A 1 89  ? 17.244  11.363  10.454  1.00 30.46 ? 89  SER A N   1 
ATOM   676  C CA  . SER A 1 89  ? 18.350  11.223  9.507   1.00 23.84 ? 89  SER A CA  1 
ATOM   677  C C   . SER A 1 89  ? 19.561  11.964  10.020  1.00 25.90 ? 89  SER A C   1 
ATOM   678  O O   . SER A 1 89  ? 19.478  13.144  10.359  1.00 31.27 ? 89  SER A O   1 
ATOM   679  C CB  . SER A 1 89  ? 17.978  11.783  8.142   1.00 23.28 ? 89  SER A CB  1 
ATOM   680  O OG  . SER A 1 89  ? 19.100  11.791  7.280   1.00 30.70 ? 89  SER A OG  1 
ATOM   681  N N   . GLU A 1 90  ? 20.689  11.274  10.072  1.00 28.99 ? 90  GLU A N   1 
ATOM   682  C CA  . GLU A 1 90  ? 21.918  11.884  10.560  1.00 33.84 ? 90  GLU A CA  1 
ATOM   683  C C   . GLU A 1 90  ? 22.552  12.767  9.476   1.00 31.71 ? 90  GLU A C   1 
ATOM   684  O O   . GLU A 1 90  ? 23.318  13.683  9.780   1.00 25.40 ? 90  GLU A O   1 
ATOM   685  C CB  . GLU A 1 90  ? 22.895  10.790  11.006  1.00 36.40 ? 90  GLU A CB  1 
ATOM   686  C CG  . GLU A 1 90  ? 23.750  11.182  12.213  1.00 50.76 ? 90  GLU A CG  1 
ATOM   687  C CD  . GLU A 1 90  ? 22.974  11.181  13.525  1.00 48.57 ? 90  GLU A CD  1 
ATOM   688  O OE1 . GLU A 1 90  ? 23.414  11.852  14.480  1.00 47.09 ? 90  GLU A OE1 1 
ATOM   689  O OE2 . GLU A 1 90  ? 21.934  10.497  13.602  1.00 59.08 ? 90  GLU A OE2 1 
ATOM   690  N N   . GLU A 1 91  ? 22.213  12.486  8.217   1.00 34.03 ? 91  GLU A N   1 
ATOM   691  C CA  . GLU A 1 91  ? 22.722  13.234  7.063   1.00 33.30 ? 91  GLU A CA  1 
ATOM   692  C C   . GLU A 1 91  ? 21.973  14.548  6.925   1.00 34.17 ? 91  GLU A C   1 
ATOM   693  O O   . GLU A 1 91  ? 22.475  15.507  6.352   1.00 33.08 ? 91  GLU A O   1 
ATOM   694  C CB  . GLU A 1 91  ? 22.542  12.399  5.786   1.00 30.59 ? 91  GLU A CB  1 
ATOM   695  C CG  . GLU A 1 91  ? 22.820  13.111  4.443   1.00 28.42 ? 91  GLU A CG  1 
ATOM   696  C CD  . GLU A 1 91  ? 21.642  13.940  3.910   1.00 31.12 ? 91  GLU A CD  1 
ATOM   697  O OE1 . GLU A 1 91  ? 20.504  13.420  3.853   1.00 33.19 ? 91  GLU A OE1 1 
ATOM   698  O OE2 . GLU A 1 91  ? 21.855  15.111  3.528   1.00 24.59 ? 91  GLU A OE2 1 
ATOM   699  N N   . ASP A 1 92  ? 20.766  14.582  7.472   1.00 38.13 ? 92  ASP A N   1 
ATOM   700  C CA  . ASP A 1 92  ? 19.912  15.754  7.393   1.00 42.29 ? 92  ASP A CA  1 
ATOM   701  C C   . ASP A 1 92  ? 18.839  15.617  8.460   1.00 45.88 ? 92  ASP A C   1 
ATOM   702  O O   . ASP A 1 92  ? 17.780  15.040  8.202   1.00 46.87 ? 92  ASP A O   1 
ATOM   703  C CB  . ASP A 1 92  ? 19.262  15.802  6.008   1.00 45.41 ? 92  ASP A CB  1 
ATOM   704  C CG  . ASP A 1 92  ? 18.335  16.979  5.835   1.00 44.38 ? 92  ASP A CG  1 
ATOM   705  O OD1 . ASP A 1 92  ? 17.622  17.018  4.807   1.00 49.87 ? 92  ASP A OD1 1 
ATOM   706  O OD2 . ASP A 1 92  ? 18.320  17.863  6.720   1.00 46.18 ? 92  ASP A OD2 1 
ATOM   707  N N   . GLU A 1 93  ? 19.107  16.143  9.652   1.00 45.00 ? 93  GLU A N   1 
ATOM   708  C CA  . GLU A 1 93  ? 18.147  16.039  10.744  1.00 46.82 ? 93  GLU A CA  1 
ATOM   709  C C   . GLU A 1 93  ? 16.724  16.432  10.343  1.00 45.21 ? 93  GLU A C   1 
ATOM   710  O O   . GLU A 1 93  ? 15.764  16.076  11.025  1.00 46.65 ? 93  GLU A O   1 
ATOM   711  C CB  . GLU A 1 93  ? 18.596  16.885  11.942  1.00 50.84 ? 93  GLU A CB  1 
ATOM   712  C CG  . GLU A 1 93  ? 19.802  16.329  12.709  1.00 58.39 ? 93  GLU A CG  1 
ATOM   713  C CD  . GLU A 1 93  ? 20.009  17.012  14.061  1.00 63.37 ? 93  GLU A CD  1 
ATOM   714  O OE1 . GLU A 1 93  ? 19.114  16.898  14.930  1.00 61.60 ? 93  GLU A OE1 1 
ATOM   715  O OE2 . GLU A 1 93  ? 21.060  17.662  14.258  1.00 61.50 ? 93  GLU A OE2 1 
ATOM   716  N N   . ARG A 1 94  ? 16.586  17.140  9.225   1.00 40.92 ? 94  ARG A N   1 
ATOM   717  C CA  . ARG A 1 94  ? 15.277  17.598  8.761   1.00 36.14 ? 94  ARG A CA  1 
ATOM   718  C C   . ARG A 1 94  ? 14.370  16.519  8.166   1.00 31.17 ? 94  ARG A C   1 
ATOM   719  O O   . ARG A 1 94  ? 13.258  16.818  7.735   1.00 31.49 ? 94  ARG A O   1 
ATOM   720  C CB  . ARG A 1 94  ? 15.465  18.732  7.749   1.00 37.08 ? 94  ARG A CB  1 
ATOM   721  C CG  . ARG A 1 94  ? 16.254  19.927  8.290   1.00 44.90 ? 94  ARG A CG  1 
ATOM   722  C CD  . ARG A 1 94  ? 16.473  20.994  7.216   1.00 50.73 ? 94  ARG A CD  1 
ATOM   723  N NE  . ARG A 1 94  ? 17.189  20.487  6.042   1.00 53.99 ? 94  ARG A NE  1 
ATOM   724  C CZ  . ARG A 1 94  ? 16.750  20.595  4.787   1.00 52.83 ? 94  ARG A CZ  1 
ATOM   725  N NH1 . ARG A 1 94  ? 15.592  21.187  4.531   1.00 54.32 ? 94  ARG A NH1 1 
ATOM   726  N NH2 . ARG A 1 94  ? 17.475  20.124  3.780   1.00 54.25 ? 94  ARG A NH2 1 
ATOM   727  N N   . SER A 1 95  ? 14.834  15.270  8.139   1.00 33.07 ? 95  SER A N   1 
ATOM   728  C CA  . SER A 1 95  ? 14.032  14.170  7.594   1.00 27.41 ? 95  SER A CA  1 
ATOM   729  C C   . SER A 1 95  ? 14.063  12.955  8.511   1.00 29.92 ? 95  SER A C   1 
ATOM   730  O O   . SER A 1 95  ? 14.928  12.853  9.380   1.00 30.63 ? 95  SER A O   1 
ATOM   731  C CB  . SER A 1 95  ? 14.533  13.773  6.210   1.00 23.02 ? 95  SER A CB  1 
ATOM   732  O OG  . SER A 1 95  ? 15.763  13.091  6.299   1.00 27.73 ? 95  SER A OG  1 
ATOM   733  N N   . VAL A 1 96  ? 13.127  12.032  8.300   1.00 27.83 ? 96  VAL A N   1 
ATOM   734  C CA  . VAL A 1 96  ? 13.018  10.837  9.128   1.00 22.34 ? 96  VAL A CA  1 
ATOM   735  C C   . VAL A 1 96  ? 12.980  9.561   8.306   1.00 24.50 ? 96  VAL A C   1 
ATOM   736  O O   . VAL A 1 96  ? 12.179  9.445   7.380   1.00 29.40 ? 96  VAL A O   1 
ATOM   737  C CB  . VAL A 1 96  ? 11.746  10.893  9.984   1.00 25.94 ? 96  VAL A CB  1 
ATOM   738  C CG1 . VAL A 1 96  ? 11.575  9.592   10.756  1.00 31.33 ? 96  VAL A CG1 1 
ATOM   739  C CG2 . VAL A 1 96  ? 11.821  12.077  10.939  1.00 21.16 ? 96  VAL A CG2 1 
ATOM   740  N N   . LEU A 1 97  ? 13.833  8.601   8.663   1.00 22.61 ? 97  LEU A N   1 
ATOM   741  C CA  . LEU A 1 97  ? 13.918  7.326   7.956   1.00 22.66 ? 97  LEU A CA  1 
ATOM   742  C C   . LEU A 1 97  ? 13.144  6.201   8.636   1.00 28.76 ? 97  LEU A C   1 
ATOM   743  O O   . LEU A 1 97  ? 13.184  6.049   9.858   1.00 28.40 ? 97  LEU A O   1 
ATOM   744  C CB  . LEU A 1 97  ? 15.381  6.897   7.811   1.00 21.45 ? 97  LEU A CB  1 
ATOM   745  C CG  . LEU A 1 97  ? 16.323  7.832   7.053   1.00 23.72 ? 97  LEU A CG  1 
ATOM   746  C CD1 . LEU A 1 97  ? 17.622  7.102   6.786   1.00 26.37 ? 97  LEU A CD1 1 
ATOM   747  C CD2 . LEU A 1 97  ? 15.701  8.253   5.741   1.00 27.97 ? 97  LEU A CD2 1 
ATOM   748  N N   . ILE A 1 98  ? 12.447  5.406   7.831   1.00 31.84 ? 98  ILE A N   1 
ATOM   749  C CA  . ILE A 1 98  ? 11.671  4.285   8.343   1.00 32.24 ? 98  ILE A CA  1 
ATOM   750  C C   . ILE A 1 98  ? 12.238  2.982   7.788   1.00 31.94 ? 98  ILE A C   1 
ATOM   751  O O   . ILE A 1 98  ? 12.134  2.691   6.596   1.00 34.93 ? 98  ILE A O   1 
ATOM   752  C CB  . ILE A 1 98  ? 10.174  4.420   7.960   1.00 30.59 ? 98  ILE A CB  1 
ATOM   753  C CG1 . ILE A 1 98  ? 9.607   5.712   8.553   1.00 29.60 ? 98  ILE A CG1 1 
ATOM   754  C CG2 . ILE A 1 98  ? 9.386   3.221   8.478   1.00 24.81 ? 98  ILE A CG2 1 
ATOM   755  C CD1 . ILE A 1 98  ? 8.178   6.000   8.141   1.00 37.54 ? 98  ILE A CD1 1 
ATOM   756  N N   . SER A 1 99  ? 12.849  2.206   8.672   1.00 35.72 ? 99  SER A N   1 
ATOM   757  C CA  . SER A 1 99  ? 13.449  0.934   8.304   1.00 38.05 ? 99  SER A CA  1 
ATOM   758  C C   . SER A 1 99  ? 12.514  -0.203  8.701   1.00 32.50 ? 99  SER A C   1 
ATOM   759  O O   . SER A 1 99  ? 11.577  0.000   9.464   1.00 32.44 ? 99  SER A O   1 
ATOM   760  C CB  . SER A 1 99  ? 14.803  0.776   9.009   1.00 41.20 ? 99  SER A CB  1 
ATOM   761  O OG  . SER A 1 99  ? 15.447  -0.428  8.634   1.00 52.52 ? 99  SER A OG  1 
ATOM   762  N N   . LEU A 1 100 ? 12.776  -1.391  8.168   1.00 34.84 ? 100 LEU A N   1 
ATOM   763  C CA  . LEU A 1 100 ? 11.977  -2.580  8.453   1.00 32.07 ? 100 LEU A CA  1 
ATOM   764  C C   . LEU A 1 100 ? 12.730  -3.469  9.452   1.00 34.13 ? 100 LEU A C   1 
ATOM   765  O O   . LEU A 1 100 ? 13.954  -3.564  9.410   1.00 37.69 ? 100 LEU A O   1 
ATOM   766  C CB  . LEU A 1 100 ? 11.736  -3.348  7.151   1.00 29.38 ? 100 LEU A CB  1 
ATOM   767  C CG  . LEU A 1 100 ? 10.740  -4.509  7.138   1.00 34.88 ? 100 LEU A CG  1 
ATOM   768  C CD1 . LEU A 1 100 ? 9.312   -3.988  7.288   1.00 33.16 ? 100 LEU A CD1 1 
ATOM   769  C CD2 . LEU A 1 100 ? 10.879  -5.267  5.829   1.00 29.61 ? 100 LEU A CD2 1 
ATOM   770  N N   . THR A 1 101 ? 12.003  -4.112  10.354  1.00 36.13 ? 101 THR A N   1 
ATOM   771  C CA  . THR A 1 101 ? 12.609  -4.998  11.348  1.00 39.08 ? 101 THR A CA  1 
ATOM   772  C C   . THR A 1 101 ? 12.601  -6.414  10.795  1.00 40.48 ? 101 THR A C   1 
ATOM   773  O O   . THR A 1 101 ? 11.895  -6.685  9.832   1.00 45.19 ? 101 THR A O   1 
ATOM   774  C CB  . THR A 1 101 ? 11.784  -5.022  12.612  1.00 40.20 ? 101 THR A CB  1 
ATOM   775  O OG1 . THR A 1 101 ? 10.444  -5.392  12.270  1.00 38.86 ? 101 THR A OG1 1 
ATOM   776  C CG2 . THR A 1 101 ? 11.781  -3.661  13.272  1.00 39.01 ? 101 THR A CG2 1 
ATOM   777  N N   . GLU A 1 102 ? 13.357  -7.325  11.400  1.00 44.69 ? 102 GLU A N   1 
ATOM   778  C CA  . GLU A 1 102 ? 13.364  -8.697  10.906  1.00 50.28 ? 102 GLU A CA  1 
ATOM   779  C C   . GLU A 1 102 ? 12.022  -9.356  11.225  1.00 49.46 ? 102 GLU A C   1 
ATOM   780  O O   . GLU A 1 102 ? 11.738  -10.466 10.781  1.00 53.13 ? 102 GLU A O   1 
ATOM   781  C CB  . GLU A 1 102 ? 14.516  -9.507  11.515  1.00 55.93 ? 102 GLU A CB  1 
ATOM   782  C CG  . GLU A 1 102 ? 14.826  -10.795 10.737  1.00 66.45 ? 102 GLU A CG  1 
ATOM   783  C CD  . GLU A 1 102 ? 16.054  -11.544 11.246  1.00 74.04 ? 102 GLU A CD  1 
ATOM   784  O OE1 . GLU A 1 102 ? 17.134  -10.924 11.372  1.00 78.37 ? 102 GLU A OE1 1 
ATOM   785  O OE2 . GLU A 1 102 ? 15.944  -12.761 11.508  1.00 76.50 ? 102 GLU A OE2 1 
ATOM   786  N N   . ASP A 1 103 ? 11.197  -8.662  12.004  1.00 51.63 ? 103 ASP A N   1 
ATOM   787  C CA  . ASP A 1 103 ? 9.866   -9.160  12.347  1.00 53.47 ? 103 ASP A CA  1 
ATOM   788  C C   . ASP A 1 103 ? 8.937   -8.697  11.240  1.00 48.46 ? 103 ASP A C   1 
ATOM   789  O O   . ASP A 1 103 ? 7.960   -9.369  10.903  1.00 52.32 ? 103 ASP A O   1 
ATOM   790  C CB  . ASP A 1 103 ? 9.381   -8.571  13.674  1.00 62.56 ? 103 ASP A CB  1 
ATOM   791  C CG  . ASP A 1 103 ? 7.937   -8.944  13.984  1.00 69.30 ? 103 ASP A CG  1 
ATOM   792  O OD1 . ASP A 1 103 ? 7.028   -8.520  13.239  1.00 73.52 ? 103 ASP A OD1 1 
ATOM   793  O OD2 . ASP A 1 103 ? 7.710   -9.664  14.977  1.00 76.77 ? 103 ASP A OD2 1 
ATOM   794  N N   . GLY A 1 104 ? 9.248   -7.528  10.692  1.00 42.31 ? 104 GLY A N   1 
ATOM   795  C CA  . GLY A 1 104 ? 8.450   -6.982  9.617   1.00 33.21 ? 104 GLY A CA  1 
ATOM   796  C C   . GLY A 1 104 ? 8.804   -7.682  8.327   1.00 29.36 ? 104 GLY A C   1 
ATOM   797  O O   . GLY A 1 104 ? 7.971   -7.821  7.454   1.00 28.89 ? 104 GLY A O   1 
ATOM   798  N N   . ALA A 1 105 ? 10.046  -8.143  8.221   1.00 31.32 ? 105 ALA A N   1 
ATOM   799  C CA  . ALA A 1 105 ? 10.526  -8.830  7.027   1.00 36.40 ? 105 ALA A CA  1 
ATOM   800  C C   . ALA A 1 105 ? 10.102  -10.296 6.981   1.00 38.23 ? 105 ALA A C   1 
ATOM   801  O O   . ALA A 1 105 ? 9.974   -10.879 5.905   1.00 40.58 ? 105 ALA A O   1 
ATOM   802  C CB  . ALA A 1 105 ? 12.037  -8.737  6.961   1.00 38.58 ? 105 ALA A CB  1 
ATOM   803  N N   . LEU A 1 106 ? 9.898   -10.887 8.153   1.00 37.16 ? 106 LEU A N   1 
ATOM   804  C CA  . LEU A 1 106 ? 9.498   -12.286 8.248   1.00 35.30 ? 106 LEU A CA  1 
ATOM   805  C C   . LEU A 1 106 ? 7.983   -12.398 8.084   1.00 37.20 ? 106 LEU A C   1 
ATOM   806  O O   . LEU A 1 106 ? 7.445   -13.487 7.888   1.00 35.77 ? 106 LEU A O   1 
ATOM   807  C CB  . LEU A 1 106 ? 9.944   -12.853 9.601   1.00 39.40 ? 106 LEU A CB  1 
ATOM   808  C CG  . LEU A 1 106 ? 10.360  -14.324 9.629   1.00 40.21 ? 106 LEU A CG  1 
ATOM   809  C CD1 . LEU A 1 106 ? 11.256  -14.579 10.818  1.00 28.99 ? 106 LEU A CD1 1 
ATOM   810  C CD2 . LEU A 1 106 ? 9.121   -15.211 9.664   1.00 45.86 ? 106 LEU A CD2 1 
ATOM   811  N N   . LEU A 1 107 ? 7.305   -11.256 8.164   1.00 34.89 ? 107 LEU A N   1 
ATOM   812  C CA  . LEU A 1 107 ? 5.857   -11.189 8.009   1.00 35.48 ? 107 LEU A CA  1 
ATOM   813  C C   . LEU A 1 107 ? 5.510   -11.331 6.525   1.00 35.98 ? 107 LEU A C   1 
ATOM   814  O O   . LEU A 1 107 ? 4.397   -11.696 6.168   1.00 40.02 ? 107 LEU A O   1 
ATOM   815  C CB  . LEU A 1 107 ? 5.344   -9.848  8.524   1.00 34.36 ? 107 LEU A CB  1 
ATOM   816  C CG  . LEU A 1 107 ? 4.047   -9.864  9.328   1.00 38.13 ? 107 LEU A CG  1 
ATOM   817  C CD1 . LEU A 1 107 ? 3.621   -8.433  9.557   1.00 44.78 ? 107 LEU A CD1 1 
ATOM   818  C CD2 . LEU A 1 107 ? 2.955   -10.628 8.600   1.00 36.98 ? 107 LEU A CD2 1 
ATOM   819  N N   . LYS A 1 108 ? 6.475   -11.037 5.664   1.00 35.97 ? 108 LYS A N   1 
ATOM   820  C CA  . LYS A 1 108 ? 6.266   -11.151 4.228   1.00 34.93 ? 108 LYS A CA  1 
ATOM   821  C C   . LYS A 1 108 ? 5.987   -12.605 3.839   1.00 30.59 ? 108 LYS A C   1 
ATOM   822  O O   . LYS A 1 108 ? 5.297   -12.871 2.863   1.00 25.17 ? 108 LYS A O   1 
ATOM   823  C CB  . LYS A 1 108 ? 7.496   -10.637 3.479   1.00 34.09 ? 108 LYS A CB  1 
ATOM   824  C CG  . LYS A 1 108 ? 7.282   -10.522 1.995   1.00 32.73 ? 108 LYS A CG  1 
ATOM   825  C CD  . LYS A 1 108 ? 8.551   -10.166 1.258   1.00 38.27 ? 108 LYS A CD  1 
ATOM   826  C CE  . LYS A 1 108 ? 8.268   -10.037 -0.238  1.00 44.29 ? 108 LYS A CE  1 
ATOM   827  N NZ  . LYS A 1 108 ? 7.635   -11.276 -0.766  1.00 44.44 ? 108 LYS A NZ  1 
ATOM   828  N N   . GLU A 1 109 ? 6.537   -13.535 4.617   1.00 35.86 ? 109 GLU A N   1 
ATOM   829  C CA  . GLU A 1 109 ? 6.355   -14.975 4.396   1.00 38.26 ? 109 GLU A CA  1 
ATOM   830  C C   . GLU A 1 109 ? 4.882   -15.349 4.266   1.00 34.52 ? 109 GLU A C   1 
ATOM   831  O O   . GLU A 1 109 ? 4.514   -16.164 3.422   1.00 38.56 ? 109 GLU A O   1 
ATOM   832  C CB  . GLU A 1 109 ? 6.937   -15.778 5.566   1.00 43.66 ? 109 GLU A CB  1 
ATOM   833  C CG  . GLU A 1 109 ? 7.943   -16.854 5.190   1.00 47.33 ? 109 GLU A CG  1 
ATOM   834  C CD  . GLU A 1 109 ? 9.311   -16.274 4.898   1.00 55.99 ? 109 GLU A CD  1 
ATOM   835  O OE1 . GLU A 1 109 ? 10.202  -17.027 4.456   1.00 56.74 ? 109 GLU A OE1 1 
ATOM   836  O OE2 . GLU A 1 109 ? 9.498   -15.058 5.119   1.00 61.61 ? 109 GLU A OE2 1 
ATOM   837  N N   . LYS A 1 110 ? 4.042   -14.766 5.112   1.00 32.98 ? 110 LYS A N   1 
ATOM   838  C CA  . LYS A 1 110 ? 2.622   -15.082 5.063   1.00 39.73 ? 110 LYS A CA  1 
ATOM   839  C C   . LYS A 1 110 ? 1.713   -14.096 4.326   1.00 38.54 ? 110 LYS A C   1 
ATOM   840  O O   . LYS A 1 110 ? 0.489   -14.183 4.420   1.00 37.43 ? 110 LYS A O   1 
ATOM   841  C CB  . LYS A 1 110 ? 2.096   -15.338 6.477   1.00 39.26 ? 110 LYS A CB  1 
ATOM   842  C CG  . LYS A 1 110 ? 2.705   -14.498 7.582   1.00 38.45 ? 110 LYS A CG  1 
ATOM   843  C CD  . LYS A 1 110 ? 2.488   -15.214 8.907   1.00 38.33 ? 110 LYS A CD  1 
ATOM   844  C CE  . LYS A 1 110 ? 3.155   -16.592 8.871   1.00 39.49 ? 110 LYS A CE  1 
ATOM   845  N NZ  . LYS A 1 110 ? 2.675   -17.533 9.917   1.00 44.03 ? 110 LYS A NZ  1 
ATOM   846  N N   . ALA A 1 111 ? 2.307   -13.171 3.578   1.00 35.76 ? 111 ALA A N   1 
ATOM   847  C CA  . ALA A 1 111 ? 1.519   -12.215 2.814   1.00 31.58 ? 111 ALA A CA  1 
ATOM   848  C C   . ALA A 1 111 ? 1.609   -12.563 1.324   1.00 31.35 ? 111 ALA A C   1 
ATOM   849  O O   . ALA A 1 111 ? 0.701   -12.280 0.548   1.00 30.66 ? 111 ALA A O   1 
ATOM   850  C CB  . ALA A 1 111 ? 2.028   -10.816 3.063   1.00 27.61 ? 111 ALA A CB  1 
ATOM   851  N N   . VAL A 1 112 ? 2.710   -13.205 0.948   1.00 36.19 ? 112 VAL A N   1 
ATOM   852  C CA  . VAL A 1 112 ? 2.982   -13.602 -0.435  1.00 36.37 ? 112 VAL A CA  1 
ATOM   853  C C   . VAL A 1 112 ? 1.787   -14.145 -1.217  1.00 36.25 ? 112 VAL A C   1 
ATOM   854  O O   . VAL A 1 112 ? 1.755   -14.054 -2.444  1.00 34.31 ? 112 VAL A O   1 
ATOM   855  C CB  . VAL A 1 112 ? 4.121   -14.670 -0.484  1.00 41.16 ? 112 VAL A CB  1 
ATOM   856  C CG1 . VAL A 1 112 ? 3.594   -16.031 -0.016  1.00 30.65 ? 112 VAL A CG1 1 
ATOM   857  C CG2 . VAL A 1 112 ? 4.693   -14.767 -1.881  1.00 41.94 ? 112 VAL A CG2 1 
ATOM   858  N N   . ASP A 1 113 ? 0.804   -14.704 -0.517  1.00 38.07 ? 113 ASP A N   1 
ATOM   859  C CA  . ASP A 1 113 ? -0.362  -15.274 -1.186  1.00 39.56 ? 113 ASP A CA  1 
ATOM   860  C C   . ASP A 1 113 ? -1.601  -14.367 -1.202  1.00 37.30 ? 113 ASP A C   1 
ATOM   861  O O   . ASP A 1 113 ? -2.569  -14.644 -1.912  1.00 38.18 ? 113 ASP A O   1 
ATOM   862  C CB  . ASP A 1 113 ? -0.701  -16.646 -0.567  1.00 46.64 ? 113 ASP A CB  1 
ATOM   863  C CG  . ASP A 1 113 ? 0.455   -17.660 -0.702  1.00 55.64 ? 113 ASP A CG  1 
ATOM   864  O OD1 . ASP A 1 113 ? 0.867   -17.973 -1.846  1.00 48.26 ? 113 ASP A OD1 1 
ATOM   865  O OD2 . ASP A 1 113 ? 0.954   -18.149 0.339   1.00 56.20 ? 113 ASP A OD2 1 
ATOM   866  N N   . ILE A 1 114 ? -1.566  -13.279 -0.439  1.00 32.07 ? 114 ILE A N   1 
ATOM   867  C CA  . ILE A 1 114 ? -2.685  -12.339 -0.406  1.00 32.21 ? 114 ILE A CA  1 
ATOM   868  C C   . ILE A 1 114 ? -3.086  -11.860 -1.821  1.00 37.32 ? 114 ILE A C   1 
ATOM   869  O O   . ILE A 1 114 ? -4.275  -11.828 -2.161  1.00 34.81 ? 114 ILE A O   1 
ATOM   870  C CB  . ILE A 1 114 ? -2.345  -11.112 0.491   1.00 31.59 ? 114 ILE A CB  1 
ATOM   871  C CG1 . ILE A 1 114 ? -2.467  -11.503 1.968   1.00 29.72 ? 114 ILE A CG1 1 
ATOM   872  C CG2 . ILE A 1 114 ? -3.247  -9.938  0.159   1.00 25.11 ? 114 ILE A CG2 1 
ATOM   873  C CD1 . ILE A 1 114 ? -2.231  -10.355 2.940   1.00 30.99 ? 114 ILE A CD1 1 
ATOM   874  N N   . PRO A 1 115 ? -2.099  -11.478 -2.659  1.00 35.42 ? 115 PRO A N   1 
ATOM   875  C CA  . PRO A 1 115 ? -2.352  -11.008 -4.029  1.00 35.18 ? 115 PRO A CA  1 
ATOM   876  C C   . PRO A 1 115 ? -3.122  -12.000 -4.906  1.00 31.99 ? 115 PRO A C   1 
ATOM   877  O O   . PRO A 1 115 ? -4.158  -11.665 -5.478  1.00 32.91 ? 115 PRO A O   1 
ATOM   878  C CB  . PRO A 1 115 ? -0.948  -10.735 -4.560  1.00 38.67 ? 115 PRO A CB  1 
ATOM   879  C CG  . PRO A 1 115 ? -0.231  -10.262 -3.339  1.00 39.56 ? 115 PRO A CG  1 
ATOM   880  C CD  . PRO A 1 115 ? -0.680  -11.279 -2.306  1.00 36.17 ? 115 PRO A CD  1 
ATOM   881  N N   . GLY A 1 116 ? -2.616  -13.217 -5.031  1.00 30.23 ? 116 GLY A N   1 
ATOM   882  C CA  . GLY A 1 116 ? -3.320  -14.198 -5.838  1.00 31.57 ? 116 GLY A CA  1 
ATOM   883  C C   . GLY A 1 116 ? -4.742  -14.436 -5.343  1.00 33.87 ? 116 GLY A C   1 
ATOM   884  O O   . GLY A 1 116 ? -5.676  -14.578 -6.140  1.00 29.36 ? 116 GLY A O   1 
ATOM   885  N N   . THR A 1 117 ? -4.912  -14.482 -4.024  1.00 31.42 ? 117 THR A N   1 
ATOM   886  C CA  . THR A 1 117 ? -6.224  -14.706 -3.436  1.00 33.00 ? 117 THR A CA  1 
ATOM   887  C C   . THR A 1 117 ? -7.199  -13.631 -3.875  1.00 30.93 ? 117 THR A C   1 
ATOM   888  O O   . THR A 1 117 ? -8.184  -13.918 -4.548  1.00 33.93 ? 117 THR A O   1 
ATOM   889  C CB  . THR A 1 117 ? -6.160  -14.718 -1.889  1.00 32.60 ? 117 THR A CB  1 
ATOM   890  O OG1 . THR A 1 117 ? -5.338  -15.806 -1.454  1.00 37.05 ? 117 THR A OG1 1 
ATOM   891  C CG2 . THR A 1 117 ? -7.547  -14.890 -1.297  1.00 32.42 ? 117 THR A CG2 1 
ATOM   892  N N   . ILE A 1 118 ? -6.907  -12.387 -3.506  1.00 39.73 ? 118 ILE A N   1 
ATOM   893  C CA  . ILE A 1 118 ? -7.767  -11.257 -3.844  1.00 34.79 ? 118 ILE A CA  1 
ATOM   894  C C   . ILE A 1 118 ? -8.016  -11.078 -5.330  1.00 31.58 ? 118 ILE A C   1 
ATOM   895  O O   . ILE A 1 118 ? -9.127  -10.734 -5.731  1.00 33.80 ? 118 ILE A O   1 
ATOM   896  C CB  . ILE A 1 118 ? -7.204  -9.965  -3.270  1.00 38.70 ? 118 ILE A CB  1 
ATOM   897  C CG1 . ILE A 1 118 ? -7.144  -10.095 -1.750  1.00 40.35 ? 118 ILE A CG1 1 
ATOM   898  C CG2 . ILE A 1 118 ? -8.073  -8.783  -3.686  1.00 41.84 ? 118 ILE A CG2 1 
ATOM   899  C CD1 . ILE A 1 118 ? -6.802  -8.835  -1.039  1.00 45.85 ? 118 ILE A CD1 1 
ATOM   900  N N   . LEU A 1 119 ? -6.995  -11.313 -6.145  1.00 27.95 ? 119 LEU A N   1 
ATOM   901  C CA  . LEU A 1 119 ? -7.146  -11.182 -7.589  1.00 30.03 ? 119 LEU A CA  1 
ATOM   902  C C   . LEU A 1 119 ? -8.130  -12.233 -8.104  1.00 32.79 ? 119 LEU A C   1 
ATOM   903  O O   . LEU A 1 119 ? -8.725  -12.078 -9.170  1.00 32.37 ? 119 LEU A O   1 
ATOM   904  C CB  . LEU A 1 119 ? -5.781  -11.326 -8.285  1.00 37.36 ? 119 LEU A CB  1 
ATOM   905  C CG  . LEU A 1 119 ? -4.833  -10.115 -8.217  1.00 38.21 ? 119 LEU A CG  1 
ATOM   906  C CD1 . LEU A 1 119 ? -3.489  -10.443 -8.858  1.00 38.60 ? 119 LEU A CD1 1 
ATOM   907  C CD2 . LEU A 1 119 ? -5.473  -8.931  -8.926  1.00 37.99 ? 119 LEU A CD2 1 
ATOM   908  N N   . GLY A 1 120 ? -8.299  -13.300 -7.328  1.00 35.24 ? 120 GLY A N   1 
ATOM   909  C CA  . GLY A 1 120 ? -9.221  -14.356 -7.700  1.00 26.55 ? 120 GLY A CA  1 
ATOM   910  C C   . GLY A 1 120 ? -10.593 -14.054 -7.134  1.00 33.33 ? 120 GLY A C   1 
ATOM   911  O O   . GLY A 1 120 ? -11.602 -14.566 -7.615  1.00 35.36 ? 120 GLY A O   1 
ATOM   912  N N   . LEU A 1 121 ? -10.629 -13.208 -6.107  1.00 36.47 ? 121 LEU A N   1 
ATOM   913  C CA  . LEU A 1 121 ? -11.881 -12.822 -5.464  1.00 39.09 ? 121 LEU A CA  1 
ATOM   914  C C   . LEU A 1 121 ? -12.568 -11.695 -6.231  1.00 43.81 ? 121 LEU A C   1 
ATOM   915  O O   . LEU A 1 121 ? -13.732 -11.380 -5.977  1.00 43.56 ? 121 LEU A O   1 
ATOM   916  C CB  . LEU A 1 121 ? -11.616 -12.381 -4.020  1.00 42.73 ? 121 LEU A CB  1 
ATOM   917  C CG  . LEU A 1 121 ? -10.936 -13.417 -3.119  1.00 44.61 ? 121 LEU A CG  1 
ATOM   918  C CD1 . LEU A 1 121 ? -10.647 -12.801 -1.762  1.00 49.25 ? 121 LEU A CD1 1 
ATOM   919  C CD2 . LEU A 1 121 ? -11.818 -14.647 -2.978  1.00 46.48 ? 121 LEU A CD2 1 
ATOM   920  N N   . SER A 1 122 ? -11.838 -11.089 -7.167  1.00 47.37 ? 122 SER A N   1 
ATOM   921  C CA  . SER A 1 122 ? -12.378 -10.009 -7.986  1.00 43.15 ? 122 SER A CA  1 
ATOM   922  C C   . SER A 1 122 ? -13.100 -10.608 -9.196  1.00 42.46 ? 122 SER A C   1 
ATOM   923  O O   . SER A 1 122 ? -13.698 -9.885  -9.995  1.00 40.95 ? 122 SER A O   1 
ATOM   924  C CB  . SER A 1 122 ? -11.254 -9.089  -8.477  1.00 46.33 ? 122 SER A CB  1 
ATOM   925  O OG  . SER A 1 122 ? -10.582 -9.640  -9.600  1.00 48.39 ? 122 SER A OG  1 
ATOM   926  N N   . LYS A 1 123 ? -13.027 -11.929 -9.330  1.00 39.58 ? 123 LYS A N   1 
ATOM   927  C CA  . LYS A 1 123 ? -13.677 -12.630 -10.428 1.00 39.10 ? 123 LYS A CA  1 
ATOM   928  C C   . LYS A 1 123 ? -13.155 -12.220 -11.789 1.00 42.30 ? 123 LYS A C   1 
ATOM   929  O O   . LYS A 1 123 ? -13.628 -12.707 -12.817 1.00 49.81 ? 123 LYS A O   1 
ATOM   930  C CB  . LYS A 1 123 ? -15.195 -12.422 -10.367 1.00 37.56 ? 123 LYS A CB  1 
ATOM   931  C CG  . LYS A 1 123 ? -15.841 -13.155 -9.211  1.00 38.53 ? 123 LYS A CG  1 
ATOM   932  C CD  . LYS A 1 123 ? -15.463 -14.621 -9.271  1.00 45.57 ? 123 LYS A CD  1 
ATOM   933  C CE  . LYS A 1 123 ? -15.758 -15.343 -7.980  1.00 46.69 ? 123 LYS A CE  1 
ATOM   934  N NZ  . LYS A 1 123 ? -15.121 -16.688 -8.003  1.00 43.80 ? 123 LYS A NZ  1 
ATOM   935  N N   . GLN A 1 124 ? -12.182 -11.320 -11.798 1.00 43.78 ? 124 GLN A N   1 
ATOM   936  C CA  . GLN A 1 124 ? -11.581 -10.875 -13.048 1.00 47.18 ? 124 GLN A CA  1 
ATOM   937  C C   . GLN A 1 124 ? -10.401 -11.805 -13.292 1.00 50.80 ? 124 GLN A C   1 
ATOM   938  O O   . GLN A 1 124 ? -9.605  -12.062 -12.381 1.00 50.88 ? 124 GLN A O   1 
ATOM   939  C CB  . GLN A 1 124 ? -11.099 -9.423  -12.932 1.00 47.24 ? 124 GLN A CB  1 
ATOM   940  C CG  . GLN A 1 124 ? -11.763 -8.487  -13.931 1.00 43.25 ? 124 GLN A CG  1 
ATOM   941  C CD  . GLN A 1 124 ? -13.251 -8.310  -13.672 1.00 42.81 ? 124 GLN A CD  1 
ATOM   942  O OE1 . GLN A 1 124 ? -14.012 -7.944  -14.570 1.00 45.13 ? 124 GLN A OE1 1 
ATOM   943  N NE2 . GLN A 1 124 ? -13.668 -8.558  -12.438 1.00 46.14 ? 124 GLN A NE2 1 
ATOM   944  N N   . SER A 1 125 ? -10.282 -12.321 -14.509 1.00 49.03 ? 125 SER A N   1 
ATOM   945  C CA  . SER A 1 125 ? -9.187  -13.236 -14.775 1.00 54.27 ? 125 SER A CA  1 
ATOM   946  C C   . SER A 1 125 ? -8.602  -13.072 -16.166 1.00 55.16 ? 125 SER A C   1 
ATOM   947  O O   . SER A 1 125 ? -9.117  -12.318 -16.997 1.00 54.36 ? 125 SER A O   1 
ATOM   948  C CB  . SER A 1 125 ? -9.665  -14.686 -14.570 1.00 60.55 ? 125 SER A CB  1 
ATOM   949  O OG  . SER A 1 125 ? -8.658  -15.516 -14.007 1.00 54.35 ? 125 SER A OG  1 
ATOM   950  N N   . GLY A 1 126 ? -7.504  -13.784 -16.392 1.00 56.41 ? 126 GLY A N   1 
ATOM   951  C CA  . GLY A 1 126 ? -6.837  -13.759 -17.676 1.00 53.91 ? 126 GLY A CA  1 
ATOM   952  C C   . GLY A 1 126 ? -5.971  -12.543 -17.904 1.00 51.77 ? 126 GLY A C   1 
ATOM   953  O O   . GLY A 1 126 ? -5.365  -11.996 -16.984 1.00 49.94 ? 126 GLY A O   1 
ATOM   954  N N   . GLU A 1 127 ? -5.919  -12.129 -19.161 1.00 49.01 ? 127 GLU A N   1 
ATOM   955  C CA  . GLU A 1 127 ? -5.131  -10.987 -19.546 1.00 50.25 ? 127 GLU A CA  1 
ATOM   956  C C   . GLU A 1 127 ? -5.947  -9.729  -19.364 1.00 49.16 ? 127 GLU A C   1 
ATOM   957  O O   . GLU A 1 127 ? -5.431  -8.620  -19.501 1.00 52.81 ? 127 GLU A O   1 
ATOM   958  C CB  . GLU A 1 127 ? -4.683  -11.124 -21.003 1.00 58.54 ? 127 GLU A CB  1 
ATOM   959  C CG  . GLU A 1 127 ? -3.934  -12.414 -21.303 1.00 60.62 ? 127 GLU A CG  1 
ATOM   960  C CD  . GLU A 1 127 ? -2.995  -12.822 -20.177 1.00 67.68 ? 127 GLU A CD  1 
ATOM   961  O OE1 . GLU A 1 127 ? -3.478  -13.334 -19.142 1.00 65.14 ? 127 GLU A OE1 1 
ATOM   962  O OE2 . GLU A 1 127 ? -1.770  -12.621 -20.324 1.00 73.18 ? 127 GLU A OE2 1 
ATOM   963  N N   . ASP A 1 128 ? -7.225  -9.894  -19.054 1.00 43.16 ? 128 ASP A N   1 
ATOM   964  C CA  . ASP A 1 128 ? -8.076  -8.735  -18.855 1.00 40.13 ? 128 ASP A CA  1 
ATOM   965  C C   . ASP A 1 128 ? -7.527  -7.930  -17.687 1.00 34.46 ? 128 ASP A C   1 
ATOM   966  O O   . ASP A 1 128 ? -7.519  -6.705  -17.712 1.00 34.05 ? 128 ASP A O   1 
ATOM   967  C CB  . ASP A 1 128 ? -9.509  -9.181  -18.586 1.00 45.28 ? 128 ASP A CB  1 
ATOM   968  C CG  . ASP A 1 128 ? -10.115 -9.909  -19.772 1.00 57.76 ? 128 ASP A CG  1 
ATOM   969  O OD1 . ASP A 1 128 ? -10.207 -9.286  -20.854 1.00 55.37 ? 128 ASP A OD1 1 
ATOM   970  O OD2 . ASP A 1 128 ? -10.490 -11.098 -19.625 1.00 60.42 ? 128 ASP A OD2 1 
ATOM   971  N N   . LEU A 1 129 ? -7.035  -8.629  -16.676 1.00 31.21 ? 129 LEU A N   1 
ATOM   972  C CA  . LEU A 1 129 ? -6.482  -7.967  -15.510 1.00 30.47 ? 129 LEU A CA  1 
ATOM   973  C C   . LEU A 1 129 ? -5.107  -7.410  -15.856 1.00 32.83 ? 129 LEU A C   1 
ATOM   974  O O   . LEU A 1 129 ? -4.731  -6.314  -15.405 1.00 30.12 ? 129 LEU A O   1 
ATOM   975  C CB  . LEU A 1 129 ? -6.371  -8.953  -14.356 1.00 28.21 ? 129 LEU A CB  1 
ATOM   976  C CG  . LEU A 1 129 ? -6.622  -8.304  -13.002 1.00 34.18 ? 129 LEU A CG  1 
ATOM   977  C CD1 . LEU A 1 129 ? -7.530  -9.198  -12.172 1.00 37.38 ? 129 LEU A CD1 1 
ATOM   978  C CD2 . LEU A 1 129 ? -5.301  -8.049  -12.312 1.00 30.12 ? 129 LEU A CD2 1 
ATOM   979  N N   . LYS A 1 130 ? -4.360  -8.159  -16.664 1.00 24.58 ? 130 LYS A N   1 
ATOM   980  C CA  . LYS A 1 130 ? -3.034  -7.716  -17.063 1.00 27.51 ? 130 LYS A CA  1 
ATOM   981  C C   . LYS A 1 130 ? -3.116  -6.445  -17.894 1.00 24.28 ? 130 LYS A C   1 
ATOM   982  O O   . LYS A 1 130 ? -2.280  -5.566  -17.766 1.00 24.45 ? 130 LYS A O   1 
ATOM   983  C CB  . LYS A 1 130 ? -2.300  -8.822  -17.829 1.00 32.80 ? 130 LYS A CB  1 
ATOM   984  C CG  . LYS A 1 130 ? -1.750  -9.927  -16.911 1.00 44.32 ? 130 LYS A CG  1 
ATOM   985  C CD  . LYS A 1 130 ? -1.468  -11.237 -17.669 1.00 47.32 ? 130 LYS A CD  1 
ATOM   986  C CE  . LYS A 1 130 ? -1.230  -12.415 -16.712 1.00 46.96 ? 130 LYS A CE  1 
ATOM   987  N NZ  . LYS A 1 130 ? -1.335  -13.748 -17.401 1.00 27.56 ? 130 LYS A NZ  1 
ATOM   988  N N   . GLN A 1 131 ? -4.118  -6.332  -18.752 1.00 30.56 ? 131 GLN A N   1 
ATOM   989  C CA  . GLN A 1 131 ? -4.228  -5.114  -19.533 1.00 32.73 ? 131 GLN A CA  1 
ATOM   990  C C   . GLN A 1 131 ? -4.827  -3.974  -18.714 1.00 26.87 ? 131 GLN A C   1 
ATOM   991  O O   . GLN A 1 131 ? -4.422  -2.822  -18.864 1.00 23.57 ? 131 GLN A O   1 
ATOM   992  C CB  . GLN A 1 131 ? -5.035  -5.351  -20.811 1.00 32.44 ? 131 GLN A CB  1 
ATOM   993  C CG  . GLN A 1 131 ? -6.407  -5.980  -20.657 1.00 51.05 ? 131 GLN A CG  1 
ATOM   994  C CD  . GLN A 1 131 ? -7.116  -6.073  -22.007 1.00 66.95 ? 131 GLN A CD  1 
ATOM   995  O OE1 . GLN A 1 131 ? -6.474  -6.092  -23.050 1.00 68.87 ? 131 GLN A OE1 1 
ATOM   996  N NE2 . GLN A 1 131 ? -8.432  -6.141  -21.988 1.00 68.71 ? 131 GLN A NE2 1 
ATOM   997  N N   . LEU A 1 132 ? -5.793  -4.289  -17.854 1.00 25.73 ? 132 LEU A N   1 
ATOM   998  C CA  . LEU A 1 132 ? -6.392  -3.261  -17.015 1.00 20.84 ? 132 LEU A CA  1 
ATOM   999  C C   . LEU A 1 132 ? -5.264  -2.583  -16.282 1.00 13.52 ? 132 LEU A C   1 
ATOM   1000 O O   . LEU A 1 132 ? -5.115  -1.371  -16.341 1.00 20.44 ? 132 LEU A O   1 
ATOM   1001 C CB  . LEU A 1 132 ? -7.356  -3.874  -16.004 1.00 19.06 ? 132 LEU A CB  1 
ATOM   1002 C CG  . LEU A 1 132 ? -8.106  -2.902  -15.079 1.00 19.60 ? 132 LEU A CG  1 
ATOM   1003 C CD1 . LEU A 1 132 ? -8.745  -1.766  -15.882 1.00 13.04 ? 132 LEU A CD1 1 
ATOM   1004 C CD2 . LEU A 1 132 ? -9.185  -3.676  -14.317 1.00 18.43 ? 132 LEU A CD2 1 
ATOM   1005 N N   . LYS A 1 133 ? -4.473  -3.386  -15.583 1.00 14.85 ? 133 LYS A N   1 
ATOM   1006 C CA  . LYS A 1 133 ? -3.328  -2.889  -14.826 1.00 19.58 ? 133 LYS A CA  1 
ATOM   1007 C C   . LYS A 1 133 ? -2.361  -2.099  -15.711 1.00 19.24 ? 133 LYS A C   1 
ATOM   1008 O O   . LYS A 1 133 ? -1.965  -0.985  -15.380 1.00 24.29 ? 133 LYS A O   1 
ATOM   1009 C CB  . LYS A 1 133 ? -2.557  -4.053  -14.203 1.00 19.83 ? 133 LYS A CB  1 
ATOM   1010 C CG  . LYS A 1 133 ? -3.187  -4.692  -12.985 1.00 20.44 ? 133 LYS A CG  1 
ATOM   1011 C CD  . LYS A 1 133 ? -2.292  -5.850  -12.525 1.00 24.39 ? 133 LYS A CD  1 
ATOM   1012 C CE  . LYS A 1 133 ? -2.607  -6.336  -11.125 1.00 21.19 ? 133 LYS A CE  1 
ATOM   1013 N NZ  . LYS A 1 133 ? -1.710  -7.473  -10.752 1.00 27.52 ? 133 LYS A NZ  1 
ATOM   1014 N N   . SER A 1 134 ? -1.978  -2.693  -16.833 1.00 18.28 ? 134 SER A N   1 
ATOM   1015 C CA  . SER A 1 134 ? -1.048  -2.064  -17.760 1.00 21.86 ? 134 SER A CA  1 
ATOM   1016 C C   . SER A 1 134 ? -1.513  -0.662  -18.126 1.00 21.38 ? 134 SER A C   1 
ATOM   1017 O O   . SER A 1 134 ? -0.737  0.295   -18.038 1.00 20.70 ? 134 SER A O   1 
ATOM   1018 C CB  . SER A 1 134 ? -0.903  -2.920  -19.020 1.00 19.20 ? 134 SER A CB  1 
ATOM   1019 O OG  . SER A 1 134 ? -0.023  -2.316  -19.942 1.00 33.92 ? 134 SER A OG  1 
ATOM   1020 N N   . ALA A 1 135 ? -2.775  -0.542  -18.528 1.00 13.87 ? 135 ALA A N   1 
ATOM   1021 C CA  . ALA A 1 135 ? -3.339  0.757   -18.888 1.00 16.32 ? 135 ALA A CA  1 
ATOM   1022 C C   . ALA A 1 135 ? -3.380  1.711   -17.683 1.00 19.01 ? 135 ALA A C   1 
ATOM   1023 O O   . ALA A 1 135 ? -3.082  2.905   -17.819 1.00 24.04 ? 135 ALA A O   1 
ATOM   1024 C CB  . ALA A 1 135 ? -4.739  0.584   -19.467 1.00 1.74  ? 135 ALA A CB  1 
ATOM   1025 N N   . LEU A 1 136 ? -3.727  1.200   -16.502 1.00 12.82 ? 136 LEU A N   1 
ATOM   1026 C CA  . LEU A 1 136 ? -3.792  2.074   -15.319 1.00 19.34 ? 136 LEU A CA  1 
ATOM   1027 C C   . LEU A 1 136 ? -2.443  2.665   -14.948 1.00 16.85 ? 136 LEU A C   1 
ATOM   1028 O O   . LEU A 1 136 ? -2.367  3.817   -14.520 1.00 16.54 ? 136 LEU A O   1 
ATOM   1029 C CB  . LEU A 1 136 ? -4.355  1.334   -14.108 1.00 11.60 ? 136 LEU A CB  1 
ATOM   1030 C CG  . LEU A 1 136 ? -5.842  0.987   -14.106 1.00 17.53 ? 136 LEU A CG  1 
ATOM   1031 C CD1 . LEU A 1 136 ? -6.133  0.104   -12.911 1.00 11.20 ? 136 LEU A CD1 1 
ATOM   1032 C CD2 . LEU A 1 136 ? -6.675  2.258   -14.068 1.00 19.19 ? 136 LEU A CD2 1 
ATOM   1033 N N   . TYR A 1 137 ? -1.386  1.875   -15.110 1.00 14.37 ? 137 TYR A N   1 
ATOM   1034 C CA  . TYR A 1 137 ? -0.032  2.328   -14.799 1.00 22.64 ? 137 TYR A CA  1 
ATOM   1035 C C   . TYR A 1 137 ? 0.414   3.405   -15.777 1.00 25.87 ? 137 TYR A C   1 
ATOM   1036 O O   . TYR A 1 137 ? 1.078   4.371   -15.395 1.00 29.37 ? 137 TYR A O   1 
ATOM   1037 C CB  . TYR A 1 137 ? 0.964   1.170   -14.880 1.00 24.91 ? 137 TYR A CB  1 
ATOM   1038 C CG  . TYR A 1 137 ? 2.354   1.554   -14.425 1.00 27.13 ? 137 TYR A CG  1 
ATOM   1039 C CD1 . TYR A 1 137 ? 2.561   2.057   -13.145 1.00 33.34 ? 137 TYR A CD1 1 
ATOM   1040 C CD2 . TYR A 1 137 ? 3.460   1.410   -15.260 1.00 26.08 ? 137 TYR A CD2 1 
ATOM   1041 C CE1 . TYR A 1 137 ? 3.827   2.410   -12.703 1.00 36.43 ? 137 TYR A CE1 1 
ATOM   1042 C CE2 . TYR A 1 137 ? 4.745   1.760   -14.819 1.00 32.95 ? 137 TYR A CE2 1 
ATOM   1043 C CZ  . TYR A 1 137 ? 4.913   2.263   -13.536 1.00 32.06 ? 137 TYR A CZ  1 
ATOM   1044 O OH  . TYR A 1 137 ? 6.152   2.631   -13.061 1.00 36.07 ? 137 TYR A OH  1 
ATOM   1045 N N   . THR A 1 138 ? 0.057   3.218   -17.043 1.00 24.28 ? 138 THR A N   1 
ATOM   1046 C CA  . THR A 1 138 ? 0.405   4.156   -18.093 1.00 18.46 ? 138 THR A CA  1 
ATOM   1047 C C   . THR A 1 138 ? -0.301  5.457   -17.829 1.00 21.76 ? 138 THR A C   1 
ATOM   1048 O O   . THR A 1 138 ? 0.293   6.529   -17.927 1.00 28.79 ? 138 THR A O   1 
ATOM   1049 C CB  . THR A 1 138 ? -0.025  3.618   -19.454 1.00 22.49 ? 138 THR A CB  1 
ATOM   1050 O OG1 . THR A 1 138 ? 0.842   2.540   -19.827 1.00 25.78 ? 138 THR A OG1 1 
ATOM   1051 C CG2 . THR A 1 138 ? 0.028   4.714   -20.506 1.00 20.39 ? 138 THR A CG2 1 
ATOM   1052 N N   . LEU A 1 139 ? -1.577  5.355   -17.484 1.00 25.18 ? 139 LEU A N   1 
ATOM   1053 C CA  . LEU A 1 139 ? -2.384  6.534   -17.186 1.00 27.27 ? 139 LEU A CA  1 
ATOM   1054 C C   . LEU A 1 139 ? -1.735  7.234   -16.003 1.00 25.80 ? 139 LEU A C   1 
ATOM   1055 O O   . LEU A 1 139 ? -1.426  8.423   -16.055 1.00 27.68 ? 139 LEU A O   1 
ATOM   1056 C CB  . LEU A 1 139 ? -3.804  6.115   -16.807 1.00 22.78 ? 139 LEU A CB  1 
ATOM   1057 C CG  . LEU A 1 139 ? -4.963  7.098   -16.979 1.00 24.50 ? 139 LEU A CG  1 
ATOM   1058 C CD1 . LEU A 1 139 ? -5.858  6.983   -15.750 1.00 18.45 ? 139 LEU A CD1 1 
ATOM   1059 C CD2 . LEU A 1 139 ? -4.464  8.530   -17.157 1.00 23.08 ? 139 LEU A CD2 1 
ATOM   1060 N N   . LEU A 1 140 ? -1.510  6.475   -14.939 1.00 25.24 ? 140 LEU A N   1 
ATOM   1061 C CA  . LEU A 1 140 ? -0.903  7.018   -13.735 1.00 27.57 ? 140 LEU A CA  1 
ATOM   1062 C C   . LEU A 1 140 ? 0.436   7.689   -14.048 1.00 29.03 ? 140 LEU A C   1 
ATOM   1063 O O   . LEU A 1 140 ? 0.770   8.716   -13.460 1.00 28.48 ? 140 LEU A O   1 
ATOM   1064 C CB  . LEU A 1 140 ? -0.715  5.905   -12.704 1.00 29.37 ? 140 LEU A CB  1 
ATOM   1065 C CG  . LEU A 1 140 ? -0.107  6.290   -11.356 1.00 36.05 ? 140 LEU A CG  1 
ATOM   1066 C CD1 . LEU A 1 140 ? -1.075  7.192   -10.585 1.00 32.55 ? 140 LEU A CD1 1 
ATOM   1067 C CD2 . LEU A 1 140 ? 0.203   5.024   -10.567 1.00 30.74 ? 140 LEU A CD2 1 
ATOM   1068 N N   . GLU A 1 141 ? 1.193   7.114   -14.979 1.00 25.39 ? 141 GLU A N   1 
ATOM   1069 C CA  . GLU A 1 141 ? 2.486   7.674   -15.356 1.00 26.71 ? 141 GLU A CA  1 
ATOM   1070 C C   . GLU A 1 141 ? 2.304   8.955   -16.142 1.00 22.00 ? 141 GLU A C   1 
ATOM   1071 O O   . GLU A 1 141 ? 3.096   9.882   -16.012 1.00 17.90 ? 141 GLU A O   1 
ATOM   1072 C CB  . GLU A 1 141 ? 3.286   6.672   -16.193 1.00 32.02 ? 141 GLU A CB  1 
ATOM   1073 C CG  . GLU A 1 141 ? 3.786   5.494   -15.397 1.00 37.50 ? 141 GLU A CG  1 
ATOM   1074 C CD  . GLU A 1 141 ? 4.756   5.903   -14.315 1.00 41.84 ? 141 GLU A CD  1 
ATOM   1075 O OE1 . GLU A 1 141 ? 4.994   5.082   -13.406 1.00 52.79 ? 141 GLU A OE1 1 
ATOM   1076 O OE2 . GLU A 1 141 ? 5.284   7.037   -14.372 1.00 37.88 ? 141 GLU A OE2 1 
ATOM   1077 N N   . THR A 1 142 ? 1.258   8.993   -16.964 1.00 21.82 ? 142 THR A N   1 
ATOM   1078 C CA  . THR A 1 142 ? 0.959   10.161  -17.781 1.00 22.48 ? 142 THR A CA  1 
ATOM   1079 C C   . THR A 1 142 ? 0.660   11.367  -16.899 1.00 29.61 ? 142 THR A C   1 
ATOM   1080 O O   . THR A 1 142 ? 1.240   12.438  -17.076 1.00 28.34 ? 142 THR A O   1 
ATOM   1081 C CB  . THR A 1 142 ? -0.283  9.943   -18.661 1.00 19.91 ? 142 THR A CB  1 
ATOM   1082 O OG1 . THR A 1 142 ? -0.116  8.770   -19.468 1.00 32.03 ? 142 THR A OG1 1 
ATOM   1083 C CG2 . THR A 1 142 ? -0.506  11.153  -19.551 1.00 8.49  ? 142 THR A CG2 1 
ATOM   1084 N N   . LEU A 1 143 ? -0.262  11.179  -15.956 1.00 33.60 ? 143 LEU A N   1 
ATOM   1085 C CA  . LEU A 1 143 ? -0.676  12.240  -15.044 1.00 36.32 ? 143 LEU A CA  1 
ATOM   1086 C C   . LEU A 1 143 ? 0.422   12.574  -14.054 1.00 37.12 ? 143 LEU A C   1 
ATOM   1087 O O   . LEU A 1 143 ? 0.173   13.079  -12.970 1.00 35.86 ? 143 LEU A O   1 
ATOM   1088 C CB  . LEU A 1 143 ? -1.948  11.828  -14.303 1.00 35.31 ? 143 LEU A CB  1 
ATOM   1089 C CG  . LEU A 1 143 ? -3.166  11.516  -15.179 1.00 33.83 ? 143 LEU A CG  1 
ATOM   1090 C CD1 . LEU A 1 143 ? -4.321  11.099  -14.272 1.00 25.88 ? 143 LEU A CD1 1 
ATOM   1091 C CD2 . LEU A 1 143 ? -3.537  12.730  -16.037 1.00 21.67 ? 143 LEU A CD2 1 
ATOM   1092 N N   . HIS A 1 144 ? 1.647   12.278  -14.447 1.00 46.30 ? 144 HIS A N   1 
ATOM   1093 C CA  . HIS A 1 144 ? 2.801   12.576  -13.627 1.00 56.13 ? 144 HIS A CA  1 
ATOM   1094 C C   . HIS A 1 144 ? 3.921   13.064  -14.550 1.00 59.40 ? 144 HIS A C   1 
ATOM   1095 O O   . HIS A 1 144 ? 4.935   12.350  -14.703 1.00 61.63 ? 144 HIS A O   1 
ATOM   1096 C CB  . HIS A 1 144 ? 3.230   11.334  -12.837 1.00 58.79 ? 144 HIS A CB  1 
ATOM   1097 C CG  . HIS A 1 144 ? 2.903   11.410  -11.380 1.00 61.02 ? 144 HIS A CG  1 
ATOM   1098 N ND1 . HIS A 1 144 ? 3.442   10.547  -10.447 1.00 65.83 ? 144 HIS A ND1 1 
ATOM   1099 C CD2 . HIS A 1 144 ? 2.119   12.269  -10.684 1.00 64.44 ? 144 HIS A CD2 1 
ATOM   1100 C CE1 . HIS A 1 144 ? 3.007   10.875  -9.243  1.00 66.57 ? 144 HIS A CE1 1 
ATOM   1101 N NE2 . HIS A 1 144 ? 2.202   11.918  -9.359  1.00 66.17 ? 144 HIS A NE2 1 
HETATM 1102 O O   . HOH B 2 .   ? -24.445 11.278  -21.707 1.00 42.96 ? 148 HOH A O   1 
HETATM 1103 O O   . HOH B 2 .   ? 0.439   2.811   -23.460 1.00 21.32 ? 149 HOH A O   1 
HETATM 1104 O O   . HOH B 2 .   ? 13.256  12.167  1.170   1.00 26.72 ? 150 HOH A O   1 
HETATM 1105 O O   . HOH B 2 .   ? 15.919  2.001   -0.182  1.00 24.54 ? 151 HOH A O   1 
HETATM 1106 O O   . HOH B 2 .   ? 0.429   11.555  -2.619  1.00 44.94 ? 152 HOH A O   1 
HETATM 1107 O O   . HOH B 2 .   ? 0.845   14.688  -9.646  1.00 40.24 ? 153 HOH A O   1 
HETATM 1108 O O   . HOH B 2 .   ? 14.064  6.560   16.255  1.00 56.28 ? 154 HOH A O   1 
HETATM 1109 O O   . HOH B 2 .   ? -0.090  -14.727 -4.977  1.00 32.62 ? 155 HOH A O   1 
HETATM 1110 O O   . HOH B 2 .   ? -9.610  -3.358  3.252   1.00 48.25 ? 156 HOH A O   1 
HETATM 1111 O O   . HOH B 2 .   ? 14.498  17.875  4.044   1.00 29.52 ? 157 HOH A O   1 
HETATM 1112 O O   . HOH B 2 .   ? -0.362  0.505   -21.844 1.00 18.97 ? 158 HOH A O   1 
HETATM 1113 O O   . HOH B 2 .   ? -3.477  -2.520  -21.927 1.00 43.40 ? 159 HOH A O   1 
HETATM 1114 O O   . HOH B 2 .   ? -13.285 11.783  -15.881 1.00 16.88 ? 160 HOH A O   1 
HETATM 1115 O O   . HOH B 2 .   ? -20.612 12.358  -20.270 1.00 28.46 ? 161 HOH A O   1 
HETATM 1116 O O   . HOH B 2 .   ? -26.791 11.490  -20.753 1.00 23.71 ? 162 HOH A O   1 
HETATM 1117 O O   . HOH B 2 .   ? -2.880  0.805   -22.317 1.00 45.11 ? 163 HOH A O   1 
HETATM 1118 O O   . HOH B 2 .   ? 2.752   12.004  1.614   1.00 80.22 ? 164 HOH A O   1 
HETATM 1119 O O   . HOH B 2 .   ? -2.559  6.623   -2.942  1.00 52.60 ? 165 HOH A O   1 
HETATM 1120 O O   . HOH B 2 .   ? -4.583  4.145   -0.037  1.00 38.53 ? 166 HOH A O   1 
HETATM 1121 O O   . HOH B 2 .   ? -1.366  6.760   10.215  1.00 64.05 ? 167 HOH A O   1 
HETATM 1122 O O   . HOH B 2 .   ? 7.618   -2.287  20.402  1.00 28.62 ? 168 HOH A O   1 
HETATM 1123 O O   . HOH B 2 .   ? 11.114  -5.160  15.540  1.00 64.80 ? 169 HOH A O   1 
HETATM 1124 O O   . HOH B 2 .   ? -14.364 11.147  -18.226 1.00 37.04 ? 170 HOH A O   1 
HETATM 1125 O O   . HOH B 2 .   ? 14.432  -6.209  2.262   1.00 59.57 ? 171 HOH A O   1 
HETATM 1126 O O   . HOH B 2 .   ? 5.115   13.552  1.150   1.00 21.73 ? 172 HOH A O   1 
HETATM 1127 O O   . HOH B 2 .   ? 3.471   11.885  9.357   1.00 40.67 ? 173 HOH A O   1 
HETATM 1128 O O   . HOH B 2 .   ? 6.033   5.487   14.122  1.00 24.43 ? 174 HOH A O   1 
HETATM 1129 O O   . HOH B 2 .   ? 7.770   9.592   16.710  1.00 18.89 ? 175 HOH A O   1 
HETATM 1130 O O   . HOH B 2 .   ? -14.597 -18.049 -10.017 1.00 55.88 ? 176 HOH A O   1 
HETATM 1131 O O   . HOH B 2 .   ? -1.362  -4.960  -21.134 1.00 68.24 ? 177 HOH A O   1 
HETATM 1132 O O   . HOH B 2 .   ? -8.359  -2.157  -20.384 0.5  23.51 ? 178 HOH A O   1 
HETATM 1133 O O   . HOH B 2 .   ? -3.192  -11.286 14.508  1.00 23.25 ? 179 HOH A O   1 
HETATM 1134 O O   . HOH B 2 .   ? -4.271  2.504   8.551   1.00 42.38 ? 180 HOH A O   1 
HETATM 1135 O O   . HOH B 2 .   ? 17.907  12.088  4.843   1.00 22.06 ? 181 HOH A O   1 
HETATM 1136 O O   . HOH B 2 .   ? -0.415  -15.249 1.853   1.00 40.15 ? 182 HOH A O   1 
HETATM 1137 O O   . HOH B 2 .   ? 14.347  -3.899  -5.029  1.00 33.24 ? 183 HOH A O   1 
# 
